data_4W2R
#
_entry.id   4W2R
#
_cell.length_a   70.720
_cell.length_b   115.484
_cell.length_c   151.538
_cell.angle_alpha   90.000
_cell.angle_beta   102.400
_cell.angle_gamma   90.000
#
_symmetry.space_group_name_H-M   'P 1 21 1'
#
loop_
_entity.id
_entity.type
_entity.pdbx_description
1 polymer 'Enhancer of zeste 2 polycomb repressive complex 2 subunit'
2 polymer 'Polycomb protein EED'
3 polymer 'Polycomb protein SUZ12'
4 non-polymer 'ZINC ION'
5 non-polymer 5,8-dichloro-2-[(4-methoxy-6-methyl-2-oxo-1,2-dihydropyridin-3-yl)methyl]-7-[(R)-methoxy(oxetan-3-yl)methyl]-3,4-dihydroisoquinolin-1(2H)-one
#
loop_
_entity_poly.entity_id
_entity_poly.type
_entity_poly.pdbx_seq_one_letter_code
_entity_poly.pdbx_strand_id
1 'polypeptide(L)'
;MGQTGKKSEKGPICWRKRVKSEYMRLRQLKRFRRADEVKSMFNSNRQKIQERTEILNQEWKQRRIQPVHIMTSVSSLRGT
RECSVTSDLDFPKQVIPLKTLNAVASVPIMYSWSPLQQNFMVEDETVLHNIPYMGDEVLDQDGTFIEELIKNYDGKVHGD
RECGFINDEIFVELVNALGQLDRRDEKQKNQESNQIDKESHPPRKFPSDKIFEAISSMFPDKGTAEELKEKYKELTEQQL
PGALPPECTPNIDGPNAKSVQREQSLHSFHTLFCRRCFKYDCFLHPFHATPNTYKRKNTEMAIDNKPCGPHCYQHLEGAK
EFAAALTAENVEWSGAEASMFRVLIGTYYDNFCAIARLIGTKTCRQVYEFRVKESSIIAPAPAEDVDTLGGGGSGGGGSG
GGGSAAADGSSNHVYNYQPCDHPRQPCDNSCPCVIAQNFCEKFCQCSSECQNRFPGCRCKAQCNTKQCPCYLAVRECDPD
LCLTCGAADHWDSKNVSCKNCSIQRGSKKHLLLAPSDVAGWGIFIKDPVQKNEFISEYCGEIISQDEADRRGKVYDKYMC
SFLFNLNNDFVVDATRKGNKIRFANHSVNPNCYAKVMMVNGDHRIGIFAKRAIQTGEELFFDYRYSQADALKYVGIEREM
EIP
;
A,B
2 'polypeptide(L)'
;MSFKCVNSLKEDHNQPLFGVQFNWHSKEGDPLVFATVGSNRVTLYECHSQGEIRLLQSYVDADADENFYTCAWTYDSNTS
HPLLAVAGSRGIIRIINPITMQCIKHYVGHGNAINELKFHPRDPNLLLSVSKDHALRLWNIQTDTLVAIFGGVEGHRDEV
LSADYDLLGEKIMSCGMDHSLKLWRINSKRMMNAIKESYDYNPNKTNRPFISQKIHFPDFSTRDIHRNYVDCVRWLGDLI
LSKSCENAIVCWKPGKMEDDIDKIKPSESNVTILGRFDYSQCDIWYMRFSMDFWQKMLALGNQVGKLYVWDLEVEDPHKA
KCTTLTHHKCGAAIRQTSFSRDSSILIAVCDDASIWRWDRLR
;
E,F
3 'polypeptide(L)'
;MDYKDDDDKGESEDGEVEQQRTYSSGHNRLYFHSDTCLPLRPQEMEVDDEDEKDPEWLREKTITQIEEFSDVNEGEKEVM
KLWNLHVMKHGFIADNQMNHACMLFVENYGQKIIKKNLCRNFMLHLVSMHDFNLISIMSIDKAVTKLREMQQKLEKGESA
SPANEEITEEQNGTANGFSEINSKEKALETD
;
S,T
#
# COMPACT_ATOMS: atom_id res chain seq x y z
N GLU A 9 -19.40 -40.22 10.74
CA GLU A 9 -18.95 -40.92 11.99
C GLU A 9 -18.58 -42.37 11.68
N LYS A 10 -17.32 -42.72 11.91
CA LYS A 10 -16.91 -44.12 11.85
C LYS A 10 -15.43 -44.41 12.17
N GLY A 11 -14.94 -43.85 13.27
CA GLY A 11 -13.64 -44.25 13.79
C GLY A 11 -12.44 -43.66 13.06
N PRO A 12 -11.53 -42.99 13.79
CA PRO A 12 -10.34 -42.36 13.23
C PRO A 12 -9.30 -43.36 12.75
N ILE A 13 -9.13 -44.46 13.50
CA ILE A 13 -8.14 -45.45 13.15
C ILE A 13 -8.57 -46.08 11.83
N CYS A 14 -9.87 -46.34 11.73
CA CYS A 14 -10.43 -46.94 10.53
C CYS A 14 -10.11 -46.08 9.31
N TRP A 15 -10.36 -44.78 9.43
CA TRP A 15 -10.18 -43.87 8.30
C TRP A 15 -8.73 -43.76 7.89
N ARG A 16 -7.82 -43.68 8.86
CA ARG A 16 -6.40 -43.63 8.56
C ARG A 16 -5.97 -44.84 7.74
N LYS A 17 -6.57 -45.99 8.01
CA LYS A 17 -6.21 -47.21 7.28
C LYS A 17 -6.69 -47.12 5.86
N ARG A 18 -7.88 -46.54 5.71
CA ARG A 18 -8.48 -46.34 4.39
C ARG A 18 -7.64 -45.34 3.61
N VAL A 19 -7.28 -44.24 4.24
CA VAL A 19 -6.37 -43.29 3.63
C VAL A 19 -5.16 -44.07 3.11
N LYS A 20 -4.53 -44.84 3.98
CA LYS A 20 -3.32 -45.57 3.63
C LYS A 20 -3.57 -46.59 2.54
N SER A 21 -4.79 -47.07 2.45
CA SER A 21 -5.11 -48.15 1.53
C SER A 21 -5.45 -47.64 0.13
N GLU A 22 -6.29 -46.60 0.08
CA GLU A 22 -6.69 -46.01 -1.20
C GLU A 22 -5.51 -45.33 -1.91
N TYR A 23 -4.74 -44.57 -1.15
CA TYR A 23 -3.51 -43.97 -1.63
C TYR A 23 -2.55 -45.00 -2.17
N MET A 24 -2.25 -46.02 -1.38
CA MET A 24 -1.41 -47.12 -1.85
C MET A 24 -2.03 -47.84 -3.04
N ARG A 25 -3.36 -47.78 -3.15
CA ARG A 25 -4.05 -48.36 -4.29
C ARG A 25 -3.81 -47.49 -5.52
N LEU A 26 -4.33 -46.27 -5.47
CA LEU A 26 -4.10 -45.28 -6.52
C LEU A 26 -2.65 -45.27 -7.00
N ARG A 27 -1.73 -45.00 -6.08
CA ARG A 27 -0.32 -45.01 -6.43
C ARG A 27 -0.01 -46.22 -7.32
N GLN A 28 -0.19 -47.42 -6.78
CA GLN A 28 0.12 -48.65 -7.51
C GLN A 28 -0.58 -48.66 -8.87
N LEU A 29 -1.74 -48.00 -8.94
CA LEU A 29 -2.51 -47.91 -10.17
C LEU A 29 -1.83 -47.03 -11.21
N LYS A 30 -1.59 -45.77 -10.84
CA LYS A 30 -0.85 -44.86 -11.71
C LYS A 30 0.45 -45.52 -12.17
N ARG A 31 1.00 -46.35 -11.29
CA ARG A 31 2.29 -46.96 -11.52
C ARG A 31 2.23 -47.87 -12.73
N PHE A 32 1.11 -48.57 -12.88
CA PHE A 32 0.95 -49.53 -13.97
C PHE A 32 0.48 -48.85 -15.24
N ARG A 33 -0.57 -48.05 -15.12
CA ARG A 33 -1.07 -47.29 -16.24
C ARG A 33 0.04 -46.37 -16.77
N ARG A 34 1.17 -46.34 -16.07
CA ARG A 34 2.32 -45.54 -16.48
C ARG A 34 3.47 -46.40 -17.02
N ALA A 35 3.51 -47.66 -16.59
CA ALA A 35 4.51 -48.59 -17.09
C ALA A 35 4.12 -48.99 -18.51
N ASP A 36 2.82 -48.89 -18.78
CA ASP A 36 2.28 -49.20 -20.09
C ASP A 36 2.48 -48.05 -21.08
N GLU A 37 2.19 -46.82 -20.67
CA GLU A 37 2.52 -45.66 -21.50
C GLU A 37 3.94 -45.81 -22.00
N VAL A 38 4.87 -46.03 -21.07
CA VAL A 38 6.25 -46.31 -21.42
C VAL A 38 6.30 -47.40 -22.47
N LYS A 39 5.80 -48.58 -22.12
CA LYS A 39 5.78 -49.69 -23.05
C LYS A 39 5.19 -49.30 -24.42
N SER A 40 4.03 -48.67 -24.43
CA SER A 40 3.42 -48.16 -25.66
C SER A 40 4.41 -47.34 -26.49
N MET A 41 5.07 -46.36 -25.86
CA MET A 41 5.91 -45.41 -26.60
C MET A 41 7.27 -45.93 -27.04
N PHE A 42 7.84 -46.84 -26.25
CA PHE A 42 9.08 -47.50 -26.63
C PHE A 42 8.87 -48.21 -27.97
N ASN A 43 7.71 -48.84 -28.11
CA ASN A 43 7.36 -49.60 -29.30
C ASN A 43 7.10 -48.70 -30.50
N SER A 44 6.18 -47.76 -30.33
CA SER A 44 5.78 -46.91 -31.44
C SER A 44 6.86 -45.90 -31.74
N ASN A 45 7.92 -45.92 -30.93
CA ASN A 45 9.12 -45.14 -31.22
C ASN A 45 10.08 -46.02 -32.00
N ARG A 46 10.15 -47.29 -31.63
CA ARG A 46 10.99 -48.20 -32.38
C ARG A 46 10.48 -48.44 -33.79
N GLN A 47 9.19 -48.22 -34.02
CA GLN A 47 8.64 -48.26 -35.38
C GLN A 47 9.24 -47.09 -36.17
N LYS A 48 9.33 -45.92 -35.52
CA LYS A 48 10.01 -44.77 -36.10
C LYS A 48 11.47 -45.07 -36.38
N ILE A 49 12.14 -45.73 -35.42
CA ILE A 49 13.54 -46.10 -35.63
C ILE A 49 13.64 -46.80 -36.98
N GLN A 50 13.00 -47.97 -37.11
CA GLN A 50 13.18 -48.78 -38.30
C GLN A 50 12.73 -48.04 -39.57
N GLU A 51 11.64 -47.27 -39.44
CA GLU A 51 11.09 -46.49 -40.55
C GLU A 51 12.10 -45.51 -41.16
N ARG A 52 12.84 -44.81 -40.31
CA ARG A 52 13.77 -43.79 -40.77
C ARG A 52 15.16 -44.41 -40.99
N THR A 53 15.42 -45.51 -40.31
CA THR A 53 16.66 -46.24 -40.51
C THR A 53 16.67 -46.86 -41.90
N GLU A 54 15.51 -47.34 -42.34
CA GLU A 54 15.42 -47.86 -43.68
C GLU A 54 15.78 -46.76 -44.65
N ILE A 55 15.12 -45.61 -44.50
CA ILE A 55 15.35 -44.47 -45.37
C ILE A 55 16.83 -44.17 -45.56
N LEU A 56 17.58 -44.09 -44.46
CA LEU A 56 19.02 -43.87 -44.55
C LEU A 56 19.69 -45.01 -45.29
N ASN A 57 19.39 -46.23 -44.87
CA ASN A 57 20.07 -47.41 -45.41
C ASN A 57 19.88 -47.53 -46.90
N GLN A 58 18.75 -47.04 -47.39
CA GLN A 58 18.52 -47.02 -48.82
C GLN A 58 19.31 -45.89 -49.46
N GLU A 59 19.31 -44.71 -48.85
CA GLU A 59 20.13 -43.62 -49.36
C GLU A 59 21.59 -44.06 -49.39
N TRP A 60 21.94 -45.02 -48.53
CA TRP A 60 23.30 -45.53 -48.48
C TRP A 60 23.58 -46.51 -49.63
N LYS A 61 22.59 -47.32 -49.97
CA LYS A 61 22.71 -48.29 -51.08
C LYS A 61 23.11 -47.59 -52.39
N GLN A 62 22.56 -46.39 -52.61
CA GLN A 62 22.73 -45.62 -53.83
C GLN A 62 24.10 -44.93 -53.95
N ARG A 63 25.08 -45.42 -53.18
CA ARG A 63 26.42 -44.84 -53.19
C ARG A 63 27.48 -45.90 -53.35
N ARG A 64 28.61 -45.51 -53.94
CA ARG A 64 29.72 -46.42 -54.20
C ARG A 64 31.00 -45.85 -53.61
N ILE A 65 31.06 -45.71 -52.29
CA ILE A 65 32.20 -45.05 -51.69
C ILE A 65 33.46 -45.89 -51.83
N GLN A 66 34.60 -45.24 -52.02
CA GLN A 66 35.85 -45.96 -52.26
C GLN A 66 36.40 -46.57 -50.98
N PRO A 67 36.93 -47.80 -51.08
CA PRO A 67 37.63 -48.44 -49.96
C PRO A 67 38.92 -47.70 -49.64
N VAL A 68 39.29 -47.68 -48.37
CA VAL A 68 40.57 -47.11 -47.95
C VAL A 68 41.68 -48.16 -48.11
N HIS A 69 42.85 -47.70 -48.54
CA HIS A 69 43.99 -48.58 -48.71
C HIS A 69 45.18 -48.17 -47.85
N ILE A 70 46.27 -48.91 -47.99
CA ILE A 70 47.43 -48.79 -47.11
C ILE A 70 48.42 -47.78 -47.67
N MET A 71 49.43 -47.44 -46.88
CA MET A 71 50.47 -46.51 -47.34
C MET A 71 51.76 -47.23 -47.75
N ARG A 81 60.11 -41.68 -41.05
CA ARG A 81 59.40 -41.66 -39.77
C ARG A 81 58.30 -42.71 -39.71
N GLU A 82 58.12 -43.33 -38.55
CA GLU A 82 57.55 -44.66 -38.49
C GLU A 82 56.59 -44.85 -37.32
N CYS A 83 55.63 -45.77 -37.47
CA CYS A 83 54.85 -46.23 -36.32
C CYS A 83 54.45 -47.71 -36.40
N SER A 84 54.38 -48.36 -35.24
CA SER A 84 54.01 -49.77 -35.18
C SER A 84 52.90 -50.03 -34.17
N VAL A 85 52.16 -51.12 -34.38
CA VAL A 85 51.18 -51.59 -33.41
C VAL A 85 51.42 -53.05 -33.04
N THR A 86 51.38 -53.36 -31.75
CA THR A 86 51.60 -54.72 -31.26
C THR A 86 50.27 -55.41 -31.00
N SER A 87 50.31 -56.72 -30.86
CA SER A 87 49.14 -57.48 -30.44
C SER A 87 49.37 -58.09 -29.06
N ASP A 88 48.34 -58.07 -28.23
CA ASP A 88 48.40 -58.70 -26.92
C ASP A 88 47.78 -60.10 -27.01
N LEU A 89 47.35 -60.45 -28.22
CA LEU A 89 46.96 -61.81 -28.52
C LEU A 89 47.88 -62.44 -29.58
N ASP A 90 49.17 -62.13 -29.48
CA ASP A 90 50.23 -62.83 -30.21
C ASP A 90 50.20 -62.65 -31.72
N PHE A 91 49.33 -61.80 -32.22
CA PHE A 91 49.35 -61.43 -33.64
C PHE A 91 50.63 -60.69 -33.97
N PRO A 92 51.14 -60.86 -35.19
CA PRO A 92 52.40 -60.22 -35.58
C PRO A 92 52.32 -58.70 -35.51
N LYS A 93 53.33 -58.08 -34.90
CA LYS A 93 53.41 -56.62 -34.87
C LYS A 93 53.47 -56.07 -36.29
N GLN A 94 52.84 -54.91 -36.49
CA GLN A 94 52.78 -54.29 -37.80
C GLN A 94 53.57 -53.00 -37.77
N VAL A 95 54.15 -52.63 -38.92
CA VAL A 95 54.88 -51.39 -39.02
C VAL A 95 54.51 -50.71 -40.32
N ILE A 96 54.24 -49.41 -40.22
CA ILE A 96 53.68 -48.65 -41.34
C ILE A 96 54.26 -47.23 -41.29
N PRO A 97 54.30 -46.54 -42.44
CA PRO A 97 54.80 -45.15 -42.39
C PRO A 97 53.80 -44.19 -41.73
N LEU A 98 54.35 -43.25 -40.96
CA LEU A 98 53.57 -42.28 -40.19
C LEU A 98 53.61 -40.92 -40.90
N LYS A 99 52.55 -40.59 -41.61
CA LYS A 99 52.54 -39.33 -42.35
C LYS A 99 52.27 -38.15 -41.41
N THR A 100 52.99 -37.06 -41.65
CA THR A 100 52.81 -35.85 -40.86
C THR A 100 51.76 -34.93 -41.50
N LEU A 101 50.86 -34.40 -40.68
CA LEU A 101 49.91 -33.37 -41.11
C LEU A 101 50.58 -31.99 -40.97
N ASN A 102 50.58 -31.23 -42.06
CA ASN A 102 51.28 -29.95 -42.09
C ASN A 102 50.76 -29.00 -41.04
N ALA A 103 51.67 -28.30 -40.38
CA ALA A 103 51.28 -27.43 -39.27
C ALA A 103 50.16 -26.47 -39.66
N VAL A 104 49.34 -26.11 -38.68
CA VAL A 104 48.29 -25.11 -38.86
C VAL A 104 48.30 -24.22 -37.64
N ALA A 105 48.30 -22.91 -37.83
CA ALA A 105 48.34 -21.99 -36.69
C ALA A 105 46.97 -21.91 -36.02
N SER A 106 46.97 -21.82 -34.69
CA SER A 106 45.74 -21.71 -33.92
C SER A 106 45.57 -20.26 -33.49
N VAL A 107 44.34 -19.85 -33.20
CA VAL A 107 44.15 -18.50 -32.66
C VAL A 107 44.00 -18.55 -31.16
N PRO A 108 44.29 -17.44 -30.48
CA PRO A 108 44.24 -17.45 -29.02
C PRO A 108 42.93 -18.01 -28.45
N ILE A 109 42.95 -18.33 -27.17
CA ILE A 109 41.77 -18.86 -26.53
C ILE A 109 40.69 -17.80 -26.40
N MET A 110 39.43 -18.20 -26.55
CA MET A 110 38.32 -17.29 -26.31
C MET A 110 37.10 -18.06 -25.85
N TYR A 111 36.52 -17.66 -24.73
CA TYR A 111 35.22 -18.21 -24.36
C TYR A 111 34.04 -17.43 -24.93
N SER A 112 32.95 -18.16 -25.18
CA SER A 112 31.75 -17.59 -25.77
C SER A 112 31.21 -16.34 -25.03
N TRP A 113 30.79 -15.33 -25.79
CA TRP A 113 30.22 -14.12 -25.19
C TRP A 113 29.17 -13.49 -26.10
N SER A 114 28.22 -12.76 -25.51
CA SER A 114 27.14 -12.13 -26.27
C SER A 114 27.33 -10.62 -26.40
N PRO A 115 27.08 -10.08 -27.61
CA PRO A 115 27.25 -8.65 -27.89
C PRO A 115 26.20 -7.79 -27.21
N LEU A 116 26.65 -6.65 -26.72
CA LEU A 116 25.86 -5.72 -25.93
C LEU A 116 26.26 -4.36 -26.50
N GLN A 117 25.34 -3.40 -26.49
CA GLN A 117 25.73 -2.02 -26.80
C GLN A 117 25.39 -1.11 -25.60
N GLN A 118 24.75 -1.71 -24.58
CA GLN A 118 24.45 -1.05 -23.32
C GLN A 118 24.49 -2.09 -22.20
N ASN A 119 24.74 -1.68 -20.96
CA ASN A 119 24.80 -2.64 -19.86
C ASN A 119 23.49 -3.39 -19.61
N PHE A 120 23.63 -4.58 -19.05
CA PHE A 120 22.53 -5.54 -18.94
C PHE A 120 22.54 -6.07 -17.51
N MET A 121 21.44 -5.89 -16.78
CA MET A 121 21.41 -6.30 -15.37
C MET A 121 20.98 -7.75 -15.18
N VAL A 122 21.62 -8.44 -14.23
CA VAL A 122 21.24 -9.81 -13.89
C VAL A 122 21.30 -9.97 -12.39
N GLU A 123 20.36 -10.71 -11.82
CA GLU A 123 20.23 -10.82 -10.36
C GLU A 123 21.01 -12.00 -9.77
N ASP A 124 21.16 -12.00 -8.45
CA ASP A 124 22.03 -12.96 -7.78
C ASP A 124 21.46 -14.38 -7.79
N ILE A 166 3.69 -36.70 -2.28
CA ILE A 166 2.25 -36.60 -2.55
C ILE A 166 1.85 -35.27 -3.24
N ASN A 167 1.93 -35.25 -4.57
CA ASN A 167 1.63 -34.06 -5.37
C ASN A 167 0.16 -33.64 -5.23
N ASP A 168 -0.25 -32.67 -6.05
CA ASP A 168 -1.61 -32.16 -5.99
C ASP A 168 -2.59 -32.97 -6.83
N GLU A 169 -2.12 -33.52 -7.94
CA GLU A 169 -2.96 -34.36 -8.77
C GLU A 169 -3.52 -35.50 -7.94
N ILE A 170 -2.62 -36.25 -7.29
CA ILE A 170 -3.02 -37.42 -6.50
C ILE A 170 -3.82 -37.05 -5.26
N PHE A 171 -3.48 -35.91 -4.65
CA PHE A 171 -4.16 -35.51 -3.44
C PHE A 171 -5.67 -35.45 -3.65
N VAL A 172 -6.09 -35.08 -4.86
CA VAL A 172 -7.51 -34.90 -5.14
C VAL A 172 -8.22 -36.23 -5.38
N GLU A 173 -7.55 -37.13 -6.07
CA GLU A 173 -8.13 -38.41 -6.38
C GLU A 173 -8.35 -39.17 -5.09
N LEU A 174 -7.33 -39.17 -4.24
CA LEU A 174 -7.40 -39.82 -2.94
C LEU A 174 -8.57 -39.25 -2.15
N VAL A 175 -8.68 -37.92 -2.14
CA VAL A 175 -9.77 -37.29 -1.41
C VAL A 175 -11.11 -37.74 -1.96
N ASN A 176 -11.22 -37.86 -3.28
CA ASN A 176 -12.48 -38.28 -3.88
C ASN A 176 -12.75 -39.76 -3.59
N ALA A 177 -11.75 -40.59 -3.82
CA ALA A 177 -11.87 -42.02 -3.56
C ALA A 177 -12.28 -42.25 -2.10
N LEU A 178 -11.73 -41.46 -1.19
CA LEU A 178 -12.08 -41.55 0.22
C LEU A 178 -13.52 -41.12 0.38
N GLY A 179 -13.92 -40.11 -0.40
CA GLY A 179 -15.28 -39.63 -0.38
C GLY A 179 -16.29 -40.71 -0.74
N GLN A 180 -16.02 -41.48 -1.79
CA GLN A 180 -16.98 -42.46 -2.27
C GLN A 180 -17.17 -43.61 -1.26
N LEU A 181 -16.16 -43.82 -0.42
CA LEU A 181 -16.28 -44.78 0.68
C LEU A 181 -17.20 -44.20 1.76
N ASP A 182 -17.15 -42.89 1.96
CA ASP A 182 -18.02 -42.27 2.95
C ASP A 182 -19.47 -42.33 2.50
N ARG A 183 -19.69 -42.36 1.19
CA ARG A 183 -21.04 -42.48 0.64
C ARG A 183 -21.53 -43.91 0.77
N ARG A 184 -20.79 -44.83 0.17
CA ARG A 184 -21.12 -46.24 0.25
C ARG A 184 -21.21 -46.68 1.70
N ASP A 185 -20.68 -45.83 2.58
CA ASP A 185 -20.76 -46.04 4.03
C ASP A 185 -22.23 -46.06 4.47
N GLU A 186 -22.99 -45.06 4.03
CA GLU A 186 -24.39 -44.94 4.40
C GLU A 186 -25.28 -45.98 3.72
N LYS A 187 -25.24 -47.20 4.26
CA LYS A 187 -26.06 -48.33 3.81
C LYS A 187 -26.15 -49.39 4.90
N PRO A 207 -18.54 -33.06 0.86
CA PRO A 207 -17.10 -33.37 0.93
C PRO A 207 -16.66 -33.60 2.37
N SER A 208 -16.94 -34.79 2.90
CA SER A 208 -16.94 -35.05 4.35
C SER A 208 -15.75 -34.50 5.15
N ASP A 209 -15.92 -34.47 6.48
CA ASP A 209 -15.00 -33.73 7.35
C ASP A 209 -13.98 -34.62 8.07
N LYS A 210 -14.34 -35.87 8.31
CA LYS A 210 -13.40 -36.78 8.95
C LYS A 210 -12.36 -37.23 7.93
N ILE A 211 -12.72 -37.19 6.65
CA ILE A 211 -11.79 -37.58 5.60
C ILE A 211 -10.55 -36.69 5.57
N PHE A 212 -10.75 -35.40 5.75
CA PHE A 212 -9.64 -34.46 5.63
C PHE A 212 -8.72 -34.58 6.84
N GLU A 213 -9.28 -34.94 7.98
CA GLU A 213 -8.46 -35.10 9.17
C GLU A 213 -7.62 -36.37 9.13
N ALA A 214 -8.15 -37.41 8.51
CA ALA A 214 -7.40 -38.64 8.32
C ALA A 214 -6.24 -38.45 7.34
N ILE A 215 -6.47 -37.65 6.31
CA ILE A 215 -5.42 -37.41 5.32
C ILE A 215 -4.30 -36.58 5.92
N SER A 216 -4.66 -35.65 6.80
CA SER A 216 -3.65 -34.82 7.46
C SER A 216 -2.85 -35.62 8.48
N SER A 217 -3.42 -36.74 8.90
CA SER A 217 -2.76 -37.61 9.87
C SER A 217 -1.74 -38.52 9.21
N MET A 218 -1.98 -38.91 7.97
CA MET A 218 -1.04 -39.74 7.25
C MET A 218 -0.03 -38.89 6.48
N PHE A 219 -0.35 -37.60 6.36
CA PHE A 219 0.52 -36.69 5.64
C PHE A 219 0.61 -35.39 6.43
N PRO A 220 1.08 -35.46 7.67
CA PRO A 220 1.06 -34.26 8.51
C PRO A 220 1.75 -33.10 7.81
N ASP A 221 2.66 -33.44 6.89
CA ASP A 221 3.48 -32.45 6.18
C ASP A 221 2.73 -31.68 5.09
N LYS A 222 1.95 -32.38 4.29
CA LYS A 222 1.29 -31.76 3.13
C LYS A 222 0.29 -30.70 3.57
N GLY A 223 0.18 -30.52 4.88
CA GLY A 223 -0.69 -29.49 5.42
C GLY A 223 -1.57 -30.03 6.52
N THR A 224 -2.22 -29.12 7.25
CA THR A 224 -3.13 -29.47 8.33
C THR A 224 -4.51 -29.82 7.78
N ALA A 225 -5.42 -30.22 8.66
CA ALA A 225 -6.79 -30.50 8.27
C ALA A 225 -7.31 -29.32 7.47
N GLU A 226 -7.06 -28.12 7.99
CA GLU A 226 -7.45 -26.88 7.33
C GLU A 226 -6.93 -26.82 5.90
N GLU A 227 -5.62 -26.59 5.78
CA GLU A 227 -4.98 -26.32 4.50
C GLU A 227 -5.44 -27.29 3.41
N LEU A 228 -5.82 -28.50 3.82
CA LEU A 228 -6.22 -29.54 2.88
C LEU A 228 -7.67 -29.37 2.41
N LYS A 229 -8.53 -28.89 3.30
CA LYS A 229 -9.90 -28.55 2.91
C LYS A 229 -9.85 -27.40 1.90
N GLU A 230 -8.93 -26.46 2.14
CA GLU A 230 -8.76 -25.32 1.23
C GLU A 230 -8.16 -25.76 -0.10
N LYS A 231 -7.01 -26.43 -0.04
CA LYS A 231 -6.32 -26.90 -1.24
C LYS A 231 -7.22 -27.74 -2.15
N TYR A 232 -8.28 -28.30 -1.57
CA TYR A 232 -9.17 -29.18 -2.30
C TYR A 232 -10.13 -28.42 -3.20
N LYS A 233 -10.82 -27.44 -2.64
CA LYS A 233 -11.77 -26.64 -3.40
C LYS A 233 -11.11 -26.14 -4.68
N GLU A 234 -9.83 -25.79 -4.57
CA GLU A 234 -9.08 -25.23 -5.69
C GLU A 234 -8.74 -26.30 -6.72
N THR A 249 -5.76 -9.18 -13.43
CA THR A 249 -5.42 -9.90 -14.65
C THR A 249 -6.69 -10.15 -15.50
N PRO A 250 -7.20 -9.09 -16.17
CA PRO A 250 -8.42 -9.01 -16.98
C PRO A 250 -8.38 -9.40 -18.47
N ASN A 251 -7.50 -8.76 -19.23
CA ASN A 251 -7.65 -8.45 -20.67
C ASN A 251 -8.89 -7.63 -20.98
N ILE A 252 -8.79 -6.75 -21.98
CA ILE A 252 -9.87 -5.83 -22.32
C ILE A 252 -10.26 -5.92 -23.78
N ASP A 253 -9.29 -6.16 -24.64
CA ASP A 253 -9.53 -6.28 -26.08
C ASP A 253 -10.28 -7.57 -26.42
N GLY A 254 -10.42 -8.44 -25.42
CA GLY A 254 -10.91 -9.77 -25.70
C GLY A 254 -12.42 -9.91 -25.59
N PRO A 255 -12.92 -11.14 -25.47
CA PRO A 255 -14.33 -11.46 -25.19
C PRO A 255 -14.71 -11.45 -23.71
N ASN A 256 -13.73 -11.23 -22.82
CA ASN A 256 -13.98 -11.37 -21.39
C ASN A 256 -13.70 -10.12 -20.60
N ALA A 257 -13.52 -8.99 -21.29
CA ALA A 257 -13.33 -7.71 -20.65
C ALA A 257 -14.31 -7.57 -19.49
N LYS A 258 -13.90 -6.86 -18.45
CA LYS A 258 -14.78 -6.60 -17.32
C LYS A 258 -15.01 -5.11 -17.16
N SER A 259 -15.96 -4.74 -16.32
CA SER A 259 -15.97 -3.39 -15.80
C SER A 259 -15.03 -3.40 -14.61
N VAL A 260 -13.98 -2.58 -14.68
CA VAL A 260 -12.94 -2.61 -13.67
C VAL A 260 -12.49 -1.20 -13.30
N GLN A 261 -11.87 -1.07 -12.13
CA GLN A 261 -11.13 0.13 -11.73
C GLN A 261 -10.22 0.58 -12.87
N ARG A 262 -9.84 1.84 -12.89
CA ARG A 262 -8.94 2.32 -13.93
C ARG A 262 -7.50 1.98 -13.58
N GLU A 263 -7.18 2.05 -12.30
CA GLU A 263 -5.85 1.68 -11.83
C GLU A 263 -5.79 0.18 -11.60
N GLN A 264 -6.45 -0.57 -12.46
CA GLN A 264 -6.38 -2.03 -12.43
C GLN A 264 -6.43 -2.55 -13.86
N SER A 265 -6.90 -1.70 -14.76
CA SER A 265 -6.77 -1.95 -16.19
C SER A 265 -5.37 -1.50 -16.59
N LEU A 266 -4.87 -0.52 -15.85
CA LEU A 266 -3.57 0.09 -16.15
C LEU A 266 -2.43 -0.55 -15.36
N HIS A 267 -2.78 -1.45 -14.45
CA HIS A 267 -1.82 -1.96 -13.48
C HIS A 267 -0.55 -2.54 -14.11
N SER A 268 -0.71 -3.39 -15.10
CA SER A 268 0.43 -4.02 -15.73
C SER A 268 1.36 -2.97 -16.32
N PHE A 269 0.78 -1.99 -17.00
CA PHE A 269 1.59 -0.99 -17.67
C PHE A 269 2.35 -0.14 -16.64
N HIS A 270 1.76 0.03 -15.47
CA HIS A 270 2.26 0.97 -14.47
C HIS A 270 3.42 0.42 -13.66
N THR A 271 3.40 -0.88 -13.38
CA THR A 271 4.44 -1.48 -12.56
C THR A 271 5.60 -2.01 -13.40
N LEU A 272 5.27 -2.48 -14.61
CA LEU A 272 6.24 -3.08 -15.49
C LEU A 272 6.94 -2.08 -16.40
N PHE A 273 6.58 -0.80 -16.31
CA PHE A 273 7.19 0.17 -17.22
C PHE A 273 8.35 0.94 -16.58
N CYS A 274 9.46 1.05 -17.31
CA CYS A 274 10.56 1.87 -16.82
C CYS A 274 10.52 3.31 -17.36
N ARG A 275 10.27 4.25 -16.47
CA ARG A 275 10.23 5.64 -16.90
C ARG A 275 11.59 6.05 -17.43
N ARG A 276 12.63 5.34 -17.00
CA ARG A 276 14.00 5.74 -17.31
C ARG A 276 14.44 5.39 -18.71
N CYS A 277 14.07 4.22 -19.21
CA CYS A 277 14.51 3.83 -20.53
C CYS A 277 13.39 3.46 -21.47
N PHE A 278 12.15 3.68 -21.05
CA PHE A 278 10.98 3.63 -21.92
C PHE A 278 10.72 2.26 -22.50
N LYS A 279 10.75 1.25 -21.64
CA LYS A 279 10.60 -0.13 -22.06
C LYS A 279 9.94 -0.91 -20.95
N TYR A 280 9.28 -2.01 -21.31
CA TYR A 280 8.57 -2.78 -20.30
C TYR A 280 9.41 -3.95 -19.82
N ASP A 281 9.60 -4.02 -18.50
CA ASP A 281 10.42 -5.06 -17.90
C ASP A 281 11.82 -4.86 -18.41
N CYS A 282 12.41 -3.72 -18.11
CA CYS A 282 13.63 -3.33 -18.80
C CYS A 282 14.84 -4.08 -18.27
N PHE A 283 15.95 -3.94 -18.97
CA PHE A 283 17.13 -4.72 -18.68
C PHE A 283 18.15 -3.99 -17.79
N LEU A 284 17.79 -2.83 -17.27
CA LEU A 284 18.75 -2.03 -16.50
C LEU A 284 18.32 -1.69 -15.08
N HIS A 285 17.02 -1.58 -14.86
CA HIS A 285 16.52 -0.90 -13.67
C HIS A 285 15.58 -1.74 -12.82
N PRO A 286 16.14 -2.35 -11.76
CA PRO A 286 15.52 -3.42 -10.95
C PRO A 286 14.38 -2.91 -10.09
N PHE A 287 14.63 -1.82 -9.37
CA PHE A 287 13.61 -1.21 -8.52
C PHE A 287 12.44 -0.80 -9.40
N HIS A 288 11.27 -1.33 -9.09
CA HIS A 288 10.08 -0.97 -9.86
C HIS A 288 9.76 0.50 -9.68
N ALA A 289 8.94 1.04 -10.58
CA ALA A 289 8.66 2.47 -10.62
C ALA A 289 7.97 3.01 -9.37
N THR A 290 8.45 4.17 -8.93
CA THR A 290 7.87 4.90 -7.82
C THR A 290 6.37 5.15 -8.03
N PRO A 291 5.57 5.07 -6.96
CA PRO A 291 4.12 5.21 -7.07
C PRO A 291 3.68 6.55 -7.67
N ASN A 292 4.40 7.61 -7.32
CA ASN A 292 4.08 8.95 -7.80
C ASN A 292 4.58 9.21 -9.20
N THR A 293 5.34 8.27 -9.77
CA THR A 293 5.92 8.50 -11.08
C THR A 293 4.91 8.22 -12.19
N TYR A 294 3.89 7.42 -11.88
CA TYR A 294 2.81 7.21 -12.83
C TYR A 294 1.52 7.94 -12.44
N LYS A 295 1.68 9.12 -11.85
CA LYS A 295 0.57 10.05 -11.68
C LYS A 295 1.09 11.46 -11.87
N ARG A 296 0.32 12.30 -12.58
CA ARG A 296 0.82 13.59 -12.99
C ARG A 296 0.10 14.77 -12.36
N TRP A 333 -23.54 -0.83 -21.37
CA TRP A 333 -22.09 -0.75 -21.52
C TRP A 333 -21.42 -2.02 -21.01
N SER A 334 -20.45 -2.53 -21.77
CA SER A 334 -19.71 -3.74 -21.43
C SER A 334 -18.39 -3.41 -20.76
N GLY A 335 -17.70 -4.45 -20.29
CA GLY A 335 -16.35 -4.29 -19.76
C GLY A 335 -15.50 -3.35 -20.60
N ALA A 336 -15.27 -3.71 -21.86
CA ALA A 336 -14.58 -2.86 -22.81
C ALA A 336 -14.90 -1.38 -22.60
N GLU A 337 -16.19 -1.06 -22.54
CA GLU A 337 -16.62 0.33 -22.56
C GLU A 337 -16.59 0.97 -21.17
N ALA A 338 -17.02 0.21 -20.16
CA ALA A 338 -17.10 0.74 -18.80
C ALA A 338 -15.69 0.99 -18.25
N SER A 339 -14.84 -0.03 -18.33
CA SER A 339 -13.47 0.12 -17.88
C SER A 339 -12.80 1.27 -18.60
N MET A 340 -12.81 1.26 -19.93
CA MET A 340 -12.17 2.31 -20.69
C MET A 340 -12.71 3.68 -20.30
N PHE A 341 -13.91 3.68 -19.72
CA PHE A 341 -14.53 4.92 -19.28
C PHE A 341 -13.76 5.51 -18.09
N ARG A 342 -13.54 4.67 -17.09
CA ARG A 342 -12.86 5.11 -15.87
C ARG A 342 -11.38 5.44 -16.12
N VAL A 343 -10.73 4.66 -16.96
CA VAL A 343 -9.37 5.01 -17.35
C VAL A 343 -9.33 6.40 -17.98
N LEU A 344 -10.23 6.66 -18.93
CA LEU A 344 -10.18 7.89 -19.70
C LEU A 344 -10.59 9.15 -18.95
N ILE A 345 -11.44 8.99 -17.92
CA ILE A 345 -11.84 10.13 -17.09
C ILE A 345 -10.72 10.54 -16.16
N GLY A 346 -9.91 9.57 -15.74
CA GLY A 346 -8.72 9.88 -14.96
C GLY A 346 -7.69 10.67 -15.75
N THR A 347 -7.91 10.82 -17.05
CA THR A 347 -6.98 11.53 -17.91
C THR A 347 -7.65 12.75 -18.54
N TYR A 348 -8.92 12.57 -18.90
CA TYR A 348 -9.69 13.62 -19.55
C TYR A 348 -10.69 14.25 -18.58
N TYR A 349 -11.00 13.52 -17.51
CA TYR A 349 -11.79 14.05 -16.40
C TYR A 349 -13.27 14.16 -16.69
N ASP A 350 -13.70 15.31 -17.21
CA ASP A 350 -15.11 15.50 -17.49
C ASP A 350 -15.45 15.85 -18.94
N ASN A 351 -14.46 16.21 -19.74
CA ASN A 351 -14.67 16.52 -21.16
C ASN A 351 -15.17 15.28 -21.93
N PHE A 352 -16.32 14.74 -21.52
CA PHE A 352 -16.84 13.48 -22.06
C PHE A 352 -16.98 13.52 -23.59
N CYS A 353 -16.97 14.73 -24.16
CA CYS A 353 -16.95 14.91 -25.60
C CYS A 353 -15.79 14.10 -26.17
N ALA A 354 -14.60 14.34 -25.62
CA ALA A 354 -13.40 13.60 -25.99
C ALA A 354 -13.47 12.14 -25.53
N ILE A 355 -13.92 11.92 -24.29
CA ILE A 355 -14.07 10.56 -23.80
C ILE A 355 -14.98 9.79 -24.72
N ALA A 356 -15.82 10.52 -25.44
CA ALA A 356 -16.72 9.92 -26.43
C ALA A 356 -15.92 9.49 -27.64
N ARG A 357 -15.19 10.45 -28.22
CA ARG A 357 -14.32 10.18 -29.37
C ARG A 357 -13.42 8.94 -29.16
N LEU A 358 -12.91 8.78 -27.95
CA LEU A 358 -11.97 7.71 -27.66
C LEU A 358 -12.64 6.39 -27.29
N ILE A 359 -13.71 6.44 -26.51
CA ILE A 359 -14.43 5.21 -26.20
C ILE A 359 -15.11 4.72 -27.48
N GLY A 360 -15.12 5.58 -28.50
CA GLY A 360 -15.53 5.15 -29.83
C GLY A 360 -17.04 5.02 -30.08
N THR A 361 -17.67 4.07 -29.41
CA THR A 361 -19.09 3.82 -29.62
C THR A 361 -19.93 4.28 -28.44
N LYS A 362 -19.83 5.57 -28.15
CA LYS A 362 -20.74 6.26 -27.23
C LYS A 362 -20.68 7.74 -27.61
N THR A 363 -21.34 8.59 -26.82
CA THR A 363 -21.54 9.99 -27.22
C THR A 363 -21.39 10.96 -26.03
N CYS A 364 -21.19 12.25 -26.34
CA CYS A 364 -21.22 13.28 -25.30
C CYS A 364 -22.17 12.80 -24.24
N ARG A 365 -23.46 12.77 -24.60
CA ARG A 365 -24.54 12.38 -23.70
C ARG A 365 -24.26 11.06 -22.98
N GLN A 366 -24.31 9.96 -23.72
CA GLN A 366 -24.26 8.63 -23.11
C GLN A 366 -23.18 8.51 -22.05
N VAL A 367 -22.04 9.15 -22.29
CA VAL A 367 -20.93 9.16 -21.34
C VAL A 367 -21.33 9.96 -20.10
N TYR A 368 -21.73 11.21 -20.34
CA TYR A 368 -22.29 12.09 -19.31
C TYR A 368 -23.24 11.32 -18.37
N GLU A 369 -24.06 10.46 -18.96
CA GLU A 369 -25.07 9.71 -18.21
C GLU A 369 -24.43 8.56 -17.42
N PHE A 370 -23.45 7.90 -18.04
CA PHE A 370 -22.74 6.80 -17.38
C PHE A 370 -21.94 7.35 -16.20
N ARG A 371 -21.39 8.55 -16.37
CA ARG A 371 -20.67 9.22 -15.30
C ARG A 371 -21.52 9.31 -14.03
N VAL A 372 -22.71 9.88 -14.18
CA VAL A 372 -23.56 10.18 -13.04
C VAL A 372 -23.90 8.93 -12.25
N LYS A 373 -24.37 7.90 -12.96
CA LYS A 373 -24.70 6.64 -12.29
C LYS A 373 -23.47 6.05 -11.59
N VAL A 414 31.03 6.64 -3.92
CA VAL A 414 30.11 6.81 -5.04
C VAL A 414 28.96 5.82 -5.08
N TYR A 415 27.74 6.32 -4.92
CA TYR A 415 26.58 5.45 -4.86
C TYR A 415 25.71 5.49 -6.11
N ASN A 416 25.08 4.38 -6.43
CA ASN A 416 24.25 4.29 -7.62
C ASN A 416 23.04 5.20 -7.42
N TYR A 417 22.49 5.73 -8.52
CA TYR A 417 21.38 6.66 -8.39
C TYR A 417 20.05 5.94 -8.46
N GLN A 418 19.13 6.35 -7.59
CA GLN A 418 17.78 5.81 -7.55
C GLN A 418 16.84 6.97 -7.26
N PRO A 419 15.77 7.11 -8.06
CA PRO A 419 14.84 8.23 -7.89
C PRO A 419 14.25 8.26 -6.50
N CYS A 420 14.16 9.45 -5.92
CA CYS A 420 13.58 9.58 -4.60
C CYS A 420 12.09 9.89 -4.69
N ASP A 421 11.35 9.51 -3.65
CA ASP A 421 9.93 9.78 -3.61
C ASP A 421 9.43 9.83 -2.17
N HIS A 422 9.49 11.01 -1.59
CA HIS A 422 9.13 11.21 -0.21
C HIS A 422 8.09 12.31 -0.13
N PRO A 423 6.81 11.94 -0.24
CA PRO A 423 5.72 12.89 -0.45
C PRO A 423 5.62 13.95 0.65
N ARG A 424 5.31 15.17 0.22
CA ARG A 424 5.24 16.33 1.11
C ARG A 424 6.42 16.39 2.07
N GLN A 425 7.62 16.48 1.50
CA GLN A 425 8.83 16.59 2.29
C GLN A 425 10.04 16.94 1.44
N PRO A 426 10.84 17.89 1.90
CA PRO A 426 11.99 18.43 1.18
C PRO A 426 13.14 17.43 1.05
N CYS A 427 14.01 17.68 0.09
CA CYS A 427 15.22 16.88 -0.04
C CYS A 427 16.30 17.43 0.87
N ASP A 428 16.15 17.17 2.16
CA ASP A 428 17.18 17.46 3.13
C ASP A 428 17.96 16.19 3.49
N ASN A 429 18.60 16.22 4.65
CA ASN A 429 19.61 15.23 5.00
C ASN A 429 19.03 13.85 5.27
N SER A 430 17.70 13.76 5.25
CA SER A 430 17.04 12.47 5.41
C SER A 430 16.74 11.89 4.04
N CYS A 431 16.90 12.71 3.00
CA CYS A 431 16.65 12.29 1.64
C CYS A 431 17.69 11.28 1.16
N PRO A 432 17.24 10.20 0.49
CA PRO A 432 18.17 9.18 0.00
C PRO A 432 19.23 9.73 -0.97
N CYS A 433 18.80 10.58 -1.90
CA CYS A 433 19.73 11.16 -2.86
C CYS A 433 20.83 11.95 -2.16
N VAL A 434 20.44 12.82 -1.23
CA VAL A 434 21.37 13.63 -0.47
C VAL A 434 22.34 12.80 0.36
N ILE A 435 21.86 11.67 0.88
CA ILE A 435 22.72 10.79 1.66
C ILE A 435 23.70 10.01 0.77
N ALA A 436 23.23 9.64 -0.43
CA ALA A 436 24.06 8.92 -1.39
C ALA A 436 25.03 9.88 -2.05
N GLN A 437 24.88 11.16 -1.72
CA GLN A 437 25.77 12.18 -2.23
C GLN A 437 25.49 12.44 -3.70
N ASN A 438 24.32 12.03 -4.17
CA ASN A 438 23.95 12.21 -5.57
C ASN A 438 23.02 13.41 -5.76
N PHE A 439 23.05 13.98 -6.95
CA PHE A 439 22.08 15.01 -7.33
C PHE A 439 20.72 14.36 -7.57
N CYS A 440 19.65 15.13 -7.39
CA CYS A 440 18.36 14.68 -7.86
C CYS A 440 18.35 14.80 -9.37
N GLU A 441 17.71 13.84 -10.03
CA GLU A 441 17.59 13.87 -11.49
C GLU A 441 16.15 14.16 -11.93
N LYS A 442 15.92 14.17 -13.22
CA LYS A 442 14.60 14.42 -13.77
C LYS A 442 13.65 13.27 -13.44
N PHE A 443 14.14 12.27 -12.73
CA PHE A 443 13.37 11.04 -12.52
C PHE A 443 12.74 11.05 -11.14
N CYS A 444 13.16 12.03 -10.35
CA CYS A 444 12.73 12.13 -8.97
C CYS A 444 11.35 12.77 -8.88
N GLN A 445 10.62 12.37 -7.85
CA GLN A 445 9.28 12.87 -7.58
C GLN A 445 9.35 13.89 -6.46
N CYS A 446 10.03 14.99 -6.72
CA CYS A 446 10.18 16.04 -5.73
C CYS A 446 9.91 17.36 -6.40
N SER A 447 9.82 18.41 -5.60
CA SER A 447 9.56 19.73 -6.13
C SER A 447 10.41 20.00 -7.36
N SER A 448 9.79 20.56 -8.37
CA SER A 448 10.52 20.96 -9.56
C SER A 448 11.49 22.06 -9.17
N GLU A 449 11.29 22.62 -7.98
CA GLU A 449 12.19 23.67 -7.49
C GLU A 449 13.24 23.12 -6.54
N CYS A 450 13.45 21.81 -6.56
CA CYS A 450 14.35 21.17 -5.62
C CYS A 450 15.77 21.72 -5.74
N GLN A 451 16.37 22.05 -4.61
CA GLN A 451 17.70 22.65 -4.62
C GLN A 451 18.78 21.65 -5.05
N ASN A 452 18.45 20.36 -4.98
CA ASN A 452 19.45 19.31 -5.19
C ASN A 452 19.38 18.71 -6.58
N ARG A 453 18.47 19.22 -7.41
CA ARG A 453 18.36 18.80 -8.81
C ARG A 453 19.54 19.34 -9.59
N PHE A 454 19.96 18.62 -10.61
CA PHE A 454 21.03 19.16 -11.44
C PHE A 454 20.45 19.88 -12.64
N PRO A 455 20.83 21.15 -12.81
CA PRO A 455 20.28 22.17 -13.71
C PRO A 455 20.42 21.85 -15.18
N GLY A 456 21.57 21.31 -15.55
CA GLY A 456 21.94 21.25 -16.95
C GLY A 456 22.94 22.35 -17.20
N CYS A 457 23.28 22.57 -18.46
CA CYS A 457 24.19 23.63 -18.79
C CYS A 457 23.62 24.43 -19.95
N ARG A 458 24.02 25.70 -20.02
CA ARG A 458 23.52 26.59 -21.04
C ARG A 458 24.58 26.81 -22.12
N CYS A 459 25.61 25.99 -22.14
CA CYS A 459 26.64 26.05 -23.18
C CYS A 459 26.00 26.18 -24.55
N LYS A 460 26.78 26.60 -25.53
CA LYS A 460 26.27 26.72 -26.88
C LYS A 460 26.90 25.64 -27.74
N ALA A 461 28.02 25.10 -27.27
CA ALA A 461 28.65 23.97 -27.94
C ALA A 461 29.82 23.41 -27.12
N GLN A 462 30.47 22.39 -27.69
CA GLN A 462 31.64 21.79 -27.07
C GLN A 462 31.28 20.96 -25.84
N CYS A 463 31.28 21.59 -24.67
CA CYS A 463 30.90 20.94 -23.41
C CYS A 463 31.96 19.97 -22.87
N ASN A 464 33.22 20.21 -23.21
CA ASN A 464 34.30 19.30 -22.81
C ASN A 464 35.39 20.01 -22.03
N THR A 465 35.03 21.03 -21.26
CA THR A 465 35.99 21.71 -20.41
C THR A 465 35.35 22.02 -19.07
N LYS A 466 36.17 22.33 -18.07
CA LYS A 466 35.70 22.64 -16.73
C LYS A 466 34.79 23.86 -16.77
N GLN A 467 34.70 24.50 -17.93
CA GLN A 467 33.83 25.67 -18.08
C GLN A 467 32.38 25.24 -17.95
N CYS A 468 32.07 24.08 -18.54
CA CYS A 468 30.72 23.51 -18.52
C CYS A 468 30.46 22.69 -17.26
N PRO A 469 29.38 23.01 -16.52
CA PRO A 469 29.09 22.40 -15.22
C PRO A 469 28.87 20.88 -15.26
N CYS A 470 28.51 20.38 -16.43
CA CYS A 470 28.24 18.95 -16.55
C CYS A 470 29.53 18.18 -16.57
N TYR A 471 30.38 18.53 -17.53
CA TYR A 471 31.74 18.00 -17.64
C TYR A 471 32.48 18.09 -16.30
N LEU A 472 32.31 19.22 -15.61
CA LEU A 472 32.97 19.45 -14.35
C LEU A 472 32.43 18.53 -13.29
N ALA A 473 31.15 18.18 -13.40
CA ALA A 473 30.49 17.30 -12.42
C ALA A 473 30.69 15.86 -12.78
N VAL A 474 31.27 15.63 -13.96
CA VAL A 474 31.53 14.30 -14.49
C VAL A 474 30.19 13.63 -14.81
N ARG A 475 29.34 14.38 -15.51
CA ARG A 475 28.07 13.88 -16.03
C ARG A 475 28.10 14.11 -17.54
N GLU A 476 27.45 13.27 -18.31
CA GLU A 476 27.17 13.65 -19.69
C GLU A 476 26.03 14.65 -19.66
N CYS A 477 25.76 15.28 -20.79
CA CYS A 477 24.68 16.24 -20.82
C CYS A 477 23.35 15.50 -20.90
N ASP A 478 22.31 16.14 -20.36
CA ASP A 478 20.99 15.55 -20.39
C ASP A 478 20.16 16.15 -21.53
N PRO A 479 19.67 15.30 -22.45
CA PRO A 479 18.89 15.78 -23.60
C PRO A 479 17.54 16.42 -23.22
N ASP A 480 17.28 16.53 -21.92
CA ASP A 480 16.03 17.13 -21.50
C ASP A 480 16.28 18.36 -20.63
N LEU A 481 17.56 18.66 -20.37
CA LEU A 481 17.90 19.83 -19.59
C LEU A 481 18.89 20.72 -20.30
N CYS A 482 19.68 20.13 -21.19
CA CYS A 482 20.72 20.87 -21.86
C CYS A 482 20.20 21.23 -23.22
N LEU A 483 19.50 22.36 -23.27
CA LEU A 483 18.60 22.65 -24.36
C LEU A 483 19.37 23.40 -25.45
N THR A 484 20.57 23.82 -25.09
CA THR A 484 21.24 24.90 -25.79
C THR A 484 22.54 24.45 -26.49
N CYS A 485 23.14 23.36 -26.03
CA CYS A 485 24.46 22.93 -26.54
C CYS A 485 24.40 22.00 -27.73
N GLY A 486 23.27 21.34 -27.92
CA GLY A 486 23.13 20.44 -29.07
C GLY A 486 22.81 19.02 -28.63
N ALA A 487 22.85 18.79 -27.32
CA ALA A 487 22.69 17.44 -26.78
C ALA A 487 21.28 16.89 -26.97
N ALA A 488 20.33 17.78 -27.23
CA ALA A 488 18.92 17.42 -27.22
C ALA A 488 18.29 17.39 -28.61
N ASP A 489 19.12 17.51 -29.64
CA ASP A 489 18.63 17.67 -31.02
C ASP A 489 19.28 16.66 -31.99
N HIS A 490 18.96 16.79 -33.27
CA HIS A 490 19.65 16.05 -34.34
C HIS A 490 19.83 14.59 -34.01
N TRP A 491 18.77 13.95 -33.54
CA TRP A 491 18.84 12.57 -33.10
C TRP A 491 19.36 11.60 -34.16
N ASP A 492 19.38 12.05 -35.41
CA ASP A 492 19.74 11.19 -36.52
C ASP A 492 21.25 11.20 -36.80
N SER A 493 21.96 12.14 -36.18
CA SER A 493 23.41 12.16 -36.25
C SER A 493 24.02 11.76 -34.92
N LYS A 494 25.24 11.21 -34.97
CA LYS A 494 25.99 10.88 -33.78
C LYS A 494 27.08 11.91 -33.51
N ASN A 495 27.40 12.70 -34.54
CA ASN A 495 28.29 13.83 -34.38
C ASN A 495 27.50 15.13 -34.26
N VAL A 496 27.57 15.76 -33.10
CA VAL A 496 26.71 16.89 -32.79
C VAL A 496 27.50 18.02 -32.16
N SER A 497 26.90 19.21 -32.16
CA SER A 497 27.48 20.40 -31.54
C SER A 497 28.13 20.05 -30.20
N CYS A 498 27.42 19.24 -29.41
CA CYS A 498 27.85 18.88 -28.07
C CYS A 498 28.80 17.69 -28.12
N LYS A 499 29.94 17.81 -27.44
CA LYS A 499 30.95 16.77 -27.45
C LYS A 499 30.89 15.92 -26.18
N ASN A 500 29.83 16.10 -25.40
CA ASN A 500 29.72 15.41 -24.11
C ASN A 500 28.46 14.54 -24.02
N CYS A 501 28.17 13.78 -25.08
CA CYS A 501 27.12 12.80 -24.99
C CYS A 501 27.37 11.56 -25.85
N SER A 502 28.64 11.19 -25.97
CA SER A 502 29.06 10.04 -26.79
C SER A 502 28.55 8.70 -26.26
N ILE A 503 28.41 8.58 -24.95
CA ILE A 503 27.99 7.33 -24.35
C ILE A 503 26.51 7.08 -24.60
N GLN A 504 25.66 8.05 -24.25
CA GLN A 504 24.20 7.92 -24.40
C GLN A 504 23.79 7.71 -25.84
N ARG A 505 24.55 8.24 -26.79
CA ARG A 505 24.24 8.01 -28.19
C ARG A 505 25.04 6.86 -28.75
N GLY A 506 25.95 6.33 -27.95
CA GLY A 506 26.74 5.21 -28.39
C GLY A 506 27.59 5.49 -29.61
N SER A 507 28.19 6.67 -29.66
CA SER A 507 29.03 7.04 -30.80
C SER A 507 30.47 6.54 -30.66
N LYS A 508 30.61 5.22 -30.61
CA LYS A 508 31.89 4.56 -30.42
C LYS A 508 32.70 4.52 -31.73
N LYS A 509 34.01 4.30 -31.62
CA LYS A 509 34.89 4.21 -32.78
C LYS A 509 35.04 2.76 -33.28
N HIS A 510 35.31 2.60 -34.57
CA HIS A 510 35.47 1.27 -35.15
C HIS A 510 36.65 0.57 -34.43
N LEU A 511 36.46 -0.69 -34.03
CA LEU A 511 37.53 -1.43 -33.36
C LEU A 511 37.79 -2.74 -34.09
N LEU A 512 39.04 -3.18 -34.07
CA LEU A 512 39.44 -4.39 -34.77
C LEU A 512 40.03 -5.42 -33.82
N LEU A 513 39.72 -6.68 -34.07
CA LEU A 513 40.13 -7.78 -33.19
C LEU A 513 41.23 -8.57 -33.84
N ALA A 514 42.29 -8.79 -33.10
CA ALA A 514 43.39 -9.58 -33.61
C ALA A 514 44.16 -10.06 -32.41
N PRO A 515 45.01 -11.07 -32.59
CA PRO A 515 45.81 -11.51 -31.47
C PRO A 515 46.70 -10.37 -31.02
N SER A 516 46.84 -10.24 -29.71
CA SER A 516 47.63 -9.18 -29.09
C SER A 516 49.10 -9.35 -29.47
N ASP A 517 49.86 -8.26 -29.37
CA ASP A 517 51.30 -8.36 -29.47
C ASP A 517 51.90 -8.69 -28.09
N VAL A 518 51.10 -8.57 -27.05
CA VAL A 518 51.55 -9.07 -25.76
C VAL A 518 51.05 -10.50 -25.59
N ALA A 519 49.83 -10.69 -25.13
CA ALA A 519 49.26 -12.03 -25.08
C ALA A 519 47.75 -12.04 -25.34
N GLY A 520 47.27 -13.16 -25.86
CA GLY A 520 45.84 -13.36 -25.95
C GLY A 520 45.27 -12.65 -27.14
N TRP A 521 44.11 -12.03 -26.94
CA TRP A 521 43.49 -11.20 -27.95
C TRP A 521 43.66 -9.73 -27.54
N GLY A 522 43.83 -8.87 -28.53
CA GLY A 522 43.85 -7.45 -28.24
C GLY A 522 42.91 -6.71 -29.15
N ILE A 523 42.71 -5.44 -28.87
CA ILE A 523 41.82 -4.65 -29.71
C ILE A 523 42.60 -3.47 -30.31
N PHE A 524 42.36 -3.21 -31.58
CA PHE A 524 43.06 -2.16 -32.31
C PHE A 524 42.06 -1.14 -32.87
N ILE A 525 42.42 0.14 -32.81
CA ILE A 525 41.54 1.19 -33.31
C ILE A 525 41.75 1.36 -34.80
N LYS A 526 40.66 1.50 -35.54
CA LYS A 526 40.72 1.44 -37.00
C LYS A 526 41.10 2.78 -37.60
N ASP A 527 40.90 3.85 -36.84
CA ASP A 527 41.21 5.20 -37.31
C ASP A 527 41.78 6.07 -36.19
N PRO A 528 42.60 7.07 -36.58
CA PRO A 528 43.27 8.00 -35.67
C PRO A 528 42.30 8.62 -34.68
N VAL A 529 42.73 8.72 -33.43
CA VAL A 529 41.92 9.31 -32.39
C VAL A 529 42.80 10.29 -31.62
N GLN A 530 42.17 11.26 -30.98
CA GLN A 530 42.86 12.46 -30.50
C GLN A 530 42.91 12.37 -28.98
N LYS A 531 43.85 13.04 -28.34
CA LYS A 531 43.94 12.98 -26.89
C LYS A 531 42.57 13.24 -26.26
N ASN A 532 42.25 12.48 -25.22
CA ASN A 532 41.00 12.65 -24.46
C ASN A 532 39.74 12.33 -25.21
N GLU A 533 39.85 11.77 -26.42
CA GLU A 533 38.68 11.46 -27.21
C GLU A 533 38.02 10.16 -26.74
N PHE A 534 36.69 10.13 -26.77
CA PHE A 534 35.95 8.93 -26.40
C PHE A 534 36.18 7.83 -27.45
N ILE A 535 36.36 6.59 -27.01
CA ILE A 535 36.59 5.48 -27.92
C ILE A 535 35.39 4.52 -27.89
N SER A 536 35.00 4.13 -26.68
CA SER A 536 33.88 3.21 -26.51
C SER A 536 33.48 3.07 -25.06
N GLU A 537 32.24 2.66 -24.83
CA GLU A 537 31.78 2.43 -23.47
C GLU A 537 32.22 1.03 -23.18
N TYR A 538 32.58 0.77 -21.93
CA TYR A 538 32.95 -0.58 -21.53
C TYR A 538 31.69 -1.26 -21.01
N CYS A 539 31.11 -2.15 -21.80
CA CYS A 539 29.79 -2.66 -21.48
C CYS A 539 29.84 -4.09 -20.98
N GLY A 540 28.91 -4.42 -20.08
CA GLY A 540 28.76 -5.81 -19.68
C GLY A 540 27.55 -6.01 -18.79
N GLU A 541 27.54 -7.13 -18.08
CA GLU A 541 26.46 -7.37 -17.13
C GLU A 541 26.68 -6.53 -15.90
N ILE A 542 25.59 -6.00 -15.36
CA ILE A 542 25.63 -5.35 -14.06
C ILE A 542 25.23 -6.41 -13.03
N ILE A 543 26.08 -6.62 -12.04
CA ILE A 543 25.79 -7.58 -10.99
C ILE A 543 26.18 -6.93 -9.68
N SER A 544 25.69 -7.50 -8.57
CA SER A 544 25.95 -6.95 -7.25
C SER A 544 27.33 -7.35 -6.80
N GLN A 545 27.78 -6.71 -5.72
CA GLN A 545 29.05 -7.02 -5.11
C GLN A 545 29.07 -8.48 -4.66
N ASP A 546 27.91 -8.99 -4.25
CA ASP A 546 27.79 -10.38 -3.82
C ASP A 546 28.02 -11.33 -4.98
N GLU A 547 27.35 -11.07 -6.11
CA GLU A 547 27.48 -11.94 -7.27
C GLU A 547 28.93 -11.91 -7.78
N ALA A 548 29.58 -10.76 -7.64
CA ALA A 548 30.95 -10.64 -8.09
C ALA A 548 31.84 -11.52 -7.23
N ASP A 549 31.53 -11.62 -5.94
CA ASP A 549 32.25 -12.53 -5.07
C ASP A 549 32.14 -13.97 -5.56
N ARG A 550 30.92 -14.49 -5.64
CA ARG A 550 30.69 -15.80 -6.22
C ARG A 550 31.48 -15.97 -7.50
N ARG A 551 31.15 -15.15 -8.51
CA ARG A 551 31.77 -15.27 -9.83
C ARG A 551 33.28 -15.22 -9.75
N GLY A 552 33.79 -14.34 -8.89
CA GLY A 552 35.23 -14.17 -8.75
C GLY A 552 35.98 -15.40 -8.28
N LYS A 553 35.34 -16.24 -7.47
CA LYS A 553 35.92 -17.52 -7.10
C LYS A 553 36.12 -18.37 -8.34
N VAL A 554 35.08 -18.51 -9.15
CA VAL A 554 35.21 -19.26 -10.41
C VAL A 554 36.30 -18.67 -11.31
N TYR A 555 36.36 -17.35 -11.40
CA TYR A 555 37.26 -16.71 -12.35
C TYR A 555 38.73 -16.89 -11.97
N ASP A 556 39.01 -16.93 -10.67
CA ASP A 556 40.38 -17.01 -10.20
C ASP A 556 41.06 -18.27 -10.71
N LYS A 557 40.29 -19.36 -10.87
CA LYS A 557 40.84 -20.57 -11.44
C LYS A 557 41.54 -20.27 -12.75
N TYR A 558 41.19 -19.15 -13.37
CA TYR A 558 41.67 -18.89 -14.72
C TYR A 558 42.71 -17.78 -14.72
N MET A 559 43.02 -17.25 -13.54
CA MET A 559 44.14 -16.33 -13.40
C MET A 559 43.91 -15.13 -14.30
N CYS A 560 42.78 -14.48 -14.14
CA CYS A 560 42.13 -13.88 -15.29
C CYS A 560 40.75 -13.43 -14.86
N SER A 561 40.39 -12.20 -15.21
CA SER A 561 39.10 -11.66 -14.80
C SER A 561 38.73 -10.41 -15.57
N PHE A 562 37.43 -10.18 -15.74
CA PHE A 562 36.97 -9.00 -16.43
C PHE A 562 35.82 -8.33 -15.71
N LEU A 563 35.95 -8.24 -14.39
CA LEU A 563 35.06 -7.47 -13.54
C LEU A 563 35.61 -6.09 -13.30
N PHE A 564 34.76 -5.08 -13.39
CA PHE A 564 35.20 -3.73 -13.12
C PHE A 564 34.13 -3.02 -12.33
N ASN A 565 34.53 -2.45 -11.20
CA ASN A 565 33.58 -1.76 -10.35
C ASN A 565 32.93 -0.62 -11.07
N LEU A 566 31.64 -0.45 -10.82
CA LEU A 566 30.90 0.67 -11.34
C LEU A 566 30.70 1.67 -10.23
N ASN A 567 30.34 1.16 -9.05
CA ASN A 567 30.14 2.00 -7.89
C ASN A 567 30.08 1.11 -6.65
N ASN A 568 29.59 1.65 -5.55
CA ASN A 568 29.48 0.89 -4.32
C ASN A 568 28.58 -0.33 -4.45
N ASP A 569 27.64 -0.29 -5.37
CA ASP A 569 26.57 -1.29 -5.41
C ASP A 569 26.72 -2.30 -6.51
N PHE A 570 27.33 -1.88 -7.61
CA PHE A 570 27.32 -2.72 -8.80
C PHE A 570 28.69 -2.89 -9.44
N VAL A 571 28.87 -4.05 -10.03
CA VAL A 571 30.07 -4.33 -10.78
C VAL A 571 29.59 -4.62 -12.19
N VAL A 572 30.40 -4.25 -13.17
CA VAL A 572 30.12 -4.68 -14.53
C VAL A 572 31.13 -5.74 -14.94
N ASP A 573 30.62 -6.81 -15.55
CA ASP A 573 31.39 -8.02 -15.82
C ASP A 573 31.24 -8.32 -17.29
N ALA A 574 32.32 -8.12 -18.05
CA ALA A 574 32.29 -8.33 -19.49
C ALA A 574 32.57 -9.77 -19.88
N THR A 575 32.61 -10.66 -18.90
CA THR A 575 32.83 -12.08 -19.16
C THR A 575 31.83 -12.70 -20.14
N ARG A 576 30.53 -12.66 -19.80
CA ARG A 576 29.48 -13.28 -20.65
C ARG A 576 28.89 -12.34 -21.71
N LYS A 577 28.71 -11.07 -21.36
CA LYS A 577 28.24 -10.06 -22.30
C LYS A 577 29.13 -8.83 -22.24
N GLY A 578 29.33 -8.20 -23.39
CA GLY A 578 30.06 -6.95 -23.44
C GLY A 578 30.24 -6.58 -24.91
N ASN A 579 31.02 -5.54 -25.17
CA ASN A 579 31.33 -5.12 -26.53
C ASN A 579 32.83 -5.29 -26.76
N LYS A 580 33.29 -4.98 -27.98
CA LYS A 580 34.68 -5.26 -28.35
C LYS A 580 35.76 -4.65 -27.43
N ILE A 581 35.48 -3.50 -26.81
CA ILE A 581 36.52 -2.84 -26.03
C ILE A 581 37.01 -3.70 -24.85
N ARG A 582 36.36 -4.85 -24.64
CA ARG A 582 36.74 -5.74 -23.56
C ARG A 582 37.98 -6.53 -23.94
N PHE A 583 38.32 -6.51 -25.22
CA PHE A 583 39.59 -7.04 -25.69
C PHE A 583 40.74 -6.04 -25.56
N ALA A 584 40.53 -4.94 -24.85
CA ALA A 584 41.66 -4.08 -24.59
C ALA A 584 42.46 -4.67 -23.42
N ASN A 585 43.76 -4.88 -23.60
CA ASN A 585 44.57 -5.49 -22.56
C ASN A 585 45.02 -4.51 -21.52
N HIS A 586 45.53 -5.05 -20.41
CA HIS A 586 45.99 -4.24 -19.28
C HIS A 586 47.43 -3.81 -19.47
N SER A 587 47.76 -2.71 -18.82
CA SER A 587 49.10 -2.18 -18.90
C SER A 587 49.20 -1.08 -17.87
N VAL A 588 50.41 -0.89 -17.34
CA VAL A 588 50.65 0.25 -16.46
C VAL A 588 51.20 1.39 -17.27
N ASN A 589 51.38 1.17 -18.57
CA ASN A 589 51.68 2.26 -19.48
C ASN A 589 50.67 2.27 -20.63
N PRO A 590 49.40 2.58 -20.31
CA PRO A 590 48.26 2.60 -21.22
C PRO A 590 48.27 3.77 -22.22
N ASN A 591 47.51 3.63 -23.29
CA ASN A 591 47.24 4.75 -24.17
C ASN A 591 45.75 5.12 -24.06
N CYS A 592 45.08 4.50 -23.10
CA CYS A 592 43.66 4.76 -22.85
C CYS A 592 43.43 4.82 -21.35
N TYR A 593 42.41 5.55 -20.93
CA TYR A 593 41.99 5.47 -19.54
C TYR A 593 40.50 5.26 -19.46
N ALA A 594 40.03 4.90 -18.27
CA ALA A 594 38.60 4.66 -18.06
C ALA A 594 38.06 5.71 -17.11
N LYS A 595 36.93 6.29 -17.45
CA LYS A 595 36.27 7.26 -16.57
C LYS A 595 34.80 6.84 -16.39
N VAL A 596 34.34 6.80 -15.14
CA VAL A 596 32.94 6.51 -14.91
C VAL A 596 32.14 7.79 -14.89
N MET A 597 31.24 7.92 -15.86
CA MET A 597 30.38 9.08 -15.96
C MET A 597 29.04 8.77 -15.38
N MET A 598 28.38 9.78 -14.83
CA MET A 598 26.94 9.71 -14.64
C MET A 598 26.22 10.07 -15.96
N VAL A 599 25.34 9.19 -16.41
CA VAL A 599 24.69 9.36 -17.70
C VAL A 599 23.17 9.17 -17.63
N ASN A 600 22.43 10.26 -17.58
CA ASN A 600 20.99 10.19 -17.45
C ASN A 600 20.60 9.20 -16.36
N GLY A 601 21.29 9.29 -15.24
CA GLY A 601 20.90 8.51 -14.07
C GLY A 601 21.53 7.14 -13.96
N ASP A 602 22.34 6.77 -14.95
CA ASP A 602 23.11 5.52 -14.92
C ASP A 602 24.59 5.84 -14.84
N HIS A 603 25.33 5.10 -14.01
CA HIS A 603 26.79 5.11 -14.09
C HIS A 603 27.22 4.24 -15.26
N ARG A 604 27.96 4.82 -16.19
CA ARG A 604 28.50 4.02 -17.27
C ARG A 604 30.00 4.23 -17.37
N ILE A 605 30.70 3.27 -17.97
CA ILE A 605 32.15 3.37 -18.05
C ILE A 605 32.52 3.75 -19.45
N GLY A 606 33.17 4.91 -19.60
CA GLY A 606 33.65 5.28 -20.92
C GLY A 606 35.14 5.06 -21.03
N ILE A 607 35.58 4.53 -22.16
CA ILE A 607 37.02 4.44 -22.40
C ILE A 607 37.53 5.56 -23.32
N PHE A 608 38.48 6.34 -22.79
CA PHE A 608 39.03 7.50 -23.53
C PHE A 608 40.50 7.35 -23.90
N ALA A 609 40.87 7.83 -25.09
CA ALA A 609 42.28 7.92 -25.48
C ALA A 609 43.05 8.82 -24.49
N LYS A 610 44.23 8.38 -24.09
CA LYS A 610 45.01 9.12 -23.10
C LYS A 610 46.00 10.07 -23.79
N ARG A 611 46.29 9.75 -25.05
CA ARG A 611 47.14 10.53 -25.92
C ARG A 611 46.58 10.36 -27.32
N ALA A 612 47.04 11.16 -28.27
CA ALA A 612 46.69 10.87 -29.65
C ALA A 612 47.04 9.41 -29.95
N ILE A 613 46.30 8.77 -30.83
CA ILE A 613 46.56 7.39 -31.19
C ILE A 613 46.39 7.25 -32.69
N GLN A 614 47.27 6.50 -33.32
CA GLN A 614 47.25 6.42 -34.77
C GLN A 614 46.54 5.18 -35.29
N THR A 615 46.30 5.15 -36.60
CA THR A 615 45.71 3.99 -37.24
C THR A 615 46.39 2.74 -36.77
N GLY A 616 45.59 1.73 -36.45
CA GLY A 616 46.14 0.41 -36.24
C GLY A 616 46.73 0.13 -34.88
N GLU A 617 46.84 1.13 -34.02
CA GLU A 617 47.47 0.93 -32.72
C GLU A 617 46.64 0.02 -31.80
N GLU A 618 47.33 -0.82 -31.03
CA GLU A 618 46.68 -1.68 -30.04
C GLU A 618 46.30 -0.91 -28.79
N LEU A 619 45.16 -1.25 -28.20
CA LEU A 619 44.63 -0.48 -27.08
C LEU A 619 44.90 -1.15 -25.73
N PHE A 620 45.18 -0.32 -24.73
CA PHE A 620 45.50 -0.80 -23.39
C PHE A 620 44.96 0.24 -22.43
N PHE A 621 44.43 -0.21 -21.31
CA PHE A 621 44.28 0.72 -20.19
C PHE A 621 44.66 0.03 -18.87
N ASP A 622 44.77 0.81 -17.79
CA ASP A 622 45.31 0.28 -16.56
C ASP A 622 44.20 -0.23 -15.64
N TYR A 623 43.99 -1.55 -15.63
CA TYR A 623 42.86 -2.15 -14.92
C TYR A 623 42.86 -1.82 -13.44
N ARG A 624 43.96 -1.31 -12.93
CA ARG A 624 44.10 -1.20 -11.48
C ARG A 624 43.14 -0.18 -10.92
N TYR A 625 42.88 0.86 -11.68
CA TYR A 625 42.08 1.95 -11.18
C TYR A 625 40.59 1.58 -11.06
N SER A 626 40.14 0.77 -12.00
CA SER A 626 38.85 0.12 -11.89
C SER A 626 38.81 -0.77 -10.66
N GLN A 627 39.83 -1.60 -10.50
CA GLN A 627 39.87 -2.54 -9.39
C GLN A 627 39.99 -1.89 -8.03
N ALA A 628 40.15 -0.58 -7.98
CA ALA A 628 40.21 0.13 -6.70
C ALA A 628 38.90 0.87 -6.36
N ASP A 629 37.90 0.12 -5.93
CA ASP A 629 36.81 0.66 -5.10
C ASP A 629 37.28 0.38 -3.67
N ALA A 630 38.56 0.68 -3.42
CA ALA A 630 39.21 0.36 -2.16
C ALA A 630 38.44 0.92 -0.96
N GLU B 9 -61.50 -6.34 59.46
CA GLU B 9 -60.32 -6.15 58.57
C GLU B 9 -59.03 -6.52 59.30
N LYS B 10 -58.01 -6.93 58.52
CA LYS B 10 -56.89 -7.70 59.06
C LYS B 10 -55.78 -6.87 59.71
N GLY B 11 -54.91 -7.57 60.44
CA GLY B 11 -53.93 -6.91 61.29
C GLY B 11 -52.56 -6.68 60.68
N PRO B 12 -51.68 -5.98 61.42
CA PRO B 12 -50.36 -5.47 60.99
C PRO B 12 -49.34 -6.52 60.58
N ILE B 13 -48.97 -7.42 61.49
CA ILE B 13 -47.99 -8.46 61.16
C ILE B 13 -48.57 -9.33 60.06
N CYS B 14 -49.84 -9.12 59.75
CA CYS B 14 -50.47 -9.77 58.60
C CYS B 14 -50.20 -9.01 57.30
N TRP B 15 -50.52 -7.71 57.29
CA TRP B 15 -50.26 -6.89 56.12
C TRP B 15 -48.80 -6.94 55.73
N ARG B 16 -47.91 -6.61 56.66
CA ARG B 16 -46.48 -6.73 56.41
C ARG B 16 -46.11 -8.05 55.72
N LYS B 17 -46.72 -9.15 56.17
CA LYS B 17 -46.43 -10.45 55.59
C LYS B 17 -46.90 -10.49 54.13
N ARG B 18 -47.97 -9.77 53.82
CA ARG B 18 -48.44 -9.69 52.43
C ARG B 18 -47.49 -8.83 51.63
N VAL B 19 -47.23 -7.63 52.09
CA VAL B 19 -46.36 -6.73 51.36
C VAL B 19 -45.14 -7.51 50.91
N LYS B 20 -44.58 -8.29 51.83
CA LYS B 20 -43.43 -9.13 51.54
C LYS B 20 -43.78 -10.17 50.49
N SER B 21 -44.94 -10.79 50.65
CA SER B 21 -45.30 -11.92 49.81
C SER B 21 -45.59 -11.49 48.38
N GLU B 22 -46.17 -10.31 48.22
CA GLU B 22 -46.46 -9.79 46.89
C GLU B 22 -45.25 -9.12 46.24
N TYR B 23 -44.34 -8.60 47.06
CA TYR B 23 -43.12 -8.00 46.53
C TYR B 23 -42.20 -9.05 45.95
N MET B 24 -42.09 -10.19 46.60
CA MET B 24 -41.31 -11.29 46.03
C MET B 24 -42.00 -11.86 44.80
N ARG B 25 -43.32 -11.76 44.74
CA ARG B 25 -44.08 -12.25 43.61
C ARG B 25 -43.86 -11.33 42.42
N LEU B 26 -43.98 -10.04 42.65
CA LEU B 26 -43.78 -9.05 41.60
C LEU B 26 -42.33 -9.01 41.17
N ARG B 27 -41.41 -9.04 42.12
CA ARG B 27 -39.98 -8.97 41.82
C ARG B 27 -39.58 -10.13 40.95
N GLN B 28 -40.03 -11.33 41.29
CA GLN B 28 -39.62 -12.52 40.57
C GLN B 28 -40.37 -12.65 39.24
N LEU B 29 -41.54 -12.04 39.16
CA LEU B 29 -42.31 -12.01 37.92
C LEU B 29 -41.67 -11.05 36.92
N LYS B 30 -40.87 -10.12 37.43
CA LYS B 30 -40.15 -9.17 36.58
C LYS B 30 -38.78 -9.73 36.19
N ARG B 31 -38.07 -10.27 37.18
CA ARG B 31 -36.85 -11.04 36.91
C ARG B 31 -37.13 -11.98 35.73
N PHE B 32 -38.25 -12.70 35.80
CA PHE B 32 -38.67 -13.57 34.69
C PHE B 32 -38.85 -12.78 33.41
N ARG B 33 -39.82 -11.88 33.39
CA ARG B 33 -40.29 -11.31 32.14
C ARG B 33 -39.21 -10.50 31.42
N ARG B 34 -38.21 -10.01 32.17
CA ARG B 34 -37.18 -9.21 31.54
C ARG B 34 -36.09 -10.09 30.95
N ALA B 35 -35.93 -11.28 31.51
CA ALA B 35 -35.04 -12.28 30.93
C ALA B 35 -35.51 -12.68 29.55
N ASP B 36 -36.82 -12.70 29.34
CA ASP B 36 -37.39 -13.03 28.04
C ASP B 36 -37.14 -11.92 27.01
N GLU B 37 -37.13 -10.68 27.47
CA GLU B 37 -36.94 -9.54 26.57
C GLU B 37 -35.47 -9.32 26.22
N VAL B 38 -34.59 -9.58 27.19
CA VAL B 38 -33.16 -9.50 26.93
C VAL B 38 -32.79 -10.53 25.87
N LYS B 39 -33.08 -11.79 26.17
CA LYS B 39 -32.94 -12.89 25.24
C LYS B 39 -33.52 -12.58 23.85
N SER B 40 -34.70 -11.99 23.84
CA SER B 40 -35.35 -11.64 22.58
C SER B 40 -34.63 -10.49 21.89
N MET B 41 -34.23 -9.49 22.69
CA MET B 41 -33.46 -8.35 22.19
C MET B 41 -32.13 -8.82 21.59
N PHE B 42 -31.47 -9.76 22.27
CA PHE B 42 -30.17 -10.25 21.80
C PHE B 42 -30.27 -10.93 20.45
N ASN B 43 -31.23 -11.84 20.30
CA ASN B 43 -31.38 -12.57 19.05
C ASN B 43 -31.64 -11.58 17.92
N SER B 44 -32.63 -10.71 18.12
CA SER B 44 -32.94 -9.70 17.12
C SER B 44 -31.67 -8.93 16.74
N ASN B 45 -30.91 -8.55 17.76
CA ASN B 45 -29.72 -7.73 17.57
C ASN B 45 -28.74 -8.50 16.72
N ARG B 46 -28.63 -9.80 17.00
CA ARG B 46 -27.70 -10.70 16.33
C ARG B 46 -28.01 -10.78 14.84
N GLN B 47 -29.29 -10.83 14.50
CA GLN B 47 -29.69 -10.80 13.10
C GLN B 47 -29.17 -9.53 12.42
N LYS B 48 -29.41 -8.37 13.03
CA LYS B 48 -28.85 -7.11 12.54
C LYS B 48 -27.32 -7.17 12.32
N ILE B 49 -26.60 -7.78 13.26
CA ILE B 49 -25.16 -7.95 13.13
C ILE B 49 -24.82 -8.67 11.83
N GLN B 50 -25.27 -9.91 11.71
CA GLN B 50 -24.90 -10.72 10.57
C GLN B 50 -25.34 -10.12 9.23
N GLU B 51 -26.52 -9.50 9.19
CA GLU B 51 -26.97 -8.86 7.94
C GLU B 51 -26.01 -7.76 7.51
N ARG B 52 -25.56 -6.98 8.49
CA ARG B 52 -24.66 -5.84 8.26
C ARG B 52 -23.21 -6.28 8.15
N THR B 53 -22.83 -7.30 8.90
CA THR B 53 -21.48 -7.82 8.78
C THR B 53 -21.24 -8.33 7.37
N GLU B 54 -22.20 -9.09 6.86
CA GLU B 54 -22.12 -9.68 5.53
C GLU B 54 -22.02 -8.59 4.47
N ILE B 55 -22.72 -7.49 4.65
CA ILE B 55 -22.67 -6.37 3.71
C ILE B 55 -21.24 -5.92 3.53
N LEU B 56 -20.51 -5.82 4.65
CA LEU B 56 -19.13 -5.37 4.65
C LEU B 56 -18.22 -6.46 4.12
N ASN B 57 -18.54 -7.72 4.41
CA ASN B 57 -17.73 -8.85 3.93
C ASN B 57 -17.77 -8.86 2.42
N GLN B 58 -18.96 -8.69 1.86
CA GLN B 58 -19.09 -8.59 0.41
C GLN B 58 -18.31 -7.40 -0.13
N GLU B 59 -18.39 -6.26 0.54
CA GLU B 59 -17.59 -5.10 0.13
C GLU B 59 -16.10 -5.43 0.19
N TRP B 60 -15.70 -6.22 1.18
CA TRP B 60 -14.32 -6.62 1.36
C TRP B 60 -13.80 -7.49 0.23
N LYS B 61 -14.69 -8.24 -0.40
CA LYS B 61 -14.31 -9.11 -1.52
C LYS B 61 -14.06 -8.36 -2.83
N GLN B 62 -14.72 -7.22 -3.05
CA GLN B 62 -14.52 -6.48 -4.29
C GLN B 62 -13.12 -5.87 -4.27
N ARG B 63 -12.52 -5.83 -3.09
CA ARG B 63 -11.27 -5.13 -2.91
C ARG B 63 -10.08 -6.07 -2.98
N ARG B 64 -8.99 -5.57 -3.55
CA ARG B 64 -7.74 -6.30 -3.55
C ARG B 64 -6.62 -5.40 -3.05
N ILE B 65 -6.37 -5.46 -1.75
CA ILE B 65 -5.32 -4.65 -1.15
C ILE B 65 -3.99 -5.44 -1.09
N GLN B 66 -2.92 -4.79 -1.55
CA GLN B 66 -1.59 -5.38 -1.69
C GLN B 66 -1.02 -5.90 -0.38
N PRO B 67 -0.28 -7.01 -0.44
CA PRO B 67 0.36 -7.55 0.77
C PRO B 67 1.53 -6.68 1.17
N VAL B 68 1.75 -6.56 2.47
CA VAL B 68 2.91 -5.86 2.95
C VAL B 68 4.11 -6.80 2.96
N HIS B 69 5.29 -6.30 2.60
CA HIS B 69 6.48 -7.13 2.62
C HIS B 69 7.63 -6.62 3.48
N ILE B 70 8.77 -7.29 3.38
CA ILE B 70 9.88 -7.11 4.32
C ILE B 70 10.61 -5.78 4.10
N MET B 71 11.17 -5.25 5.19
CA MET B 71 11.74 -3.91 5.20
C MET B 71 13.16 -3.88 4.61
N THR B 72 13.37 -2.97 3.66
CA THR B 72 14.67 -2.80 3.03
C THR B 72 14.88 -1.35 2.61
N ARG B 81 20.93 1.85 11.36
CA ARG B 81 20.37 1.45 12.65
C ARG B 81 19.26 0.41 12.50
N GLU B 82 19.04 -0.39 13.55
CA GLU B 82 18.21 -1.59 13.43
C GLU B 82 17.38 -1.88 14.68
N CYS B 83 16.35 -2.70 14.50
CA CYS B 83 15.63 -3.25 15.64
C CYS B 83 15.61 -4.76 15.54
N SER B 84 15.25 -5.43 16.64
CA SER B 84 15.13 -6.88 16.62
C SER B 84 14.10 -7.35 17.62
N VAL B 85 13.62 -8.57 17.41
CA VAL B 85 12.66 -9.20 18.33
C VAL B 85 13.12 -10.63 18.70
N THR B 86 12.98 -10.96 19.98
CA THR B 86 13.35 -12.28 20.49
C THR B 86 12.10 -13.13 20.67
N SER B 87 12.29 -14.44 20.75
CA SER B 87 11.20 -15.32 21.13
C SER B 87 11.37 -15.89 22.53
N ASP B 88 10.28 -15.94 23.29
CA ASP B 88 10.28 -16.57 24.61
C ASP B 88 9.89 -18.04 24.49
N LEU B 89 9.60 -18.46 23.26
CA LEU B 89 9.38 -19.86 22.93
C LEU B 89 10.43 -20.37 21.93
N ASP B 90 11.67 -19.93 22.14
CA ASP B 90 12.84 -20.54 21.52
C ASP B 90 12.93 -20.39 20.00
N PHE B 91 12.04 -19.60 19.41
CA PHE B 91 12.18 -19.28 17.99
C PHE B 91 13.41 -18.39 17.73
N PRO B 92 13.97 -18.49 16.52
CA PRO B 92 15.17 -17.71 16.20
C PRO B 92 14.90 -16.20 16.27
N LYS B 93 15.85 -15.45 16.85
CA LYS B 93 15.73 -13.99 16.90
C LYS B 93 15.85 -13.37 15.50
N GLN B 94 15.09 -12.29 15.28
CA GLN B 94 15.02 -11.65 13.97
C GLN B 94 15.60 -10.25 14.04
N VAL B 95 16.24 -9.83 12.96
CA VAL B 95 16.83 -8.50 12.93
C VAL B 95 16.56 -7.85 11.60
N ILE B 96 16.11 -6.60 11.65
CA ILE B 96 15.54 -5.90 10.50
C ILE B 96 15.98 -4.44 10.61
N PRO B 97 16.03 -3.72 9.48
CA PRO B 97 16.27 -2.28 9.57
C PRO B 97 15.13 -1.49 10.24
N LEU B 98 15.50 -0.46 10.99
CA LEU B 98 14.54 0.40 11.69
C LEU B 98 14.45 1.77 11.02
N LYS B 99 13.40 1.97 10.22
CA LYS B 99 13.22 3.22 9.50
C LYS B 99 12.77 4.36 10.40
N THR B 100 13.33 5.54 10.16
CA THR B 100 13.03 6.72 10.95
C THR B 100 11.98 7.57 10.26
N LEU B 101 10.93 7.89 11.01
CA LEU B 101 9.91 8.80 10.50
C LEU B 101 10.43 10.21 10.66
N ASN B 102 10.35 11.00 9.60
CA ASN B 102 10.86 12.36 9.64
C ASN B 102 10.12 13.22 10.67
N ALA B 103 10.88 14.03 11.39
CA ALA B 103 10.34 14.86 12.44
C ALA B 103 9.20 15.72 11.95
N VAL B 104 8.27 15.99 12.86
CA VAL B 104 7.14 16.84 12.58
C VAL B 104 6.97 17.71 13.80
N ALA B 105 6.85 19.01 13.59
CA ALA B 105 6.67 19.93 14.71
C ALA B 105 5.25 19.86 15.25
N SER B 106 5.13 19.91 16.57
CA SER B 106 3.83 19.94 17.22
C SER B 106 3.46 21.36 17.61
N VAL B 107 2.20 21.59 17.94
CA VAL B 107 1.77 22.92 18.38
C VAL B 107 1.48 22.82 19.87
N PRO B 108 1.59 23.93 20.59
CA PRO B 108 1.55 23.82 22.05
C PRO B 108 0.26 23.18 22.51
N ILE B 109 0.22 22.78 23.77
CA ILE B 109 -0.97 22.16 24.35
C ILE B 109 -2.16 23.13 24.38
N MET B 110 -3.34 22.59 24.12
CA MET B 110 -4.58 23.33 24.32
C MET B 110 -5.74 22.41 24.65
N TYR B 111 -6.38 22.64 25.78
CA TYR B 111 -7.66 22.00 26.06
C TYR B 111 -8.85 22.71 25.42
N SER B 112 -9.88 21.92 25.16
CA SER B 112 -11.03 22.35 24.38
C SER B 112 -11.82 23.46 25.07
N TRP B 113 -12.31 24.42 24.28
CA TRP B 113 -13.09 25.53 24.84
C TRP B 113 -14.17 26.02 23.86
N SER B 114 -15.19 26.69 24.38
CA SER B 114 -16.24 27.23 23.54
C SER B 114 -16.20 28.76 23.42
N PRO B 115 -16.47 29.29 22.22
CA PRO B 115 -16.38 30.73 21.99
C PRO B 115 -17.53 31.49 22.62
N LEU B 116 -17.19 32.63 23.21
CA LEU B 116 -18.16 33.50 23.88
C LEU B 116 -17.89 34.87 23.30
N GLN B 117 -18.91 35.71 23.23
CA GLN B 117 -18.69 37.13 22.99
C GLN B 117 -19.26 37.94 24.15
N GLN B 118 -19.87 37.24 25.12
CA GLN B 118 -20.31 37.86 26.35
C GLN B 118 -20.32 36.86 27.51
N ASN B 119 -19.96 37.30 28.71
CA ASN B 119 -19.95 36.39 29.86
C ASN B 119 -21.18 35.50 30.02
N PHE B 120 -20.94 34.29 30.49
CA PHE B 120 -21.94 33.22 30.56
C PHE B 120 -21.98 32.70 32.00
N MET B 121 -23.15 32.68 32.61
CA MET B 121 -23.25 32.31 34.03
C MET B 121 -23.61 30.83 34.26
N VAL B 122 -22.91 30.19 35.22
CA VAL B 122 -23.15 28.79 35.54
C VAL B 122 -23.16 28.61 37.04
N GLU B 123 -24.04 27.73 37.54
CA GLU B 123 -24.25 27.60 38.99
C GLU B 123 -23.39 26.52 39.63
N ASP B 124 -23.30 26.58 40.95
CA ASP B 124 -22.38 25.73 41.68
C ASP B 124 -22.78 24.25 41.60
N ILE B 166 -36.06 -1.02 45.24
CA ILE B 166 -37.50 -0.91 44.96
C ILE B 166 -37.82 0.35 44.15
N ASN B 167 -37.77 0.22 42.83
CA ASN B 167 -37.99 1.34 41.92
C ASN B 167 -39.43 1.82 41.96
N ASP B 168 -39.76 2.75 41.07
CA ASP B 168 -41.09 3.35 41.05
C ASP B 168 -42.10 2.51 40.28
N GLU B 169 -41.67 1.92 39.18
CA GLU B 169 -42.53 1.02 38.43
C GLU B 169 -43.11 -0.08 39.34
N ILE B 170 -42.23 -0.80 40.04
CA ILE B 170 -42.67 -1.88 40.93
C ILE B 170 -43.46 -1.36 42.10
N PHE B 171 -43.06 -0.21 42.64
CA PHE B 171 -43.75 0.35 43.80
C PHE B 171 -45.26 0.40 43.55
N VAL B 172 -45.64 0.72 42.32
CA VAL B 172 -47.05 0.93 41.99
C VAL B 172 -47.78 -0.39 41.89
N GLU B 173 -47.11 -1.38 41.31
CA GLU B 173 -47.74 -2.69 41.13
C GLU B 173 -48.00 -3.31 42.47
N LEU B 174 -47.02 -3.17 43.37
CA LEU B 174 -47.15 -3.70 44.72
C LEU B 174 -48.34 -3.06 45.38
N VAL B 175 -48.38 -1.73 45.35
CA VAL B 175 -49.48 -1.01 45.96
C VAL B 175 -50.82 -1.50 45.44
N ASN B 176 -50.90 -1.69 44.12
CA ASN B 176 -52.15 -2.12 43.48
C ASN B 176 -52.50 -3.54 43.87
N ALA B 177 -51.52 -4.42 43.81
CA ALA B 177 -51.74 -5.81 44.18
C ALA B 177 -52.24 -5.85 45.62
N LEU B 178 -51.61 -5.06 46.48
CA LEU B 178 -51.99 -5.04 47.88
C LEU B 178 -53.43 -4.59 47.93
N GLY B 179 -53.75 -3.58 47.14
CA GLY B 179 -55.10 -3.05 47.09
C GLY B 179 -56.16 -4.10 46.78
N GLN B 180 -55.87 -4.96 45.80
CA GLN B 180 -56.87 -5.96 45.39
C GLN B 180 -57.12 -7.01 46.46
N LEU B 181 -56.15 -7.20 47.36
CA LEU B 181 -56.33 -8.08 48.51
C LEU B 181 -57.26 -7.42 49.54
N ASP B 182 -57.18 -6.09 49.65
CA ASP B 182 -58.01 -5.35 50.59
C ASP B 182 -59.47 -5.36 50.13
N ARG B 183 -59.66 -5.54 48.83
CA ARG B 183 -60.99 -5.64 48.25
C ARG B 183 -61.55 -7.04 48.46
N ARG B 184 -60.83 -8.05 47.96
CA ARG B 184 -61.22 -9.44 48.14
C ARG B 184 -61.32 -9.75 49.62
N ASP B 185 -60.74 -8.87 50.43
CA ASP B 185 -60.88 -8.95 51.88
C ASP B 185 -62.35 -8.83 52.27
N GLU B 186 -63.02 -7.81 51.73
CA GLU B 186 -64.42 -7.56 52.05
C GLU B 186 -65.35 -8.62 51.45
N LYS B 187 -65.48 -9.73 52.17
CA LYS B 187 -66.32 -10.86 51.77
C LYS B 187 -66.51 -11.82 52.94
N PRO B 207 -57.69 3.78 47.33
CA PRO B 207 -56.28 3.43 47.52
C PRO B 207 -55.91 3.32 49.01
N SER B 208 -56.22 2.18 49.61
CA SER B 208 -56.30 2.04 51.07
C SER B 208 -55.13 2.65 51.86
N ASP B 209 -55.32 2.76 53.19
CA ASP B 209 -54.40 3.53 54.02
C ASP B 209 -53.42 2.66 54.81
N LYS B 210 -53.86 1.46 55.20
CA LYS B 210 -52.99 0.56 55.96
C LYS B 210 -51.94 -0.05 55.03
N ILE B 211 -52.23 -0.07 53.74
CA ILE B 211 -51.31 -0.58 52.74
C ILE B 211 -50.03 0.26 52.65
N PHE B 212 -50.17 1.58 52.66
CA PHE B 212 -49.00 2.45 52.54
C PHE B 212 -48.15 2.42 53.79
N GLU B 213 -48.76 2.10 54.92
CA GLU B 213 -48.02 2.06 56.17
C GLU B 213 -47.25 0.76 56.29
N ALA B 214 -47.80 -0.30 55.71
CA ALA B 214 -47.12 -1.59 55.70
C ALA B 214 -45.92 -1.56 54.75
N ILE B 215 -46.06 -0.86 53.64
CA ILE B 215 -44.99 -0.76 52.67
C ILE B 215 -43.83 0.05 53.24
N SER B 216 -44.17 1.07 54.02
CA SER B 216 -43.14 1.91 54.63
C SER B 216 -42.42 1.19 55.77
N SER B 217 -43.01 0.10 56.23
CA SER B 217 -42.41 -0.68 57.31
C SER B 217 -41.41 -1.69 56.78
N MET B 218 -41.63 -2.15 55.56
CA MET B 218 -40.74 -3.13 54.95
C MET B 218 -39.63 -2.40 54.19
N PHE B 219 -39.90 -1.15 53.83
CA PHE B 219 -38.96 -0.33 53.08
C PHE B 219 -38.82 1.00 53.78
N PRO B 220 -38.40 0.97 55.05
CA PRO B 220 -38.39 2.23 55.79
C PRO B 220 -37.58 3.32 55.07
N ASP B 221 -36.71 2.88 54.18
CA ASP B 221 -35.80 3.77 53.45
C ASP B 221 -36.43 4.50 52.27
N LYS B 222 -37.27 3.81 51.50
CA LYS B 222 -37.81 4.35 50.25
C LYS B 222 -38.73 5.54 50.54
N GLY B 223 -38.99 5.78 51.82
CA GLY B 223 -39.86 6.87 52.21
C GLY B 223 -40.86 6.48 53.28
N THR B 224 -41.40 7.49 53.96
CA THR B 224 -42.38 7.30 55.02
C THR B 224 -43.75 6.96 54.46
N ALA B 225 -44.69 6.60 55.33
CA ALA B 225 -46.08 6.44 54.94
C ALA B 225 -46.48 7.60 54.03
N GLU B 226 -46.14 8.82 54.43
CA GLU B 226 -46.48 10.01 53.66
C GLU B 226 -45.90 9.95 52.25
N GLU B 227 -44.59 10.06 52.17
CA GLU B 227 -43.89 10.21 50.90
C GLU B 227 -44.35 9.18 49.88
N LEU B 228 -44.82 8.03 50.37
CA LEU B 228 -45.25 6.94 49.50
C LEU B 228 -46.67 7.14 48.97
N LYS B 229 -47.53 7.76 49.78
CA LYS B 229 -48.86 8.14 49.34
C LYS B 229 -48.75 9.22 48.26
N GLU B 230 -47.78 10.11 48.41
CA GLU B 230 -47.55 11.17 47.43
C GLU B 230 -46.94 10.59 46.14
N LYS B 231 -45.83 9.87 46.29
CA LYS B 231 -45.13 9.27 45.14
C LYS B 231 -46.06 8.42 44.28
N TYR B 232 -47.12 7.89 44.89
CA TYR B 232 -48.01 6.96 44.22
C TYR B 232 -48.96 7.71 43.29
N LYS B 233 -49.50 8.83 43.75
CA LYS B 233 -50.40 9.64 42.93
C LYS B 233 -49.71 10.05 41.63
N GLU B 234 -48.40 10.30 41.71
CA GLU B 234 -47.63 10.82 40.57
C GLU B 234 -47.31 9.78 39.51
N LEU B 235 -47.24 8.53 39.91
CA LEU B 235 -47.06 7.47 38.93
C LEU B 235 -48.45 6.98 38.50
N THR B 236 -49.48 7.72 38.90
CA THR B 236 -50.86 7.49 38.47
C THR B 236 -51.67 8.79 38.43
N THR B 249 -50.05 27.19 34.12
CA THR B 249 -49.62 26.47 32.93
C THR B 249 -50.83 26.13 32.00
N PRO B 250 -51.40 27.16 31.34
CA PRO B 250 -52.58 27.12 30.44
C PRO B 250 -52.38 26.83 28.94
N ASN B 251 -51.55 27.65 28.29
CA ASN B 251 -51.64 27.96 26.84
C ASN B 251 -52.97 28.60 26.46
N ILE B 252 -52.92 29.52 25.48
CA ILE B 252 -54.08 30.33 25.11
C ILE B 252 -54.36 30.26 23.61
N ASP B 253 -53.30 30.22 22.81
CA ASP B 253 -53.45 30.11 21.36
C ASP B 253 -54.10 28.80 20.99
N GLY B 254 -54.16 27.87 21.95
CA GLY B 254 -54.56 26.50 21.64
C GLY B 254 -56.05 26.20 21.75
N PRO B 255 -56.43 24.91 21.65
CA PRO B 255 -57.82 24.47 21.81
C PRO B 255 -58.26 24.33 23.28
N ASN B 256 -57.36 24.66 24.21
CA ASN B 256 -57.62 24.46 25.64
C ASN B 256 -57.47 25.74 26.47
N ALA B 257 -57.45 26.88 25.80
CA ALA B 257 -57.41 28.16 26.51
C ALA B 257 -58.46 28.17 27.61
N LYS B 258 -58.17 28.86 28.70
CA LYS B 258 -59.13 29.00 29.79
C LYS B 258 -59.50 30.46 29.96
N SER B 259 -60.50 30.72 30.81
CA SER B 259 -60.67 32.05 31.36
C SER B 259 -59.85 32.12 32.65
N VAL B 260 -58.87 33.01 32.66
CA VAL B 260 -57.86 33.03 33.71
C VAL B 260 -57.58 34.47 34.09
N GLN B 261 -57.02 34.69 35.28
CA GLN B 261 -56.56 36.03 35.66
C GLN B 261 -55.61 36.55 34.60
N ARG B 262 -55.31 37.84 34.63
CA ARG B 262 -54.31 38.39 33.71
C ARG B 262 -52.92 38.06 34.21
N GLU B 263 -52.70 38.20 35.51
CA GLU B 263 -51.40 37.91 36.11
C GLU B 263 -51.18 36.41 36.26
N GLN B 264 -51.72 35.63 35.32
CA GLN B 264 -51.50 34.20 35.29
C GLN B 264 -51.39 33.67 33.85
N SER B 265 -51.98 34.41 32.92
CA SER B 265 -51.67 34.24 31.51
C SER B 265 -50.30 34.86 31.23
N LEU B 266 -49.95 35.88 32.03
CA LEU B 266 -48.69 36.60 31.89
C LEU B 266 -47.63 36.13 32.89
N HIS B 267 -47.88 35.01 33.57
CA HIS B 267 -46.96 34.60 34.62
C HIS B 267 -45.61 34.16 34.08
N SER B 268 -45.60 33.29 33.08
CA SER B 268 -44.34 32.85 32.51
C SER B 268 -43.51 34.07 32.06
N PHE B 269 -44.10 34.90 31.22
CA PHE B 269 -43.38 36.04 30.67
C PHE B 269 -42.82 36.92 31.77
N HIS B 270 -43.50 37.00 32.90
CA HIS B 270 -43.11 37.94 33.93
C HIS B 270 -41.92 37.44 34.76
N THR B 271 -41.92 36.16 35.09
CA THR B 271 -40.89 35.61 35.96
C THR B 271 -39.65 35.20 35.16
N LEU B 272 -39.86 34.80 33.91
CA LEU B 272 -38.76 34.29 33.07
C LEU B 272 -38.07 35.36 32.22
N PHE B 273 -38.43 36.63 32.36
CA PHE B 273 -37.87 37.64 31.49
C PHE B 273 -36.90 38.56 32.18
N CYS B 274 -35.70 38.69 31.59
CA CYS B 274 -34.70 39.61 32.13
C CYS B 274 -34.86 41.03 31.60
N ARG B 275 -35.30 41.93 32.49
CA ARG B 275 -35.39 43.34 32.17
C ARG B 275 -34.05 43.90 31.67
N ARG B 276 -32.96 43.30 32.14
CA ARG B 276 -31.64 43.85 31.94
C ARG B 276 -31.05 43.57 30.56
N CYS B 277 -31.32 42.39 30.03
CA CYS B 277 -30.74 42.04 28.75
C CYS B 277 -31.77 41.55 27.72
N PHE B 278 -33.05 41.70 28.08
CA PHE B 278 -34.18 41.63 27.15
C PHE B 278 -34.42 40.25 26.57
N LYS B 279 -34.16 39.24 27.39
CA LYS B 279 -34.21 37.85 26.93
C LYS B 279 -34.87 36.97 27.99
N TYR B 280 -35.54 35.92 27.55
CA TYR B 280 -36.17 34.97 28.45
C TYR B 280 -35.19 33.93 28.96
N ASP B 281 -35.03 33.88 30.29
CA ASP B 281 -34.22 32.84 30.90
C ASP B 281 -32.78 33.10 30.47
N CYS B 282 -32.29 34.27 30.83
CA CYS B 282 -31.04 34.75 30.25
C CYS B 282 -29.85 34.05 30.86
N PHE B 283 -28.69 34.27 30.24
CA PHE B 283 -27.47 33.60 30.61
C PHE B 283 -26.60 34.43 31.55
N LEU B 284 -27.10 35.58 32.00
CA LEU B 284 -26.30 36.44 32.84
C LEU B 284 -26.87 36.75 34.21
N HIS B 285 -28.20 36.70 34.33
CA HIS B 285 -28.82 37.26 35.51
C HIS B 285 -29.69 36.25 36.27
N PRO B 286 -29.17 35.71 37.38
CA PRO B 286 -29.74 34.61 38.18
C PRO B 286 -30.94 35.00 39.03
N PHE B 287 -30.79 36.07 39.80
CA PHE B 287 -31.89 36.60 40.60
C PHE B 287 -33.05 36.94 39.69
N HIS B 288 -34.19 36.29 39.89
CA HIS B 288 -35.35 36.56 39.05
C HIS B 288 -35.81 38.02 39.21
N ALA B 289 -36.64 38.48 38.28
CA ALA B 289 -37.06 39.87 38.22
C ALA B 289 -37.83 40.31 39.46
N THR B 290 -37.49 41.48 39.98
CA THR B 290 -38.22 42.11 41.07
C THR B 290 -39.72 42.22 40.75
N PRO B 291 -40.58 42.07 41.78
CA PRO B 291 -42.04 42.06 41.59
C PRO B 291 -42.59 43.37 41.01
N ASN B 292 -41.99 44.48 41.43
CA ASN B 292 -42.39 45.81 40.98
C ASN B 292 -41.84 46.14 39.59
N THR B 293 -40.93 45.33 39.07
CA THR B 293 -40.32 45.64 37.78
C THR B 293 -41.23 45.29 36.61
N TYR B 294 -42.20 44.41 36.82
CA TYR B 294 -43.19 44.13 35.78
C TYR B 294 -44.54 44.75 36.11
N LYS B 295 -44.50 45.91 36.75
CA LYS B 295 -45.68 46.76 36.85
C LYS B 295 -45.29 48.23 36.70
N ARG B 296 -46.07 48.98 35.93
CA ARG B 296 -45.70 50.36 35.62
C ARG B 296 -46.55 51.41 36.31
N SER B 334 -64.80 32.70 25.01
CA SER B 334 -64.03 31.51 25.33
C SER B 334 -62.76 31.87 26.10
N GLY B 335 -62.00 30.83 26.45
CA GLY B 335 -60.75 31.03 27.16
C GLY B 335 -59.87 32.06 26.47
N ALA B 336 -59.54 31.78 25.22
CA ALA B 336 -58.83 32.73 24.37
C ALA B 336 -59.31 34.16 24.57
N GLU B 337 -60.63 34.36 24.55
CA GLU B 337 -61.21 35.70 24.58
C GLU B 337 -61.27 36.30 25.97
N ALA B 338 -61.72 35.53 26.95
CA ALA B 338 -61.96 36.07 28.29
C ALA B 338 -60.64 36.40 28.97
N SER B 339 -59.70 35.46 28.94
CA SER B 339 -58.39 35.70 29.52
C SER B 339 -57.77 36.93 28.89
N MET B 340 -57.69 36.94 27.57
CA MET B 340 -57.11 38.09 26.85
C MET B 340 -57.80 39.38 27.27
N PHE B 341 -59.06 39.27 27.69
CA PHE B 341 -59.80 40.44 28.12
C PHE B 341 -59.17 41.07 29.38
N ARG B 342 -58.93 40.25 30.40
CA ARG B 342 -58.40 40.73 31.67
C ARG B 342 -56.95 41.17 31.54
N VAL B 343 -56.19 40.50 30.69
CA VAL B 343 -54.82 40.91 30.42
C VAL B 343 -54.82 42.30 29.82
N LEU B 344 -55.67 42.49 28.82
CA LEU B 344 -55.68 43.74 28.05
C LEU B 344 -56.26 44.95 28.80
N ILE B 345 -57.10 44.69 29.79
CA ILE B 345 -57.68 45.76 30.61
C ILE B 345 -56.68 46.24 31.66
N GLY B 346 -55.76 45.36 32.05
CA GLY B 346 -54.69 45.74 32.95
C GLY B 346 -53.71 46.69 32.27
N THR B 347 -53.78 46.74 30.95
CA THR B 347 -52.88 47.58 30.18
C THR B 347 -53.66 48.76 29.61
N TYR B 348 -54.85 48.48 29.10
CA TYR B 348 -55.66 49.49 28.42
C TYR B 348 -56.77 50.05 29.30
N TYR B 349 -57.12 49.32 30.34
CA TYR B 349 -58.00 49.82 31.39
C TYR B 349 -59.48 49.89 31.02
N ASP B 350 -59.85 50.75 30.07
CA ASP B 350 -61.24 50.79 29.60
C ASP B 350 -61.44 51.43 28.22
N ASN B 351 -60.35 51.54 27.47
CA ASN B 351 -60.43 51.93 26.05
C ASN B 351 -60.94 50.70 25.32
N PHE B 352 -62.16 50.27 25.66
CA PHE B 352 -62.70 49.00 25.16
C PHE B 352 -62.76 49.03 23.64
N CYS B 353 -62.82 50.22 23.07
CA CYS B 353 -62.77 50.36 21.61
C CYS B 353 -61.48 49.70 21.15
N ALA B 354 -60.38 50.04 21.82
CA ALA B 354 -59.08 49.45 21.53
C ALA B 354 -59.04 48.00 21.98
N ILE B 355 -59.49 47.75 23.21
CA ILE B 355 -59.53 46.39 23.73
C ILE B 355 -60.31 45.50 22.77
N ALA B 356 -61.21 46.11 22.01
CA ALA B 356 -61.97 45.39 20.99
C ALA B 356 -61.01 45.04 19.86
N ARG B 357 -60.36 46.05 19.30
CA ARG B 357 -59.39 45.85 18.23
C ARG B 357 -58.40 44.73 18.56
N LEU B 358 -57.99 44.63 19.82
CA LEU B 358 -56.98 43.67 20.18
C LEU B 358 -57.55 42.31 20.54
N ILE B 359 -58.68 42.28 21.25
CA ILE B 359 -59.33 41.01 21.53
C ILE B 359 -59.89 40.41 20.24
N GLY B 360 -59.88 41.21 19.18
CA GLY B 360 -60.18 40.70 17.85
C GLY B 360 -61.66 40.50 17.58
N THR B 361 -62.26 39.53 18.28
CA THR B 361 -63.60 39.06 17.96
C THR B 361 -64.66 39.55 18.95
N LYS B 362 -64.61 40.86 19.24
CA LYS B 362 -65.64 41.55 20.02
C LYS B 362 -65.57 43.05 19.71
N THR B 363 -66.51 43.81 20.26
CA THR B 363 -66.74 45.20 19.87
C THR B 363 -66.77 46.14 21.08
N CYS B 364 -66.69 47.44 20.82
CA CYS B 364 -66.82 48.42 21.91
C CYS B 364 -67.79 47.83 22.92
N ARG B 365 -69.05 47.73 22.50
CA ARG B 365 -70.13 47.20 23.32
C ARG B 365 -69.76 45.88 23.99
N GLN B 366 -69.65 44.81 23.20
CA GLN B 366 -69.51 43.46 23.74
C GLN B 366 -68.47 43.35 24.87
N VAL B 367 -67.39 44.11 24.74
CA VAL B 367 -66.36 44.18 25.78
C VAL B 367 -66.90 44.92 27.00
N TYR B 368 -67.45 46.11 26.75
CA TYR B 368 -68.13 46.91 27.76
C TYR B 368 -69.09 46.05 28.62
N GLU B 369 -69.80 45.15 27.95
CA GLU B 369 -70.76 44.26 28.59
C GLU B 369 -70.05 43.17 29.39
N PHE B 370 -68.98 42.61 28.81
CA PHE B 370 -68.20 41.58 29.48
C PHE B 370 -67.54 42.16 30.73
N ARG B 371 -67.15 43.43 30.64
CA ARG B 371 -66.53 44.15 31.76
C ARG B 371 -67.42 44.10 33.00
N VAL B 372 -68.68 44.49 32.82
CA VAL B 372 -69.61 44.69 33.93
C VAL B 372 -69.89 43.38 34.66
N LYS B 373 -70.17 42.34 33.89
CA LYS B 373 -70.48 41.02 34.44
C LYS B 373 -69.33 40.45 35.28
N VAL B 414 -15.31 45.89 45.87
CA VAL B 414 -16.46 46.31 45.07
C VAL B 414 -17.47 45.17 45.00
N TYR B 415 -18.71 45.47 45.40
CA TYR B 415 -19.77 44.45 45.43
C TYR B 415 -20.53 44.40 44.11
N ASN B 416 -21.14 43.26 43.81
CA ASN B 416 -21.87 43.12 42.57
C ASN B 416 -23.16 43.93 42.68
N TYR B 417 -23.72 44.35 41.55
CA TYR B 417 -24.90 45.21 41.59
C TYR B 417 -26.19 44.44 41.43
N GLN B 418 -27.15 44.73 42.28
CA GLN B 418 -28.49 44.18 42.14
C GLN B 418 -29.51 45.30 42.24
N PRO B 419 -30.53 45.27 41.38
CA PRO B 419 -31.61 46.26 41.48
C PRO B 419 -32.21 46.23 42.88
N CYS B 420 -32.42 47.40 43.48
CA CYS B 420 -33.09 47.48 44.76
C CYS B 420 -34.60 47.68 44.57
N ASP B 421 -35.38 47.20 45.54
CA ASP B 421 -36.82 47.39 45.53
C ASP B 421 -37.41 47.39 46.93
N HIS B 422 -37.52 48.59 47.50
CA HIS B 422 -37.99 48.78 48.87
C HIS B 422 -39.11 49.82 48.83
N PRO B 423 -40.34 49.37 48.59
CA PRO B 423 -41.47 50.24 48.24
C PRO B 423 -41.76 51.31 49.31
N ARG B 424 -42.13 52.50 48.86
CA ARG B 424 -42.38 53.65 49.71
C ARG B 424 -41.28 53.79 50.77
N GLN B 425 -40.03 53.83 50.31
CA GLN B 425 -38.92 54.16 51.19
C GLN B 425 -37.68 54.65 50.44
N PRO B 426 -37.03 55.68 50.98
CA PRO B 426 -35.84 56.31 50.38
C PRO B 426 -34.63 55.40 50.36
N CYS B 427 -33.70 55.70 49.46
CA CYS B 427 -32.42 55.02 49.45
C CYS B 427 -31.51 55.71 50.45
N ASP B 428 -31.70 55.36 51.71
CA ASP B 428 -30.81 55.77 52.80
C ASP B 428 -29.94 54.58 53.17
N ASN B 429 -29.40 54.62 54.38
CA ASN B 429 -28.35 53.68 54.79
C ASN B 429 -28.85 52.25 54.96
N SER B 430 -30.17 52.07 54.90
CA SER B 430 -30.76 50.73 54.97
C SER B 430 -30.94 50.15 53.56
N CYS B 431 -30.74 50.99 52.55
CA CYS B 431 -30.83 50.58 51.14
C CYS B 431 -29.67 49.67 50.74
N PRO B 432 -29.97 48.56 50.05
CA PRO B 432 -28.94 47.59 49.66
C PRO B 432 -27.84 48.22 48.82
N CYS B 433 -28.24 49.01 47.82
CA CYS B 433 -27.27 49.63 46.93
C CYS B 433 -26.30 50.50 47.71
N VAL B 434 -26.84 51.34 48.58
CA VAL B 434 -26.02 52.22 49.42
C VAL B 434 -25.06 51.45 50.34
N ILE B 435 -25.48 50.30 50.84
CA ILE B 435 -24.63 49.50 51.72
C ILE B 435 -23.58 48.76 50.91
N ALA B 436 -23.94 48.41 49.68
CA ALA B 436 -23.00 47.74 48.77
C ALA B 436 -22.01 48.76 48.22
N GLN B 437 -22.28 50.04 48.47
CA GLN B 437 -21.41 51.11 48.03
C GLN B 437 -21.57 51.29 46.52
N ASN B 438 -22.74 50.95 45.99
CA ASN B 438 -22.98 51.09 44.57
C ASN B 438 -23.97 52.22 44.29
N PHE B 439 -23.87 52.82 43.11
CA PHE B 439 -24.92 53.70 42.63
C PHE B 439 -26.14 52.86 42.31
N CYS B 440 -27.31 53.48 42.40
CA CYS B 440 -28.49 52.85 41.84
C CYS B 440 -28.41 53.01 40.33
N GLU B 441 -29.01 52.08 39.60
CA GLU B 441 -29.04 52.16 38.15
C GLU B 441 -30.45 52.34 37.62
N LYS B 442 -30.58 52.37 36.31
CA LYS B 442 -31.87 52.51 35.65
C LYS B 442 -32.73 51.28 35.89
N PHE B 443 -32.19 50.31 36.62
CA PHE B 443 -32.87 49.03 36.80
C PHE B 443 -33.58 48.99 38.14
N CYS B 444 -33.21 49.89 39.04
CA CYS B 444 -33.81 49.96 40.35
C CYS B 444 -35.26 50.46 40.31
N GLN B 445 -36.04 50.04 41.30
CA GLN B 445 -37.44 50.45 41.42
C GLN B 445 -37.58 51.50 42.50
N CYS B 446 -36.85 52.61 42.36
CA CYS B 446 -36.89 53.67 43.36
C CYS B 446 -37.22 54.99 42.69
N SER B 447 -37.34 56.05 43.49
CA SER B 447 -37.71 57.35 42.96
C SER B 447 -36.81 57.70 41.78
N SER B 448 -37.43 58.04 40.66
CA SER B 448 -36.70 58.56 39.52
C SER B 448 -35.90 59.80 39.93
N GLU B 449 -36.14 60.29 41.14
CA GLU B 449 -35.35 61.39 41.68
C GLU B 449 -34.33 60.91 42.71
N CYS B 450 -34.13 59.60 42.82
CA CYS B 450 -33.22 59.06 43.82
C CYS B 450 -31.83 59.69 43.77
N GLN B 451 -31.38 60.22 44.90
CA GLN B 451 -30.10 60.90 45.00
C GLN B 451 -28.92 59.96 44.70
N ASN B 452 -29.16 58.66 44.73
CA ASN B 452 -28.07 57.70 44.61
C ASN B 452 -28.00 57.10 43.21
N ARG B 453 -28.89 57.54 42.33
CA ARG B 453 -28.83 57.15 40.93
C ARG B 453 -27.68 57.84 40.22
N PHE B 454 -27.05 57.12 39.29
CA PHE B 454 -25.99 57.72 38.52
C PHE B 454 -26.55 58.43 37.30
N PRO B 455 -26.31 59.73 37.21
CA PRO B 455 -26.93 60.67 36.29
C PRO B 455 -26.62 60.38 34.83
N GLY B 456 -25.43 59.87 34.56
CA GLY B 456 -24.94 59.87 33.20
C GLY B 456 -24.15 61.15 33.00
N CYS B 457 -23.72 61.39 31.77
CA CYS B 457 -22.86 62.53 31.48
C CYS B 457 -23.38 63.33 30.30
N ARG B 458 -23.17 64.65 30.36
CA ARG B 458 -23.65 65.56 29.33
C ARG B 458 -22.56 65.89 28.32
N CYS B 459 -21.48 65.10 28.33
CA CYS B 459 -20.40 65.26 27.37
C CYS B 459 -20.94 65.33 25.95
N LYS B 460 -20.15 65.90 25.05
CA LYS B 460 -20.58 66.05 23.67
C LYS B 460 -19.87 65.03 22.80
N ALA B 461 -18.72 64.54 23.28
CA ALA B 461 -17.96 63.48 22.62
C ALA B 461 -16.82 63.01 23.52
N GLN B 462 -16.05 62.04 23.02
CA GLN B 462 -14.85 61.53 23.71
C GLN B 462 -15.18 60.64 24.90
N CYS B 463 -15.23 61.26 26.09
CA CYS B 463 -15.66 60.58 27.32
C CYS B 463 -14.56 59.74 27.93
N ASN B 464 -13.32 60.06 27.58
CA ASN B 464 -12.21 59.23 28.04
C ASN B 464 -11.19 59.99 28.89
N THR B 465 -11.69 60.80 29.82
CA THR B 465 -10.84 61.61 30.68
C THR B 465 -11.57 61.89 31.99
N LYS B 466 -10.82 62.15 33.05
CA LYS B 466 -11.42 62.44 34.36
C LYS B 466 -12.42 63.61 34.29
N GLN B 467 -12.54 64.23 33.13
CA GLN B 467 -13.49 65.32 32.95
C GLN B 467 -14.93 64.78 32.89
N CYS B 468 -15.08 63.63 32.23
CA CYS B 468 -16.39 62.96 32.15
C CYS B 468 -16.66 62.06 33.36
N PRO B 469 -17.82 62.26 34.03
CA PRO B 469 -18.12 61.63 35.32
C PRO B 469 -18.17 60.10 35.29
N CYS B 470 -18.46 59.55 34.11
CA CYS B 470 -18.59 58.12 33.96
C CYS B 470 -17.22 57.44 33.96
N TYR B 471 -16.37 57.87 33.04
CA TYR B 471 -14.97 57.44 33.00
C TYR B 471 -14.34 57.53 34.39
N LEU B 472 -14.59 58.64 35.07
CA LEU B 472 -13.99 58.89 36.37
C LEU B 472 -14.50 57.89 37.40
N ALA B 473 -15.75 57.48 37.22
CA ALA B 473 -16.39 56.52 38.13
C ALA B 473 -16.02 55.10 37.72
N VAL B 474 -15.29 54.99 36.61
CA VAL B 474 -14.96 53.71 36.02
C VAL B 474 -16.21 52.95 35.53
N ARG B 475 -17.14 53.67 34.88
CA ARG B 475 -18.31 53.07 34.24
C ARG B 475 -18.21 53.39 32.75
N GLU B 476 -18.76 52.52 31.92
CA GLU B 476 -18.98 52.92 30.53
C GLU B 476 -20.22 53.81 30.53
N CYS B 477 -20.52 54.41 29.39
CA CYS B 477 -21.70 55.24 29.30
C CYS B 477 -22.95 54.39 29.14
N ASP B 478 -24.08 54.90 29.62
CA ASP B 478 -25.35 54.23 29.47
C ASP B 478 -26.10 54.81 28.29
N PRO B 479 -26.46 53.97 27.31
CA PRO B 479 -27.19 54.41 26.12
C PRO B 479 -28.61 54.88 26.42
N ASP B 480 -28.92 55.05 27.71
CA ASP B 480 -30.27 55.48 28.11
C ASP B 480 -30.15 56.69 29.04
N LEU B 481 -28.93 57.12 29.33
CA LEU B 481 -28.72 58.28 30.16
C LEU B 481 -27.79 59.26 29.48
N CYS B 482 -26.81 58.74 28.75
CA CYS B 482 -25.86 59.60 28.05
C CYS B 482 -26.45 59.98 26.71
N LEU B 483 -27.30 60.99 26.76
CA LEU B 483 -28.10 61.31 25.60
C LEU B 483 -27.30 62.13 24.61
N THR B 484 -26.12 62.56 25.04
CA THR B 484 -25.46 63.69 24.42
C THR B 484 -24.12 63.36 23.74
N CYS B 485 -23.43 62.36 24.24
CA CYS B 485 -22.06 62.09 23.77
C CYS B 485 -21.99 61.19 22.53
N GLY B 486 -23.04 60.41 22.28
CA GLY B 486 -23.03 59.57 21.10
C GLY B 486 -23.31 58.12 21.46
N ALA B 487 -23.28 57.83 22.75
CA ALA B 487 -23.42 56.47 23.25
C ALA B 487 -24.77 55.84 22.94
N ALA B 488 -25.77 56.68 22.67
CA ALA B 488 -27.14 56.18 22.55
C ALA B 488 -27.65 56.21 21.13
N ASP B 489 -26.75 56.40 20.17
CA ASP B 489 -27.17 56.56 18.78
C ASP B 489 -26.36 55.67 17.86
N HIS B 490 -26.62 55.80 16.56
CA HIS B 490 -25.82 55.16 15.51
C HIS B 490 -25.54 53.68 15.79
N TRP B 491 -26.57 52.95 16.18
CA TRP B 491 -26.42 51.56 16.59
C TRP B 491 -25.74 50.71 15.51
N ASP B 492 -25.74 51.21 14.29
CA ASP B 492 -25.24 50.46 13.15
C ASP B 492 -23.72 50.56 13.00
N SER B 493 -23.12 51.53 13.68
CA SER B 493 -21.66 51.64 13.69
C SER B 493 -21.12 51.22 15.05
N LYS B 494 -19.86 50.78 15.07
CA LYS B 494 -19.15 50.49 16.31
C LYS B 494 -18.21 51.62 16.71
N ASN B 495 -17.76 52.39 15.73
CA ASN B 495 -16.99 53.61 15.99
C ASN B 495 -17.93 54.81 16.11
N VAL B 496 -17.94 55.42 17.29
CA VAL B 496 -18.90 56.48 17.57
C VAL B 496 -18.23 57.65 18.27
N SER B 497 -18.84 58.82 18.13
CA SER B 497 -18.46 60.01 18.87
C SER B 497 -17.89 59.67 20.26
N CYS B 498 -18.55 58.74 20.94
CA CYS B 498 -18.21 58.41 22.31
C CYS B 498 -17.22 57.26 22.39
N LYS B 499 -16.12 57.48 23.10
CA LYS B 499 -15.04 56.50 23.13
C LYS B 499 -15.11 55.62 24.37
N ASN B 500 -16.23 55.70 25.12
CA ASN B 500 -16.37 54.98 26.36
C ASN B 500 -17.55 54.04 26.36
N CYS B 501 -17.70 53.27 25.29
CA CYS B 501 -18.73 52.25 25.25
C CYS B 501 -18.34 51.07 24.35
N SER B 502 -17.07 50.68 24.40
CA SER B 502 -16.53 49.62 23.54
C SER B 502 -16.96 48.23 23.98
N ILE B 503 -16.97 48.02 25.29
CA ILE B 503 -17.35 46.74 25.83
C ILE B 503 -18.79 46.40 25.48
N GLN B 504 -19.71 47.34 25.72
CA GLN B 504 -21.14 47.10 25.48
C GLN B 504 -21.54 46.88 24.03
N ARG B 505 -20.74 47.40 23.10
CA ARG B 505 -21.04 47.19 21.68
C ARG B 505 -20.10 46.11 21.13
N GLY B 506 -19.20 45.64 21.98
CA GLY B 506 -18.28 44.59 21.58
C GLY B 506 -17.38 44.98 20.42
N SER B 507 -16.84 46.18 20.48
CA SER B 507 -16.03 46.68 19.38
C SER B 507 -14.55 46.34 19.58
N LYS B 508 -14.29 45.03 19.52
CA LYS B 508 -12.98 44.46 19.83
C LYS B 508 -12.11 44.49 18.58
N LYS B 509 -10.80 44.44 18.78
CA LYS B 509 -9.85 44.46 17.68
C LYS B 509 -9.59 43.02 17.19
N HIS B 510 -9.12 42.90 15.95
CA HIS B 510 -8.85 41.61 15.35
C HIS B 510 -7.64 41.01 16.07
N LEU B 511 -7.73 39.73 16.45
CA LEU B 511 -6.65 39.05 17.18
C LEU B 511 -6.22 37.78 16.50
N LEU B 512 -4.93 37.50 16.57
CA LEU B 512 -4.35 36.34 15.90
C LEU B 512 -3.69 35.39 16.88
N LEU B 513 -3.80 34.09 16.59
CA LEU B 513 -3.36 33.01 17.46
C LEU B 513 -2.12 32.38 16.91
N ALA B 514 -1.06 32.41 17.69
CA ALA B 514 0.17 31.75 17.27
C ALA B 514 0.84 31.26 18.52
N PRO B 515 1.75 30.29 18.37
CA PRO B 515 2.57 29.94 19.52
C PRO B 515 3.28 31.18 20.04
N SER B 516 3.22 31.36 21.36
CA SER B 516 3.87 32.44 22.07
C SER B 516 5.39 32.43 21.85
N ASP B 517 6.03 33.57 22.05
CA ASP B 517 7.48 33.64 22.04
C ASP B 517 8.02 33.42 23.44
N VAL B 518 7.11 33.33 24.41
CA VAL B 518 7.46 32.87 25.73
C VAL B 518 7.18 31.36 25.83
N ALA B 519 5.98 31.00 26.27
CA ALA B 519 5.60 29.59 26.24
C ALA B 519 4.11 29.35 25.91
N GLY B 520 3.82 28.24 25.27
CA GLY B 520 2.42 27.91 25.05
C GLY B 520 1.89 28.69 23.88
N TRP B 521 0.62 29.11 23.98
CA TRP B 521 -0.02 29.92 22.97
C TRP B 521 -0.07 31.38 23.39
N GLY B 522 0.04 32.26 22.40
CA GLY B 522 -0.10 33.66 22.70
C GLY B 522 -1.02 34.28 21.68
N ILE B 523 -1.47 35.48 21.96
CA ILE B 523 -2.33 36.18 21.05
C ILE B 523 -1.63 37.42 20.48
N PHE B 524 -1.79 37.65 19.18
CA PHE B 524 -1.14 38.79 18.54
C PHE B 524 -2.16 39.71 17.86
N ILE B 525 -1.99 41.02 18.05
CA ILE B 525 -2.89 42.02 17.51
C ILE B 525 -2.59 42.27 16.03
N LYS B 526 -3.62 42.21 15.21
CA LYS B 526 -3.42 42.23 13.77
C LYS B 526 -3.11 43.63 13.27
N ASP B 527 -3.52 44.66 14.01
CA ASP B 527 -3.38 46.05 13.56
C ASP B 527 -2.95 46.99 14.69
N PRO B 528 -2.32 48.11 14.33
CA PRO B 528 -1.77 49.06 15.30
C PRO B 528 -2.83 49.63 16.23
N VAL B 529 -2.50 49.77 17.50
CA VAL B 529 -3.43 50.29 18.47
C VAL B 529 -2.72 51.35 19.30
N GLN B 530 -3.51 52.23 19.90
CA GLN B 530 -3.00 53.45 20.48
C GLN B 530 -3.06 53.38 22.00
N LYS B 531 -2.11 54.02 22.69
CA LYS B 531 -2.09 53.96 24.15
C LYS B 531 -3.52 54.05 24.69
N ASN B 532 -3.82 53.30 25.74
CA ASN B 532 -5.15 53.34 26.35
C ASN B 532 -6.30 52.91 25.46
N GLU B 533 -6.05 52.44 24.26
CA GLU B 533 -7.14 51.98 23.40
C GLU B 533 -7.65 50.59 23.81
N PHE B 534 -8.96 50.41 23.71
CA PHE B 534 -9.61 49.16 24.12
C PHE B 534 -9.30 48.09 23.07
N ILE B 535 -9.00 46.87 23.53
CA ILE B 535 -8.58 45.80 22.64
C ILE B 535 -9.65 44.73 22.54
N SER B 536 -10.06 44.21 23.70
CA SER B 536 -11.11 43.19 23.77
C SER B 536 -11.62 43.10 25.20
N GLU B 537 -12.84 42.58 25.35
CA GLU B 537 -13.35 42.21 26.67
C GLU B 537 -12.74 40.86 27.02
N TYR B 538 -12.42 40.65 28.28
CA TYR B 538 -12.01 39.31 28.72
C TYR B 538 -13.25 38.51 29.12
N CYS B 539 -13.74 37.66 28.24
CA CYS B 539 -14.99 36.95 28.49
C CYS B 539 -14.81 35.53 29.01
N GLY B 540 -15.76 35.08 29.83
CA GLY B 540 -15.74 33.71 30.30
C GLY B 540 -17.00 33.31 31.03
N GLU B 541 -16.93 32.21 31.78
CA GLU B 541 -18.04 31.80 32.60
C GLU B 541 -18.02 32.64 33.85
N ILE B 542 -19.20 32.93 34.38
CA ILE B 542 -19.27 33.64 35.66
C ILE B 542 -19.62 32.60 36.70
N ILE B 543 -18.77 32.46 37.71
CA ILE B 543 -19.01 31.48 38.75
C ILE B 543 -18.81 32.17 40.09
N SER B 544 -19.34 31.53 41.14
CA SER B 544 -19.24 32.04 42.51
C SER B 544 -17.84 31.83 43.03
N GLN B 545 -17.52 32.50 44.13
CA GLN B 545 -16.23 32.32 44.80
C GLN B 545 -16.12 30.86 45.24
N ASP B 546 -17.26 30.27 45.59
CA ASP B 546 -17.33 28.86 45.96
C ASP B 546 -16.87 27.98 44.80
N GLU B 547 -17.58 28.06 43.69
CA GLU B 547 -17.26 27.27 42.51
C GLU B 547 -15.83 27.49 42.00
N ALA B 548 -15.28 28.67 42.23
CA ALA B 548 -13.91 28.91 41.83
C ALA B 548 -12.95 28.21 42.79
N ASP B 549 -13.39 28.01 44.04
CA ASP B 549 -12.59 27.24 45.00
C ASP B 549 -12.49 25.78 44.55
N ARG B 550 -13.63 25.18 44.26
CA ARG B 550 -13.64 23.83 43.71
C ARG B 550 -12.71 23.79 42.51
N ARG B 551 -13.11 24.44 41.43
CA ARG B 551 -12.37 24.41 40.18
C ARG B 551 -10.88 24.62 40.39
N GLY B 552 -10.54 25.55 41.28
CA GLY B 552 -9.15 25.87 41.53
C GLY B 552 -8.32 24.69 42.00
N LYS B 553 -8.92 23.83 42.81
CA LYS B 553 -8.23 22.62 43.24
C LYS B 553 -7.88 21.79 42.02
N VAL B 554 -8.86 21.61 41.14
CA VAL B 554 -8.64 20.88 39.89
C VAL B 554 -7.58 21.54 38.99
N TYR B 555 -7.59 22.87 38.94
CA TYR B 555 -6.68 23.61 38.09
C TYR B 555 -5.25 23.58 38.60
N ASP B 556 -5.08 23.51 39.91
CA ASP B 556 -3.74 23.54 40.48
C ASP B 556 -2.88 22.36 40.01
N LYS B 557 -3.53 21.24 39.74
CA LYS B 557 -2.81 20.07 39.27
C LYS B 557 -2.10 20.36 37.97
N TYR B 558 -2.45 21.47 37.32
CA TYR B 558 -1.88 21.79 36.01
C TYR B 558 -0.90 22.97 36.05
N MET B 559 -0.74 23.56 37.22
CA MET B 559 0.22 24.64 37.43
C MET B 559 -0.09 25.87 36.57
N CYS B 560 -1.30 26.39 36.69
CA CYS B 560 -1.98 26.93 35.53
C CYS B 560 -3.40 27.28 35.92
N SER B 561 -3.89 28.43 35.45
CA SER B 561 -5.23 28.88 35.81
C SER B 561 -5.63 30.09 35.01
N PHE B 562 -6.93 30.23 34.78
CA PHE B 562 -7.44 31.39 34.04
C PHE B 562 -8.72 31.86 34.70
N LEU B 563 -8.67 31.92 36.03
CA LEU B 563 -9.69 32.56 36.84
C LEU B 563 -9.29 34.00 37.09
N PHE B 564 -10.25 34.92 36.95
CA PHE B 564 -9.99 36.31 37.18
C PHE B 564 -11.12 36.95 37.92
N ASN B 565 -10.81 37.52 39.08
CA ASN B 565 -11.84 38.09 39.93
C ASN B 565 -12.57 39.19 39.19
N LEU B 566 -13.90 39.13 39.28
CA LEU B 566 -14.74 40.16 38.71
C LEU B 566 -15.09 41.11 39.85
N ASN B 567 -15.56 40.56 40.95
CA ASN B 567 -15.88 41.34 42.13
C ASN B 567 -15.97 40.45 43.38
N ASN B 568 -16.59 40.97 44.43
CA ASN B 568 -16.72 40.21 45.69
C ASN B 568 -17.46 38.89 45.51
N ASP B 569 -18.36 38.83 44.54
CA ASP B 569 -19.32 37.72 44.43
C ASP B 569 -19.05 36.77 43.27
N PHE B 570 -18.36 37.26 42.24
CA PHE B 570 -18.17 36.45 41.05
C PHE B 570 -16.74 36.43 40.52
N VAL B 571 -16.36 35.27 39.99
CA VAL B 571 -15.10 35.11 39.31
C VAL B 571 -15.47 34.76 37.87
N VAL B 572 -14.71 35.30 36.92
CA VAL B 572 -14.87 34.88 35.55
C VAL B 572 -13.73 33.91 35.19
N ASP B 573 -14.08 32.87 34.45
CA ASP B 573 -13.19 31.74 34.22
C ASP B 573 -13.23 31.47 32.73
N ALA B 574 -12.10 31.68 32.06
CA ALA B 574 -12.03 31.56 30.61
C ALA B 574 -11.63 30.15 30.19
N THR B 575 -11.58 29.24 31.17
CA THR B 575 -11.11 27.88 30.93
C THR B 575 -11.98 27.14 29.90
N ARG B 576 -13.26 26.96 30.20
CA ARG B 576 -14.19 26.28 29.28
C ARG B 576 -14.83 27.19 28.24
N LYS B 577 -15.06 28.45 28.59
CA LYS B 577 -15.64 29.38 27.64
C LYS B 577 -14.94 30.72 27.75
N GLY B 578 -14.80 31.39 26.60
CA GLY B 578 -14.08 32.66 26.56
C GLY B 578 -13.90 33.07 25.12
N ASN B 579 -13.11 34.12 24.91
CA ASN B 579 -12.78 34.60 23.56
C ASN B 579 -11.26 34.60 23.47
N LYS B 580 -10.73 35.02 22.33
CA LYS B 580 -9.32 34.87 22.04
C LYS B 580 -8.41 35.60 23.01
N ILE B 581 -8.86 36.69 23.60
CA ILE B 581 -7.96 37.49 24.41
C ILE B 581 -7.42 36.66 25.59
N ARG B 582 -8.02 35.50 25.82
CA ARG B 582 -7.62 34.63 26.93
C ARG B 582 -6.25 33.98 26.69
N PHE B 583 -5.82 34.00 25.43
CA PHE B 583 -4.48 33.57 25.04
C PHE B 583 -3.42 34.68 25.21
N ALA B 584 -3.77 35.78 25.86
CA ALA B 584 -2.76 36.79 26.19
C ALA B 584 -2.00 36.30 27.42
N ASN B 585 -0.68 36.34 27.33
CA ASN B 585 0.10 35.77 28.41
C ASN B 585 0.40 36.73 29.54
N HIS B 586 0.75 36.18 30.69
CA HIS B 586 1.12 36.99 31.83
C HIS B 586 2.50 37.60 31.67
N SER B 587 2.70 38.73 32.33
CA SER B 587 3.98 39.41 32.36
C SER B 587 3.91 40.45 33.44
N VAL B 588 5.06 40.79 34.01
CA VAL B 588 5.13 41.91 34.94
C VAL B 588 5.68 43.13 34.21
N ASN B 589 5.87 42.98 32.90
CA ASN B 589 6.20 44.11 32.02
C ASN B 589 5.28 44.07 30.81
N PRO B 590 3.97 44.23 31.05
CA PRO B 590 2.93 44.12 30.02
C PRO B 590 2.93 45.25 28.99
N ASN B 591 2.26 45.02 27.87
CA ASN B 591 1.88 46.10 26.99
C ASN B 591 0.37 46.30 27.02
N CYS B 592 -0.29 45.64 27.97
CA CYS B 592 -1.74 45.72 28.14
C CYS B 592 -2.09 45.71 29.62
N TYR B 593 -3.22 46.31 29.96
CA TYR B 593 -3.74 46.19 31.31
C TYR B 593 -5.23 45.85 31.30
N ALA B 594 -5.71 45.33 32.43
CA ALA B 594 -7.12 45.01 32.59
C ALA B 594 -7.79 46.02 33.51
N LYS B 595 -8.97 46.49 33.12
CA LYS B 595 -9.77 47.38 33.96
C LYS B 595 -11.17 46.74 34.08
N VAL B 596 -11.68 46.61 35.30
CA VAL B 596 -13.06 46.15 35.43
C VAL B 596 -14.02 47.34 35.42
N MET B 597 -14.84 47.41 34.38
CA MET B 597 -15.80 48.49 34.27
C MET B 597 -17.16 48.06 34.74
N MET B 598 -17.95 49.04 35.19
CA MET B 598 -19.39 48.87 35.32
C MET B 598 -20.03 49.21 33.98
N VAL B 599 -20.82 48.28 33.43
CA VAL B 599 -21.33 48.44 32.09
C VAL B 599 -22.81 48.05 32.03
N ASN B 600 -23.67 49.07 32.05
CA ASN B 600 -25.12 48.87 32.11
C ASN B 600 -25.50 47.86 33.14
N GLY B 601 -24.88 47.97 34.33
CA GLY B 601 -25.27 47.14 35.45
C GLY B 601 -24.46 45.88 35.68
N ASP B 602 -23.70 45.45 34.67
CA ASP B 602 -22.79 44.31 34.83
C ASP B 602 -21.36 44.80 35.05
N HIS B 603 -20.61 44.09 35.89
CA HIS B 603 -19.15 44.22 35.90
C HIS B 603 -18.54 43.46 34.73
N ARG B 604 -17.72 44.13 33.93
CA ARG B 604 -17.11 43.47 32.77
C ARG B 604 -15.63 43.82 32.70
N ILE B 605 -14.81 42.88 32.24
CA ILE B 605 -13.38 43.13 32.23
C ILE B 605 -12.95 43.62 30.86
N GLY B 606 -12.40 44.83 30.82
CA GLY B 606 -11.84 45.31 29.56
C GLY B 606 -10.33 45.17 29.53
N ILE B 607 -9.80 44.76 28.39
CA ILE B 607 -8.35 44.76 28.19
C ILE B 607 -7.88 45.90 27.28
N PHE B 608 -7.02 46.75 27.82
CA PHE B 608 -6.58 47.95 27.11
C PHE B 608 -5.08 47.91 26.81
N ALA B 609 -4.68 48.48 25.67
CA ALA B 609 -3.26 48.75 25.43
C ALA B 609 -2.67 49.75 26.45
N LYS B 610 -1.46 49.47 26.92
CA LYS B 610 -0.84 50.25 28.00
C LYS B 610 0.14 51.26 27.39
N ARG B 611 0.44 51.03 26.13
CA ARG B 611 1.27 51.89 25.34
C ARG B 611 0.79 51.64 23.92
N ALA B 612 1.28 52.41 22.96
CA ALA B 612 0.99 52.10 21.57
C ALA B 612 1.55 50.71 21.27
N ILE B 613 0.90 49.99 20.38
CA ILE B 613 1.32 48.64 20.02
C ILE B 613 1.28 48.53 18.52
N GLN B 614 2.29 47.89 17.93
CA GLN B 614 2.37 47.83 16.49
C GLN B 614 1.81 46.57 15.90
N THR B 615 1.65 46.56 14.58
CA THR B 615 1.23 45.37 13.87
C THR B 615 2.00 44.15 14.36
N GLY B 616 1.27 43.09 14.70
CA GLY B 616 1.91 41.82 14.92
C GLY B 616 2.44 41.59 16.33
N GLU B 617 2.40 42.60 17.20
CA GLU B 617 2.96 42.46 18.54
C GLU B 617 2.19 41.48 19.42
N GLU B 618 2.89 40.81 20.31
CA GLU B 618 2.27 39.82 21.19
C GLU B 618 1.74 40.53 22.40
N LEU B 619 0.58 40.09 22.89
CA LEU B 619 -0.10 40.81 23.96
C LEU B 619 0.16 40.12 25.29
N PHE B 620 0.40 40.93 26.31
CA PHE B 620 0.65 40.42 27.64
C PHE B 620 -0.07 41.36 28.56
N PHE B 621 -0.62 40.86 29.65
CA PHE B 621 -0.92 41.76 30.75
C PHE B 621 -0.56 41.11 32.08
N ASP B 622 -0.68 41.86 33.17
CA ASP B 622 -0.17 41.41 34.46
C ASP B 622 -1.26 40.71 35.27
N TYR B 623 -1.23 39.38 35.35
CA TYR B 623 -2.33 38.64 35.97
C TYR B 623 -2.47 38.94 37.46
N ARG B 624 -1.43 39.51 38.06
CA ARG B 624 -1.42 39.62 39.52
C ARG B 624 -2.49 40.56 40.03
N TYR B 625 -2.81 41.59 39.26
CA TYR B 625 -3.77 42.58 39.75
C TYR B 625 -5.17 41.99 39.82
N SER B 626 -5.53 41.21 38.81
CA SER B 626 -6.78 40.46 38.86
C SER B 626 -6.80 39.57 40.09
N GLN B 627 -5.69 38.87 40.33
CA GLN B 627 -5.59 37.93 41.45
C GLN B 627 -5.56 38.58 42.84
N ALA B 628 -5.61 39.91 42.90
CA ALA B 628 -5.74 40.59 44.18
C ALA B 628 -7.13 41.21 44.38
N ASP B 629 -8.09 40.36 44.76
CA ASP B 629 -9.29 40.78 45.46
C ASP B 629 -8.97 40.33 46.90
N ALA B 630 -8.50 41.26 47.72
CA ALA B 630 -8.18 40.95 49.10
C ALA B 630 -9.39 41.20 50.01
N PHE C 3 -8.15 -22.42 21.89
CA PHE C 3 -6.96 -21.50 21.76
C PHE C 3 -5.74 -22.02 22.48
N LYS C 4 -4.63 -22.16 21.75
CA LYS C 4 -3.36 -22.62 22.32
C LYS C 4 -2.26 -21.59 22.07
N CYS C 5 -1.44 -21.33 23.08
CA CYS C 5 -0.34 -20.38 22.98
C CYS C 5 0.82 -20.94 22.14
N VAL C 6 1.19 -20.24 21.09
CA VAL C 6 1.97 -20.84 20.03
C VAL C 6 3.26 -20.06 19.75
N ASN C 7 3.48 -18.98 20.50
CA ASN C 7 4.67 -18.16 20.36
C ASN C 7 4.54 -16.91 21.22
N SER C 8 5.67 -16.38 21.66
CA SER C 8 5.70 -15.18 22.49
C SER C 8 6.89 -14.34 22.07
N LEU C 9 6.66 -13.05 21.78
CA LEU C 9 7.74 -12.14 21.37
C LEU C 9 8.09 -11.03 22.36
N LYS C 10 9.23 -10.39 22.10
CA LYS C 10 9.71 -9.27 22.91
C LYS C 10 10.42 -8.28 21.97
N GLU C 11 9.96 -7.03 21.99
CA GLU C 11 10.58 -5.98 21.20
C GLU C 11 11.65 -5.36 22.07
N ASP C 12 12.81 -5.06 21.46
CA ASP C 12 13.98 -4.66 22.23
C ASP C 12 13.78 -3.46 23.16
N HIS C 13 12.83 -2.59 22.86
CA HIS C 13 12.73 -1.33 23.57
C HIS C 13 12.26 -1.42 25.01
N ASN C 14 11.71 -2.56 25.41
CA ASN C 14 11.34 -2.76 26.81
C ASN C 14 10.22 -1.86 27.33
N GLN C 15 9.55 -1.14 26.43
CA GLN C 15 8.48 -0.22 26.84
C GLN C 15 7.11 -0.86 26.66
N PRO C 16 6.12 -0.42 27.43
CA PRO C 16 4.75 -0.87 27.20
C PRO C 16 4.31 -0.78 25.73
N LEU C 17 3.64 -1.83 25.26
CA LEU C 17 2.94 -1.78 24.00
C LEU C 17 1.46 -1.57 24.28
N PHE C 18 0.94 -0.44 23.83
CA PHE C 18 -0.43 -0.12 24.15
C PHE C 18 -1.36 -0.57 23.04
N GLY C 19 -0.83 -0.77 21.85
CA GLY C 19 -1.71 -1.00 20.72
C GLY C 19 -1.36 -2.16 19.81
N VAL C 20 -2.38 -2.92 19.41
CA VAL C 20 -2.19 -3.97 18.42
C VAL C 20 -3.39 -4.09 17.50
N GLN C 21 -3.14 -4.21 16.20
CA GLN C 21 -4.21 -4.31 15.22
C GLN C 21 -3.86 -5.24 14.07
N PHE C 22 -4.63 -6.30 13.89
CA PHE C 22 -4.54 -7.04 12.64
C PHE C 22 -5.02 -6.17 11.49
N ASN C 23 -4.58 -6.50 10.29
CA ASN C 23 -4.94 -5.76 9.08
C ASN C 23 -6.10 -6.48 8.41
N TRP C 24 -7.33 -6.07 8.72
CA TRP C 24 -8.49 -6.80 8.26
C TRP C 24 -8.75 -6.57 6.78
N HIS C 25 -7.83 -5.86 6.14
CA HIS C 25 -7.90 -5.64 4.69
C HIS C 25 -7.02 -6.60 3.88
N SER C 26 -6.28 -7.46 4.58
CA SER C 26 -5.48 -8.50 3.94
C SER C 26 -6.35 -9.33 3.03
N LYS C 27 -6.00 -9.36 1.76
CA LYS C 27 -6.71 -10.18 0.78
C LYS C 27 -6.78 -11.65 1.21
N GLU C 28 -7.84 -12.31 0.76
CA GLU C 28 -8.02 -13.73 1.00
C GLU C 28 -6.88 -14.49 0.33
N GLY C 29 -6.13 -15.24 1.12
CA GLY C 29 -4.91 -15.84 0.61
C GLY C 29 -3.66 -15.22 1.19
N ASP C 30 -3.56 -13.89 1.12
CA ASP C 30 -2.39 -13.18 1.65
C ASP C 30 -2.08 -13.58 3.09
N PRO C 31 -0.83 -13.44 3.50
CA PRO C 31 -0.48 -13.71 4.89
C PRO C 31 -1.12 -12.72 5.87
N LEU C 32 -1.37 -13.18 7.09
CA LEU C 32 -2.05 -12.37 8.10
C LEU C 32 -1.06 -11.44 8.75
N VAL C 33 -1.14 -10.15 8.47
CA VAL C 33 -0.27 -9.18 9.14
C VAL C 33 -0.95 -8.44 10.29
N PHE C 34 -0.21 -8.14 11.34
CA PHE C 34 -0.64 -7.20 12.35
C PHE C 34 0.42 -6.15 12.67
N ALA C 35 0.04 -5.11 13.42
CA ALA C 35 0.96 -4.03 13.75
C ALA C 35 0.94 -3.79 15.24
N THR C 36 2.00 -3.18 15.73
CA THR C 36 2.18 -2.95 17.15
C THR C 36 2.69 -1.55 17.36
N VAL C 37 2.26 -0.90 18.45
CA VAL C 37 2.77 0.42 18.77
C VAL C 37 3.07 0.58 20.26
N GLY C 38 4.13 1.30 20.55
CA GLY C 38 4.55 1.50 21.91
C GLY C 38 5.88 2.20 21.80
N SER C 39 6.40 2.66 22.94
CA SER C 39 7.59 3.50 22.91
C SER C 39 7.30 4.54 21.83
N ASN C 40 8.25 4.76 20.93
CA ASN C 40 8.05 5.68 19.82
C ASN C 40 8.14 4.92 18.52
N ARG C 41 7.62 3.70 18.52
CA ARG C 41 7.78 2.79 17.38
C ARG C 41 6.47 2.25 16.84
N VAL C 42 6.51 1.83 15.58
CA VAL C 42 5.42 1.12 14.95
C VAL C 42 6.07 -0.12 14.33
N THR C 43 5.48 -1.30 14.59
CA THR C 43 6.09 -2.54 14.11
C THR C 43 5.07 -3.37 13.35
N LEU C 44 5.49 -3.97 12.24
CA LEU C 44 4.61 -4.85 11.46
C LEU C 44 5.09 -6.31 11.46
N TYR C 45 4.16 -7.24 11.65
CA TYR C 45 4.49 -8.66 11.71
C TYR C 45 3.67 -9.49 10.74
N GLU C 46 4.30 -10.50 10.14
CA GLU C 46 3.58 -11.48 9.34
C GLU C 46 3.42 -12.79 10.13
N CYS C 47 2.23 -13.38 10.05
CA CYS C 47 1.93 -14.58 10.81
C CYS C 47 2.00 -15.83 9.93
N HIS C 48 2.69 -16.85 10.43
CA HIS C 48 2.85 -18.10 9.71
C HIS C 48 2.51 -19.32 10.58
N SER C 49 2.61 -20.51 9.99
CA SER C 49 2.19 -21.70 10.71
C SER C 49 3.20 -22.16 11.75
N GLN C 50 2.81 -23.18 12.51
CA GLN C 50 3.60 -23.64 13.64
C GLN C 50 4.15 -22.51 14.49
N GLY C 51 3.43 -21.39 14.53
CA GLY C 51 3.69 -20.36 15.52
C GLY C 51 4.68 -19.29 15.10
N GLU C 52 5.21 -19.39 13.88
CA GLU C 52 6.22 -18.44 13.45
C GLU C 52 5.59 -17.08 13.16
N ILE C 53 5.96 -16.09 13.95
CA ILE C 53 5.59 -14.71 13.69
C ILE C 53 6.82 -14.07 13.09
N ARG C 54 6.71 -13.61 11.85
CA ARG C 54 7.86 -13.02 11.18
C ARG C 54 7.87 -11.49 11.24
N LEU C 55 9.01 -10.92 11.61
CA LEU C 55 9.18 -9.46 11.66
C LEU C 55 9.31 -8.87 10.26
N LEU C 56 8.54 -7.83 9.98
CA LEU C 56 8.40 -7.33 8.62
C LEU C 56 8.92 -5.91 8.47
N GLN C 57 8.60 -5.06 9.44
CA GLN C 57 8.91 -3.65 9.35
C GLN C 57 9.01 -3.01 10.73
N SER C 58 9.78 -1.95 10.84
CA SER C 58 9.73 -1.15 12.06
C SER C 58 10.06 0.32 11.77
N TYR C 59 9.26 1.23 12.34
CA TYR C 59 9.51 2.65 12.20
C TYR C 59 9.73 3.26 13.55
N VAL C 60 10.46 4.37 13.59
CA VAL C 60 10.69 5.04 14.85
C VAL C 60 10.59 6.55 14.66
N ASP C 61 9.88 7.22 15.55
CA ASP C 61 9.64 8.63 15.36
C ASP C 61 10.93 9.37 15.58
N ALA C 62 11.23 10.29 14.67
CA ALA C 62 12.41 11.15 14.79
C ALA C 62 12.49 11.79 16.16
N ASP C 63 11.39 11.80 16.88
CA ASP C 63 11.33 12.44 18.19
C ASP C 63 11.39 11.38 19.29
N ALA C 64 12.30 11.55 20.25
CA ALA C 64 12.49 10.55 21.28
C ALA C 64 11.35 10.58 22.29
N ASP C 65 10.68 11.72 22.35
CA ASP C 65 9.59 11.90 23.31
C ASP C 65 8.20 11.58 22.77
N GLU C 66 8.08 11.23 21.50
CA GLU C 66 6.83 10.65 21.02
C GLU C 66 6.60 9.31 21.69
N ASN C 67 5.34 9.02 21.99
CA ASN C 67 4.97 7.73 22.58
C ASN C 67 3.64 7.32 21.94
N PHE C 68 3.69 6.41 20.96
CA PHE C 68 2.51 6.01 20.20
C PHE C 68 1.55 5.16 21.02
N TYR C 69 0.26 5.53 21.04
CA TYR C 69 -0.74 4.81 21.84
C TYR C 69 -1.60 3.88 21.01
N THR C 70 -1.76 4.21 19.75
CA THR C 70 -2.82 3.58 18.98
C THR C 70 -2.40 3.58 17.52
N CYS C 71 -3.07 2.76 16.72
CA CYS C 71 -2.88 2.74 15.28
C CYS C 71 -4.17 2.17 14.68
N ALA C 72 -4.34 2.32 13.37
CA ALA C 72 -5.44 1.68 12.69
C ALA C 72 -5.16 1.59 11.21
N TRP C 73 -5.64 0.50 10.61
CA TRP C 73 -5.39 0.20 9.22
C TRP C 73 -6.50 0.73 8.31
N THR C 74 -6.10 1.38 7.23
CA THR C 74 -7.03 1.68 6.15
C THR C 74 -6.35 1.30 4.82
N TYR C 75 -6.90 1.77 3.71
CA TYR C 75 -6.29 1.54 2.40
C TYR C 75 -6.52 2.76 1.51
N ASP C 76 -5.84 2.80 0.38
CA ASP C 76 -6.01 3.89 -0.58
C ASP C 76 -6.84 3.37 -1.75
N SER C 77 -7.99 4.00 -2.00
CA SER C 77 -8.97 3.48 -2.95
C SER C 77 -8.37 3.19 -4.33
N ASN C 78 -7.40 4.01 -4.71
CA ASN C 78 -6.86 4.00 -6.07
C ASN C 78 -5.62 3.11 -6.17
N THR C 79 -4.79 3.17 -5.14
CA THR C 79 -3.49 2.52 -5.17
C THR C 79 -3.61 1.08 -4.64
N SER C 80 -4.64 0.84 -3.84
CA SER C 80 -4.87 -0.45 -3.20
C SER C 80 -3.82 -0.78 -2.15
N HIS C 81 -3.08 0.23 -1.72
CA HIS C 81 -2.09 0.05 -0.66
C HIS C 81 -2.71 0.06 0.72
N PRO C 82 -2.22 -0.81 1.60
CA PRO C 82 -2.63 -0.72 3.00
C PRO C 82 -2.08 0.59 3.53
N LEU C 83 -2.69 1.14 4.56
CA LEU C 83 -2.18 2.34 5.18
C LEU C 83 -2.38 2.21 6.68
N LEU C 84 -1.40 2.65 7.44
CA LEU C 84 -1.47 2.48 8.88
C LEU C 84 -1.41 3.86 9.47
N ALA C 85 -2.41 4.21 10.28
CA ALA C 85 -2.40 5.46 10.99
C ALA C 85 -1.95 5.18 12.40
N VAL C 86 -1.10 6.01 12.96
CA VAL C 86 -0.64 5.82 14.32
C VAL C 86 -0.66 7.19 14.97
N ALA C 87 -0.74 7.25 16.30
CA ALA C 87 -0.72 8.51 17.01
C ALA C 87 -0.55 8.24 18.50
N GLY C 88 -0.33 9.30 19.27
CA GLY C 88 -0.20 9.13 20.70
C GLY C 88 0.02 10.45 21.40
N SER C 89 0.96 10.50 22.34
CA SER C 89 1.03 11.59 23.30
C SER C 89 1.32 12.97 22.71
N ARG C 90 1.90 13.02 21.53
CA ARG C 90 2.28 14.29 20.94
C ARG C 90 1.15 14.89 20.13
N GLY C 91 -0.03 14.31 20.24
CA GLY C 91 -1.19 14.83 19.54
C GLY C 91 -1.08 14.82 18.02
N ILE C 92 -0.27 13.92 17.48
CA ILE C 92 0.03 13.98 16.07
C ILE C 92 -0.31 12.66 15.41
N ILE C 93 -0.89 12.74 14.22
CA ILE C 93 -1.32 11.56 13.50
C ILE C 93 -0.42 11.44 12.30
N ARG C 94 0.22 10.29 12.17
CA ARG C 94 0.94 9.94 10.96
C ARG C 94 0.20 8.85 10.18
N ILE C 95 0.18 8.99 8.87
CA ILE C 95 -0.29 7.93 7.99
C ILE C 95 0.92 7.27 7.34
N ILE C 96 1.23 6.04 7.76
CA ILE C 96 2.35 5.31 7.18
C ILE C 96 1.92 4.38 6.04
N ASN C 97 2.70 4.38 4.97
CA ASN C 97 2.43 3.57 3.79
C ASN C 97 3.47 2.47 3.76
N PRO C 98 3.12 1.30 4.28
CA PRO C 98 4.06 0.19 4.50
C PRO C 98 4.54 -0.41 3.19
N ILE C 99 3.85 -0.10 2.10
CA ILE C 99 4.30 -0.51 0.78
C ILE C 99 5.51 0.29 0.33
N THR C 100 5.62 1.52 0.83
CA THR C 100 6.53 2.50 0.28
C THR C 100 7.52 2.93 1.35
N MET C 101 7.29 2.49 2.58
CA MET C 101 8.16 2.84 3.70
C MET C 101 8.16 4.35 3.94
N GLN C 102 7.12 5.03 3.42
CA GLN C 102 6.95 6.47 3.62
C GLN C 102 6.00 6.77 4.77
N CYS C 103 6.26 7.85 5.48
CA CYS C 103 5.21 8.52 6.23
C CYS C 103 4.65 9.58 5.28
N ILE C 104 3.48 9.31 4.71
CA ILE C 104 2.99 10.07 3.58
C ILE C 104 2.15 11.31 3.91
N LYS C 105 1.46 11.29 5.04
CA LYS C 105 0.71 12.46 5.52
C LYS C 105 0.90 12.60 7.05
N HIS C 106 0.60 13.78 7.58
CA HIS C 106 0.45 13.95 9.02
C HIS C 106 -0.50 15.11 9.37
N TYR C 107 -1.13 15.03 10.55
CA TYR C 107 -2.11 16.02 10.95
C TYR C 107 -1.78 16.56 12.34
N VAL C 108 -1.44 17.83 12.41
CA VAL C 108 -1.26 18.46 13.71
C VAL C 108 -2.54 19.26 13.96
N GLY C 109 -2.97 19.33 15.22
CA GLY C 109 -4.25 19.99 15.46
C GLY C 109 -4.90 19.69 16.79
N HIS C 110 -5.04 18.42 17.15
CA HIS C 110 -5.48 18.12 18.50
C HIS C 110 -4.61 18.88 19.49
N GLY C 111 -5.20 19.26 20.61
CA GLY C 111 -4.49 20.16 21.51
C GLY C 111 -3.80 19.41 22.62
N ASN C 112 -3.89 18.09 22.57
CA ASN C 112 -3.14 17.22 23.46
C ASN C 112 -3.07 15.82 22.87
N ALA C 113 -2.82 14.81 23.71
CA ALA C 113 -2.55 13.45 23.22
C ALA C 113 -3.76 12.71 22.63
N ILE C 114 -3.47 11.83 21.69
CA ILE C 114 -4.49 11.09 20.98
C ILE C 114 -4.67 9.66 21.45
N ASN C 115 -5.77 9.38 22.14
CA ASN C 115 -5.94 8.09 22.80
C ASN C 115 -6.43 6.95 21.90
N GLU C 116 -7.29 7.27 20.93
CA GLU C 116 -7.71 6.27 19.97
C GLU C 116 -7.77 6.78 18.55
N LEU C 117 -7.83 5.86 17.61
CA LEU C 117 -7.86 6.18 16.21
C LEU C 117 -8.77 5.13 15.57
N LYS C 118 -9.72 5.56 14.76
CA LYS C 118 -10.62 4.64 14.10
C LYS C 118 -10.96 5.07 12.66
N PHE C 119 -11.01 4.12 11.74
CA PHE C 119 -11.41 4.41 10.36
C PHE C 119 -12.86 4.04 10.11
N HIS C 120 -13.52 4.84 9.28
CA HIS C 120 -14.91 4.61 8.95
C HIS C 120 -14.93 3.26 8.25
N PRO C 121 -15.93 2.43 8.58
CA PRO C 121 -16.04 1.07 8.03
C PRO C 121 -16.32 0.97 6.53
N ARG C 122 -16.76 2.06 5.93
CA ARG C 122 -17.16 2.00 4.53
C ARG C 122 -16.46 3.06 3.68
N ASP C 123 -15.98 4.13 4.33
CA ASP C 123 -15.19 5.17 3.67
C ASP C 123 -13.75 5.18 4.17
N PRO C 124 -12.82 4.56 3.45
CA PRO C 124 -11.44 4.39 3.94
C PRO C 124 -10.73 5.69 4.26
N ASN C 125 -11.34 6.80 3.89
CA ASN C 125 -10.67 8.09 4.01
C ASN C 125 -11.08 8.87 5.26
N LEU C 126 -12.07 8.37 5.99
CA LEU C 126 -12.56 9.10 7.16
C LEU C 126 -11.96 8.58 8.46
N LEU C 127 -11.13 9.40 9.10
CA LEU C 127 -10.43 8.97 10.31
C LEU C 127 -11.02 9.66 11.53
N LEU C 128 -11.38 8.88 12.55
CA LEU C 128 -11.82 9.46 13.81
C LEU C 128 -10.66 9.39 14.79
N SER C 129 -10.24 10.56 15.29
CA SER C 129 -9.27 10.64 16.38
C SER C 129 -9.94 11.09 17.65
N VAL C 130 -9.60 10.45 18.75
CA VAL C 130 -10.15 10.73 20.08
C VAL C 130 -9.02 11.24 20.96
N SER C 131 -9.24 12.25 21.78
CA SER C 131 -8.09 12.97 22.37
C SER C 131 -8.15 13.37 23.85
N LYS C 132 -6.99 13.67 24.42
CA LYS C 132 -6.87 14.10 25.81
C LYS C 132 -7.33 15.54 25.97
N ASP C 133 -7.52 16.22 24.85
CA ASP C 133 -7.99 17.62 24.84
C ASP C 133 -9.50 17.78 25.05
N HIS C 134 -10.20 16.65 25.18
CA HIS C 134 -11.63 16.58 25.45
C HIS C 134 -12.50 16.43 24.21
N ALA C 135 -11.90 16.32 23.03
CA ALA C 135 -12.68 16.32 21.79
C ALA C 135 -12.41 15.09 20.93
N LEU C 136 -13.33 14.74 20.04
CA LEU C 136 -12.97 13.84 18.94
C LEU C 136 -12.83 14.69 17.70
N ARG C 137 -12.09 14.21 16.70
CA ARG C 137 -12.05 14.87 15.39
C ARG C 137 -12.23 13.86 14.28
N LEU C 138 -12.95 14.26 13.25
CA LEU C 138 -13.11 13.44 12.07
C LEU C 138 -12.29 14.10 10.97
N TRP C 139 -11.37 13.35 10.38
CA TRP C 139 -10.53 13.88 9.31
C TRP C 139 -10.92 13.23 7.99
N ASN C 140 -10.82 13.97 6.89
CA ASN C 140 -10.84 13.33 5.59
C ASN C 140 -9.43 13.33 5.01
N ILE C 141 -8.80 12.16 4.95
CA ILE C 141 -7.38 12.09 4.65
C ILE C 141 -7.07 12.03 3.15
N GLN C 142 -8.13 12.01 2.33
CA GLN C 142 -7.98 12.14 0.89
C GLN C 142 -7.81 13.60 0.52
N THR C 143 -8.46 14.48 1.27
CA THR C 143 -8.50 15.89 0.92
C THR C 143 -7.88 16.73 2.04
N ASP C 144 -7.25 16.05 2.98
CA ASP C 144 -6.50 16.70 4.04
C ASP C 144 -7.29 17.73 4.84
N THR C 145 -8.54 17.40 5.17
CA THR C 145 -9.44 18.38 5.76
C THR C 145 -10.05 17.89 7.05
N LEU C 146 -10.29 18.84 7.96
CA LEU C 146 -10.90 18.52 9.24
C LEU C 146 -12.41 18.63 9.10
N VAL C 147 -13.08 17.50 8.88
CA VAL C 147 -14.52 17.50 8.67
C VAL C 147 -15.33 18.07 9.83
N ALA C 148 -14.96 17.73 11.06
CA ALA C 148 -15.74 18.16 12.21
C ALA C 148 -14.99 18.01 13.52
N ILE C 149 -15.39 18.78 14.54
CA ILE C 149 -14.89 18.60 15.90
C ILE C 149 -16.07 18.25 16.82
N PHE C 150 -16.05 17.06 17.41
CA PHE C 150 -17.10 16.67 18.34
C PHE C 150 -16.71 17.01 19.77
N GLY C 151 -16.93 18.25 20.17
CA GLY C 151 -16.68 18.68 21.52
C GLY C 151 -17.33 20.05 21.71
N GLY C 152 -17.29 20.60 22.92
CA GLY C 152 -17.93 21.87 23.18
C GLY C 152 -18.83 21.84 24.42
N VAL C 153 -19.86 22.67 24.43
CA VAL C 153 -20.65 22.84 25.65
C VAL C 153 -21.26 21.57 26.22
N GLU C 154 -21.56 20.59 25.37
CA GLU C 154 -22.10 19.32 25.86
C GLU C 154 -21.31 18.11 25.37
N GLY C 155 -20.08 18.36 24.92
CA GLY C 155 -19.12 17.30 24.71
C GLY C 155 -18.50 16.87 26.03
N HIS C 156 -17.47 16.04 25.95
CA HIS C 156 -16.82 15.51 27.13
C HIS C 156 -16.12 16.61 27.92
N ARG C 157 -16.22 16.51 29.24
CA ARG C 157 -15.67 17.49 30.16
C ARG C 157 -14.23 17.09 30.53
N ASP C 158 -13.79 15.96 30.02
CA ASP C 158 -12.48 15.43 30.39
C ASP C 158 -11.93 14.61 29.23
N GLU C 159 -10.77 14.02 29.41
CA GLU C 159 -10.08 13.25 28.38
C GLU C 159 -10.99 12.20 27.73
N VAL C 160 -10.95 12.10 26.41
CA VAL C 160 -11.73 11.06 25.74
C VAL C 160 -10.83 9.86 25.52
N LEU C 161 -11.28 8.67 25.88
CA LEU C 161 -10.37 7.53 25.94
C LEU C 161 -10.58 6.56 24.79
N SER C 162 -11.75 6.64 24.15
CA SER C 162 -12.15 5.59 23.24
C SER C 162 -13.35 6.03 22.39
N ALA C 163 -13.55 5.35 21.27
CA ALA C 163 -14.67 5.63 20.38
C ALA C 163 -14.79 4.51 19.36
N ASP C 164 -15.95 4.42 18.73
CA ASP C 164 -16.19 3.33 17.81
C ASP C 164 -17.27 3.72 16.84
N TYR C 165 -17.07 3.43 15.56
CA TYR C 165 -18.17 3.44 14.62
C TYR C 165 -18.99 2.17 14.82
N ASP C 166 -20.25 2.20 14.44
CA ASP C 166 -21.04 0.98 14.37
C ASP C 166 -20.81 0.36 13.00
N LEU C 167 -21.31 -0.85 12.79
CA LEU C 167 -21.02 -1.60 11.58
C LEU C 167 -21.13 -0.83 10.27
N LEU C 168 -22.24 -0.12 10.05
CA LEU C 168 -22.43 0.56 8.76
C LEU C 168 -21.86 1.97 8.70
N GLY C 169 -21.38 2.48 9.83
CA GLY C 169 -20.71 3.77 9.80
C GLY C 169 -21.67 4.94 9.80
N GLU C 170 -22.73 4.83 10.59
CA GLU C 170 -23.76 5.86 10.64
C GLU C 170 -23.64 6.70 11.89
N LYS C 171 -23.12 6.11 12.95
CA LYS C 171 -23.02 6.78 14.24
C LYS C 171 -21.77 6.32 15.04
N ILE C 172 -21.22 7.25 15.81
CA ILE C 172 -20.03 7.10 16.63
C ILE C 172 -20.43 7.11 18.12
N MET C 173 -19.83 6.24 18.93
CA MET C 173 -20.10 6.27 20.36
C MET C 173 -18.77 6.52 21.08
N SER C 174 -18.74 7.49 21.97
CA SER C 174 -17.48 7.81 22.59
C SER C 174 -17.59 7.74 24.11
N CYS C 175 -16.45 7.53 24.76
CA CYS C 175 -16.42 7.50 26.22
C CYS C 175 -15.13 8.14 26.71
N GLY C 176 -15.09 8.48 27.99
CA GLY C 176 -13.85 8.96 28.55
C GLY C 176 -13.87 9.13 30.05
N MET C 177 -13.02 10.02 30.55
CA MET C 177 -12.69 10.12 31.96
C MET C 177 -13.75 10.83 32.77
N ASP C 178 -14.66 11.52 32.11
CA ASP C 178 -15.75 12.14 32.83
C ASP C 178 -16.88 11.17 33.10
N HIS C 179 -16.61 9.87 32.91
CA HIS C 179 -17.55 8.78 33.22
C HIS C 179 -18.59 8.60 32.14
N SER C 180 -18.44 9.34 31.06
CA SER C 180 -19.56 9.59 30.18
C SER C 180 -19.45 8.80 28.89
N LEU C 181 -20.58 8.30 28.40
CA LEU C 181 -20.63 7.76 27.04
C LEU C 181 -21.56 8.62 26.21
N LYS C 182 -21.17 8.90 24.98
CA LYS C 182 -21.88 9.86 24.16
C LYS C 182 -22.05 9.36 22.73
N LEU C 183 -23.20 9.66 22.14
CA LEU C 183 -23.53 9.17 20.81
C LEU C 183 -23.46 10.33 19.85
N TRP C 184 -22.80 10.15 18.72
CA TRP C 184 -22.70 11.21 17.71
C TRP C 184 -23.09 10.64 16.35
N ARG C 185 -24.23 11.04 15.84
CA ARG C 185 -24.72 10.51 14.57
C ARG C 185 -23.98 11.20 13.43
N ILE C 186 -23.54 10.44 12.44
CA ILE C 186 -22.95 11.06 11.27
C ILE C 186 -23.74 10.79 10.02
N ASN C 187 -24.97 10.30 10.17
CA ASN C 187 -25.88 10.25 9.02
C ASN C 187 -26.99 11.30 9.11
N SER C 188 -26.81 12.31 9.95
CA SER C 188 -27.64 13.50 9.88
C SER C 188 -27.38 14.21 8.56
N LYS C 189 -28.27 15.09 8.14
CA LYS C 189 -28.05 15.87 6.93
C LYS C 189 -26.83 16.78 7.12
N ARG C 190 -26.72 17.41 8.29
CA ARG C 190 -25.55 18.24 8.55
C ARG C 190 -24.26 17.48 8.30
N MET C 191 -24.12 16.33 8.94
CA MET C 191 -22.87 15.60 8.86
C MET C 191 -22.64 15.10 7.45
N MET C 192 -23.63 14.43 6.87
CA MET C 192 -23.45 13.91 5.53
C MET C 192 -23.07 15.04 4.56
N ASN C 193 -23.63 16.21 4.79
CA ASN C 193 -23.35 17.35 3.92
C ASN C 193 -21.91 17.79 4.09
N ALA C 194 -21.47 17.86 5.35
CA ALA C 194 -20.09 18.24 5.66
C ALA C 194 -19.08 17.28 5.02
N ILE C 195 -19.38 15.98 5.03
CA ILE C 195 -18.50 14.99 4.44
C ILE C 195 -18.43 15.18 2.93
N LYS C 196 -19.59 15.42 2.33
CA LYS C 196 -19.65 15.63 0.89
C LYS C 196 -18.84 16.88 0.60
N GLU C 197 -19.08 17.91 1.41
CA GLU C 197 -18.40 19.20 1.28
C GLU C 197 -16.88 19.05 1.46
N SER C 198 -16.45 18.04 2.19
CA SER C 198 -15.02 17.87 2.46
C SER C 198 -14.33 17.30 1.24
N TYR C 199 -15.03 16.44 0.51
CA TYR C 199 -14.48 15.87 -0.69
C TYR C 199 -14.47 16.92 -1.81
N ASP C 200 -15.25 17.97 -1.67
CA ASP C 200 -15.29 19.01 -2.68
C ASP C 200 -14.16 20.00 -2.49
N TYR C 201 -13.73 20.17 -1.26
CA TYR C 201 -12.82 21.24 -0.92
C TYR C 201 -11.52 21.19 -1.71
N ASN C 202 -11.28 22.21 -2.51
CA ASN C 202 -10.03 22.31 -3.25
C ASN C 202 -9.26 23.55 -2.80
N PRO C 203 -8.16 23.35 -2.06
CA PRO C 203 -7.40 24.48 -1.52
C PRO C 203 -6.83 25.37 -2.61
N ASN C 204 -6.69 24.80 -3.79
CA ASN C 204 -6.08 25.48 -4.92
C ASN C 204 -7.07 26.38 -5.64
N LYS C 205 -8.35 26.18 -5.41
CA LYS C 205 -9.38 27.01 -6.06
C LYS C 205 -10.12 27.91 -5.07
N THR C 206 -9.44 28.35 -4.01
CA THR C 206 -10.08 29.23 -3.04
C THR C 206 -9.13 29.90 -2.06
N ASN C 207 -9.60 31.01 -1.51
CA ASN C 207 -8.82 31.81 -0.58
C ASN C 207 -9.30 31.60 0.84
N ARG C 208 -10.36 30.80 0.99
CA ARG C 208 -10.87 30.52 2.32
C ARG C 208 -10.58 29.07 2.72
N PRO C 209 -10.42 28.83 4.04
CA PRO C 209 -10.17 27.50 4.59
C PRO C 209 -11.46 26.71 4.56
N PHE C 210 -11.36 25.39 4.62
CA PHE C 210 -12.56 24.58 4.71
C PHE C 210 -13.22 24.82 6.06
N ILE C 211 -14.54 24.85 6.08
CA ILE C 211 -15.28 25.14 7.31
C ILE C 211 -15.58 23.84 8.06
N SER C 212 -14.94 23.68 9.20
CA SER C 212 -15.12 22.46 9.99
C SER C 212 -16.41 22.56 10.81
N GLN C 213 -17.21 21.50 10.79
CA GLN C 213 -18.37 21.48 11.66
C GLN C 213 -17.91 21.55 13.11
N LYS C 214 -18.62 22.31 13.92
CA LYS C 214 -18.44 22.20 15.35
C LYS C 214 -19.72 21.64 15.94
N ILE C 215 -19.73 20.33 16.16
CA ILE C 215 -20.80 19.66 16.87
C ILE C 215 -20.59 19.80 18.40
N HIS C 216 -21.36 20.67 19.05
CA HIS C 216 -21.27 20.82 20.51
C HIS C 216 -22.20 19.90 21.30
N PHE C 217 -23.05 19.17 20.59
CA PHE C 217 -24.19 18.49 21.20
C PHE C 217 -24.34 17.07 20.71
N PRO C 218 -24.06 16.08 21.58
CA PRO C 218 -24.23 14.67 21.25
C PRO C 218 -25.71 14.30 21.13
N ASP C 219 -26.01 13.25 20.38
CA ASP C 219 -27.37 12.79 20.17
C ASP C 219 -27.87 12.00 21.37
N PHE C 220 -26.99 11.79 22.32
CA PHE C 220 -27.34 11.07 23.52
C PHE C 220 -26.08 11.05 24.38
N SER C 221 -26.26 11.07 25.69
CA SER C 221 -25.16 11.09 26.63
C SER C 221 -25.66 10.46 27.93
N THR C 222 -24.83 9.65 28.56
CA THR C 222 -25.19 9.03 29.84
C THR C 222 -23.96 8.95 30.73
N ARG C 223 -24.16 9.18 32.02
CA ARG C 223 -23.10 9.08 33.00
C ARG C 223 -23.43 7.95 33.96
N ASP C 224 -24.38 7.10 33.58
CA ASP C 224 -25.08 6.23 34.53
C ASP C 224 -24.71 4.74 34.45
N ILE C 225 -23.92 4.36 33.45
CA ILE C 225 -23.54 2.96 33.26
C ILE C 225 -22.38 2.58 34.17
N HIS C 226 -21.34 3.41 34.19
CA HIS C 226 -20.17 3.14 35.01
C HIS C 226 -19.95 4.22 36.05
N ARG C 227 -19.25 3.86 37.13
CA ARG C 227 -18.98 4.79 38.20
C ARG C 227 -17.52 5.26 38.22
N ASN C 228 -16.87 5.24 37.05
CA ASN C 228 -15.53 5.77 36.95
C ASN C 228 -15.19 6.01 35.48
N TYR C 229 -13.96 6.40 35.19
CA TYR C 229 -13.59 6.67 33.81
C TYR C 229 -13.95 5.44 32.98
N VAL C 230 -14.31 5.67 31.71
CA VAL C 230 -14.69 4.59 30.81
C VAL C 230 -13.66 4.57 29.72
N ASP C 231 -12.92 3.47 29.59
CA ASP C 231 -11.73 3.48 28.75
C ASP C 231 -11.85 2.61 27.51
N CYS C 232 -12.95 1.88 27.38
CA CYS C 232 -13.21 1.20 26.12
C CYS C 232 -14.69 1.17 25.82
N VAL C 233 -15.05 1.33 24.55
CA VAL C 233 -16.42 1.18 24.12
C VAL C 233 -16.41 0.60 22.72
N ARG C 234 -17.41 -0.20 22.41
CA ARG C 234 -17.51 -0.87 21.11
C ARG C 234 -18.98 -1.14 20.91
N TRP C 235 -19.45 -1.06 19.68
CA TRP C 235 -20.80 -1.48 19.36
C TRP C 235 -20.85 -2.99 19.21
N LEU C 236 -21.91 -3.60 19.74
CA LEU C 236 -22.32 -4.94 19.37
C LEU C 236 -23.73 -4.82 18.83
N GLY C 237 -23.85 -4.56 17.54
CA GLY C 237 -25.15 -4.38 16.94
C GLY C 237 -25.61 -2.95 17.14
N ASP C 238 -26.83 -2.78 17.65
CA ASP C 238 -27.27 -1.47 18.09
C ASP C 238 -27.11 -1.36 19.62
N LEU C 239 -26.55 -2.40 20.22
CA LEU C 239 -26.26 -2.43 21.64
C LEU C 239 -24.82 -1.96 21.88
N ILE C 240 -24.53 -1.47 23.09
CA ILE C 240 -23.19 -1.00 23.40
C ILE C 240 -22.49 -1.91 24.40
N LEU C 241 -21.19 -2.09 24.21
CA LEU C 241 -20.34 -2.76 25.20
C LEU C 241 -19.29 -1.77 25.67
N SER C 242 -19.23 -1.56 26.99
CA SER C 242 -18.25 -0.64 27.56
C SER C 242 -17.77 -1.09 28.93
N LYS C 243 -16.54 -0.69 29.26
CA LYS C 243 -15.95 -1.06 30.53
C LYS C 243 -15.29 0.12 31.20
N SER C 244 -15.30 0.07 32.52
CA SER C 244 -14.56 1.02 33.36
C SER C 244 -13.42 0.23 33.98
N CYS C 245 -13.23 0.41 35.28
CA CYS C 245 -12.25 -0.35 36.05
C CYS C 245 -12.92 -1.06 37.23
N GLU C 246 -14.21 -1.33 37.08
CA GLU C 246 -15.01 -2.06 38.06
C GLU C 246 -15.08 -3.56 37.73
N ASN C 247 -14.17 -4.01 36.89
CA ASN C 247 -14.02 -5.42 36.56
C ASN C 247 -15.20 -6.09 35.83
N ALA C 248 -15.92 -5.32 35.04
CA ALA C 248 -16.95 -5.89 34.17
C ALA C 248 -17.00 -5.16 32.83
N ILE C 249 -17.32 -5.89 31.77
CA ILE C 249 -17.79 -5.26 30.55
C ILE C 249 -19.30 -5.26 30.58
N VAL C 250 -19.90 -4.08 30.35
CA VAL C 250 -21.32 -3.92 30.50
C VAL C 250 -22.00 -3.84 29.15
N CYS C 251 -23.05 -4.63 28.97
CA CYS C 251 -23.88 -4.53 27.78
C CYS C 251 -25.10 -3.72 28.15
N TRP C 252 -25.40 -2.70 27.35
CA TRP C 252 -26.49 -1.78 27.63
C TRP C 252 -26.92 -1.10 26.32
N LYS C 253 -28.10 -0.48 26.34
CA LYS C 253 -28.56 0.33 25.23
C LYS C 253 -29.12 1.63 25.76
N PRO C 254 -29.19 2.67 24.91
CA PRO C 254 -29.85 3.92 25.34
C PRO C 254 -31.36 3.74 25.30
N GLY C 255 -32.06 4.45 26.19
CA GLY C 255 -33.50 4.33 26.24
C GLY C 255 -33.95 3.16 27.09
N LYS C 256 -35.25 2.89 27.07
CA LYS C 256 -35.83 1.72 27.73
C LYS C 256 -35.75 0.52 26.79
N MET C 257 -36.05 -0.65 27.32
CA MET C 257 -35.74 -1.90 26.64
C MET C 257 -36.21 -1.94 25.20
N GLU C 258 -37.39 -1.38 24.95
CA GLU C 258 -37.98 -1.52 23.62
C GLU C 258 -37.71 -0.31 22.73
N ASP C 259 -36.95 0.66 23.23
CA ASP C 259 -36.63 1.86 22.46
C ASP C 259 -35.62 1.58 21.35
N ASP C 260 -35.81 2.20 20.21
CA ASP C 260 -35.00 1.95 19.03
C ASP C 260 -33.84 2.95 19.01
N ILE C 261 -32.62 2.44 18.93
CA ILE C 261 -31.44 3.30 18.95
C ILE C 261 -31.64 4.49 18.01
N ASP C 262 -32.30 4.27 16.88
CA ASP C 262 -32.43 5.31 15.87
C ASP C 262 -33.61 6.25 16.09
N LYS C 263 -34.47 5.96 17.08
CA LYS C 263 -35.58 6.88 17.43
C LYS C 263 -35.27 7.62 18.73
N ILE C 264 -34.25 7.13 19.44
CA ILE C 264 -33.79 7.76 20.67
C ILE C 264 -33.53 9.24 20.50
N LYS C 265 -33.94 10.00 21.51
CA LYS C 265 -34.00 11.46 21.45
C LYS C 265 -32.91 12.04 22.35
N PRO C 266 -32.27 13.15 21.91
CA PRO C 266 -31.08 13.64 22.59
C PRO C 266 -31.30 14.08 24.03
N SER C 267 -32.54 14.07 24.50
CA SER C 267 -32.79 14.39 25.90
C SER C 267 -33.03 13.13 26.72
N GLU C 268 -33.04 11.99 26.05
CA GLU C 268 -33.31 10.71 26.70
C GLU C 268 -32.44 10.47 27.93
N SER C 269 -33.09 10.20 29.06
CA SER C 269 -32.37 10.01 30.32
C SER C 269 -32.34 8.54 30.75
N ASN C 270 -32.97 7.68 29.95
CA ASN C 270 -32.98 6.25 30.28
C ASN C 270 -31.83 5.45 29.65
N VAL C 271 -31.31 4.51 30.41
CA VAL C 271 -30.50 3.44 29.84
C VAL C 271 -30.98 2.10 30.37
N THR C 272 -30.78 1.07 29.56
CA THR C 272 -31.15 -0.27 29.96
C THR C 272 -29.91 -1.15 29.99
N ILE C 273 -29.68 -1.80 31.13
CA ILE C 273 -28.55 -2.68 31.28
C ILE C 273 -28.89 -4.15 31.01
N LEU C 274 -28.58 -4.61 29.80
CA LEU C 274 -28.87 -5.97 29.37
C LEU C 274 -28.07 -7.04 30.08
N GLY C 275 -26.93 -6.68 30.65
CA GLY C 275 -26.12 -7.68 31.32
C GLY C 275 -24.66 -7.35 31.22
N ARG C 276 -23.81 -8.24 31.71
CA ARG C 276 -22.39 -7.95 31.76
C ARG C 276 -21.49 -9.17 31.85
N PHE C 277 -20.21 -8.97 31.53
CA PHE C 277 -19.19 -10.01 31.59
C PHE C 277 -18.21 -9.74 32.71
N ASP C 278 -18.13 -10.67 33.66
CA ASP C 278 -17.25 -10.50 34.80
C ASP C 278 -15.87 -11.12 34.61
N TYR C 279 -14.88 -10.45 35.17
CA TYR C 279 -13.51 -10.91 35.16
C TYR C 279 -12.89 -10.31 36.43
N SER C 280 -11.59 -10.50 36.63
CA SER C 280 -10.94 -9.89 37.79
C SER C 280 -9.57 -9.28 37.52
N GLN C 281 -9.12 -8.45 38.45
CA GLN C 281 -7.79 -7.87 38.37
C GLN C 281 -7.57 -7.10 37.09
N CYS C 282 -8.54 -6.28 36.72
CA CYS C 282 -8.36 -5.33 35.64
C CYS C 282 -8.96 -4.00 36.06
N ASP C 283 -8.30 -3.35 37.02
CA ASP C 283 -8.79 -2.11 37.56
C ASP C 283 -7.81 -0.94 37.41
N ILE C 284 -6.68 -1.18 36.75
CA ILE C 284 -5.87 -0.08 36.25
C ILE C 284 -6.56 0.35 34.97
N TRP C 285 -6.34 1.59 34.55
CA TRP C 285 -7.06 2.07 33.37
C TRP C 285 -6.25 1.96 32.08
N TYR C 286 -6.93 2.24 30.97
CA TYR C 286 -6.37 2.09 29.63
C TYR C 286 -6.08 0.62 29.32
N MET C 287 -7.13 -0.19 29.50
CA MET C 287 -7.08 -1.64 29.25
C MET C 287 -8.24 -1.98 28.33
N ARG C 288 -7.94 -2.36 27.08
CA ARG C 288 -8.95 -2.40 26.03
C ARG C 288 -9.39 -3.79 25.56
N PHE C 289 -10.70 -4.01 25.48
CA PHE C 289 -11.17 -5.27 24.95
C PHE C 289 -11.35 -5.18 23.45
N SER C 290 -11.26 -6.32 22.79
CA SER C 290 -11.32 -6.40 21.34
C SER C 290 -12.40 -7.38 20.91
N MET C 291 -12.90 -7.22 19.70
CA MET C 291 -13.86 -8.15 19.13
C MET C 291 -13.40 -8.78 17.83
N ASP C 292 -14.04 -9.90 17.53
CA ASP C 292 -14.01 -10.56 16.22
C ASP C 292 -14.44 -9.56 15.15
N PHE C 293 -14.27 -9.93 13.89
CA PHE C 293 -14.91 -9.18 12.81
C PHE C 293 -16.38 -9.56 12.72
N TRP C 294 -16.65 -10.85 12.73
CA TRP C 294 -18.02 -11.34 12.73
C TRP C 294 -18.66 -11.10 14.09
N GLN C 295 -17.95 -10.41 14.96
CA GLN C 295 -18.46 -10.10 16.29
C GLN C 295 -19.07 -11.33 16.94
N LYS C 296 -18.38 -12.46 16.86
CA LYS C 296 -18.83 -13.71 17.48
C LYS C 296 -18.17 -13.92 18.84
N MET C 297 -17.01 -13.33 19.05
CA MET C 297 -16.37 -13.46 20.33
C MET C 297 -15.57 -12.24 20.76
N LEU C 298 -15.35 -12.12 22.06
CA LEU C 298 -14.84 -10.90 22.66
C LEU C 298 -13.70 -11.25 23.61
N ALA C 299 -12.60 -10.51 23.54
CA ALA C 299 -11.40 -10.80 24.33
C ALA C 299 -10.93 -9.61 25.19
N LEU C 300 -10.57 -9.87 26.44
CA LEU C 300 -9.99 -8.84 27.30
C LEU C 300 -8.76 -9.33 28.06
N GLY C 301 -7.73 -8.48 28.13
CA GLY C 301 -6.52 -8.82 28.86
C GLY C 301 -6.50 -8.31 30.31
N ASN C 302 -5.60 -8.89 31.10
CA ASN C 302 -5.55 -8.67 32.55
C ASN C 302 -4.33 -7.84 32.92
N GLN C 303 -4.29 -7.30 34.14
CA GLN C 303 -3.11 -6.56 34.57
C GLN C 303 -2.01 -7.50 35.01
N VAL C 304 -2.37 -8.73 35.35
CA VAL C 304 -1.39 -9.76 35.73
C VAL C 304 -1.16 -10.78 34.63
N GLY C 305 -1.86 -10.65 33.50
CA GLY C 305 -1.44 -11.38 32.31
C GLY C 305 -2.44 -12.40 31.85
N LYS C 306 -3.58 -12.48 32.52
CA LYS C 306 -4.63 -13.40 32.10
C LYS C 306 -5.40 -12.80 30.93
N LEU C 307 -5.70 -13.63 29.93
CA LEU C 307 -6.41 -13.19 28.75
C LEU C 307 -7.79 -13.87 28.69
N TYR C 308 -8.86 -13.10 28.78
CA TYR C 308 -10.21 -13.69 28.77
C TYR C 308 -10.84 -13.67 27.39
N VAL C 309 -11.46 -14.79 27.00
CA VAL C 309 -12.22 -14.85 25.75
C VAL C 309 -13.65 -15.32 26.02
N TRP C 310 -14.62 -14.60 25.45
CA TRP C 310 -16.03 -14.95 25.61
C TRP C 310 -16.62 -15.30 24.26
N ASP C 311 -17.63 -16.15 24.27
CA ASP C 311 -18.37 -16.45 23.07
C ASP C 311 -19.65 -15.63 23.08
N LEU C 312 -19.82 -14.77 22.08
CA LEU C 312 -20.93 -13.83 22.09
C LEU C 312 -22.16 -14.39 21.39
N GLU C 313 -22.03 -15.58 20.85
CA GLU C 313 -23.15 -16.27 20.24
C GLU C 313 -23.89 -17.09 21.30
N VAL C 314 -24.41 -16.41 22.30
CA VAL C 314 -25.21 -17.05 23.34
C VAL C 314 -26.51 -16.28 23.58
N GLU C 315 -27.16 -16.56 24.70
CA GLU C 315 -28.43 -15.91 25.02
C GLU C 315 -28.20 -14.74 25.97
N ASP C 316 -27.43 -14.97 27.02
CA ASP C 316 -27.27 -13.99 28.09
C ASP C 316 -25.80 -13.79 28.47
N PRO C 317 -25.50 -12.70 29.17
CA PRO C 317 -24.19 -12.52 29.81
C PRO C 317 -24.02 -13.52 30.95
N HIS C 318 -25.13 -13.89 31.57
CA HIS C 318 -25.15 -14.88 32.64
C HIS C 318 -24.44 -16.14 32.15
N LYS C 319 -24.90 -16.63 31.00
CA LYS C 319 -24.49 -17.93 30.49
C LYS C 319 -23.40 -17.79 29.44
N ALA C 320 -22.98 -16.55 29.21
CA ALA C 320 -21.87 -16.26 28.30
C ALA C 320 -20.66 -17.17 28.60
N LYS C 321 -20.36 -18.07 27.68
CA LYS C 321 -19.29 -19.05 27.84
C LYS C 321 -17.91 -18.40 27.84
N CYS C 322 -17.22 -18.42 28.99
CA CYS C 322 -15.91 -17.79 29.10
C CYS C 322 -14.76 -18.76 29.32
N THR C 323 -13.77 -18.73 28.44
CA THR C 323 -12.52 -19.47 28.61
C THR C 323 -11.43 -18.50 29.06
N THR C 324 -10.45 -18.97 29.83
CA THR C 324 -9.35 -18.13 30.29
C THR C 324 -7.99 -18.61 29.77
N LEU C 325 -7.42 -17.89 28.80
CA LEU C 325 -6.09 -18.22 28.29
C LEU C 325 -5.01 -17.77 29.26
N THR C 326 -3.96 -18.56 29.38
CA THR C 326 -2.98 -18.31 30.43
C THR C 326 -1.63 -18.97 30.15
N HIS C 327 -0.59 -18.46 30.80
CA HIS C 327 0.79 -18.91 30.55
C HIS C 327 1.68 -18.29 31.61
N HIS C 328 2.57 -19.08 32.19
CA HIS C 328 3.42 -18.65 33.31
C HIS C 328 4.43 -17.60 32.85
N LYS C 329 4.85 -17.70 31.59
CA LYS C 329 5.75 -16.71 31.03
C LYS C 329 5.07 -15.33 30.86
N CYS C 330 3.76 -15.33 30.62
CA CYS C 330 2.99 -14.11 30.45
C CYS C 330 2.42 -13.58 31.76
N GLY C 331 2.97 -12.48 32.26
CA GLY C 331 2.54 -12.01 33.57
C GLY C 331 2.42 -10.51 33.68
N ALA C 332 2.66 -9.81 32.57
CA ALA C 332 2.50 -8.35 32.55
C ALA C 332 1.06 -7.97 32.24
N ALA C 333 0.77 -6.68 32.35
CA ALA C 333 -0.53 -6.16 31.95
C ALA C 333 -0.70 -6.29 30.44
N ILE C 334 -1.84 -6.84 30.02
CA ILE C 334 -2.19 -6.91 28.62
C ILE C 334 -2.99 -5.66 28.30
N ARG C 335 -2.42 -4.81 27.45
CA ARG C 335 -3.02 -3.53 27.12
C ARG C 335 -4.14 -3.62 26.10
N GLN C 336 -3.93 -4.41 25.05
CA GLN C 336 -4.94 -4.55 24.00
C GLN C 336 -4.84 -5.92 23.31
N THR C 337 -5.94 -6.38 22.71
CA THR C 337 -5.90 -7.61 21.93
C THR C 337 -6.42 -7.40 20.51
N SER C 338 -6.19 -8.40 19.67
CA SER C 338 -6.61 -8.31 18.27
C SER C 338 -6.80 -9.70 17.67
N PHE C 339 -8.00 -9.96 17.16
CA PHE C 339 -8.26 -11.14 16.36
C PHE C 339 -7.86 -10.87 14.92
N SER C 340 -7.46 -11.92 14.21
CA SER C 340 -7.30 -11.84 12.76
C SER C 340 -8.69 -11.80 12.17
N ARG C 341 -8.79 -11.31 10.94
CA ARG C 341 -10.10 -11.11 10.34
C ARG C 341 -10.99 -12.34 10.48
N ASP C 342 -10.35 -13.49 10.61
CA ASP C 342 -11.03 -14.78 10.54
C ASP C 342 -11.15 -15.51 11.88
N SER C 343 -10.48 -15.01 12.91
CA SER C 343 -10.60 -15.55 14.26
C SER C 343 -9.66 -16.71 14.56
N SER C 344 -8.81 -17.07 13.60
CA SER C 344 -7.87 -18.17 13.79
C SER C 344 -6.75 -17.79 14.77
N ILE C 345 -6.41 -16.51 14.78
CA ILE C 345 -5.31 -16.01 15.61
C ILE C 345 -5.73 -14.86 16.52
N LEU C 346 -5.22 -14.87 17.74
CA LEU C 346 -5.51 -13.83 18.71
C LEU C 346 -4.19 -13.31 19.31
N ILE C 347 -3.85 -12.05 19.01
CA ILE C 347 -2.63 -11.47 19.52
C ILE C 347 -2.91 -10.59 20.74
N ALA C 348 -2.08 -10.71 21.77
CA ALA C 348 -2.15 -9.82 22.93
C ALA C 348 -0.76 -9.18 23.20
N VAL C 349 -0.74 -7.91 23.64
CA VAL C 349 0.53 -7.20 23.86
C VAL C 349 0.54 -6.57 25.25
N CYS C 350 1.73 -6.42 25.85
CA CYS C 350 1.85 -6.09 27.28
C CYS C 350 2.77 -4.94 27.63
N ASP C 351 2.71 -4.55 28.91
CA ASP C 351 3.61 -3.56 29.50
C ASP C 351 5.09 -3.90 29.30
N ASP C 352 5.38 -5.18 29.14
CA ASP C 352 6.75 -5.64 29.22
C ASP C 352 7.39 -5.79 27.85
N ALA C 353 6.70 -5.29 26.82
CA ALA C 353 7.20 -5.33 25.44
C ALA C 353 7.00 -6.69 24.79
N SER C 354 6.21 -7.53 25.44
CA SER C 354 5.88 -8.85 24.93
C SER C 354 4.62 -8.94 24.05
N ILE C 355 4.71 -9.77 23.01
CA ILE C 355 3.58 -10.07 22.13
C ILE C 355 3.25 -11.56 22.27
N TRP C 356 2.00 -11.89 22.60
CA TRP C 356 1.60 -13.29 22.77
C TRP C 356 0.64 -13.72 21.68
N ARG C 357 1.01 -14.75 20.92
CA ARG C 357 0.16 -15.25 19.84
C ARG C 357 -0.56 -16.52 20.25
N TRP C 358 -1.88 -16.55 20.01
CA TRP C 358 -2.72 -17.68 20.37
C TRP C 358 -3.50 -18.14 19.15
N ASP C 359 -3.47 -19.43 18.87
CA ASP C 359 -4.25 -19.99 17.76
C ASP C 359 -5.42 -20.84 18.26
N ARG C 360 -6.44 -20.99 17.41
CA ARG C 360 -7.67 -21.69 17.79
C ARG C 360 -7.46 -23.19 18.04
N PHE D 3 28.97 -62.15 -28.32
CA PHE D 3 30.30 -61.48 -28.53
C PHE D 3 31.50 -62.22 -27.92
N LYS D 4 32.53 -62.45 -28.72
CA LYS D 4 33.77 -63.09 -28.25
C LYS D 4 34.97 -62.20 -28.55
N CYS D 5 35.93 -62.13 -27.63
CA CYS D 5 37.09 -61.28 -27.85
C CYS D 5 38.07 -61.97 -28.78
N VAL D 6 38.50 -61.27 -29.82
CA VAL D 6 39.16 -61.92 -30.94
C VAL D 6 40.48 -61.24 -31.34
N ASN D 7 40.77 -60.10 -30.70
CA ASN D 7 42.08 -59.46 -30.85
C ASN D 7 42.24 -58.28 -29.90
N SER D 8 43.47 -57.94 -29.59
CA SER D 8 43.76 -56.74 -28.82
C SER D 8 45.02 -56.09 -29.35
N LEU D 9 44.98 -54.77 -29.52
CA LEU D 9 46.08 -54.01 -30.12
C LEU D 9 46.62 -52.94 -29.20
N LYS D 10 47.81 -52.45 -29.51
CA LYS D 10 48.44 -51.42 -28.71
C LYS D 10 49.26 -50.53 -29.64
N GLU D 11 48.94 -49.24 -29.61
CA GLU D 11 49.60 -48.25 -30.47
C GLU D 11 50.77 -47.68 -29.71
N ASP D 12 51.91 -47.55 -30.38
CA ASP D 12 53.17 -47.31 -29.68
C ASP D 12 53.19 -46.09 -28.75
N HIS D 13 52.35 -45.10 -29.02
CA HIS D 13 52.45 -43.82 -28.32
C HIS D 13 52.06 -43.87 -26.84
N ASN D 14 51.38 -44.92 -26.40
CA ASN D 14 51.11 -45.11 -24.97
C ASN D 14 50.19 -44.06 -24.33
N GLN D 15 49.44 -43.34 -25.16
CA GLN D 15 48.54 -42.31 -24.67
C GLN D 15 47.09 -42.78 -24.73
N PRO D 16 46.23 -42.20 -23.90
CA PRO D 16 44.80 -42.54 -23.98
C PRO D 16 44.26 -42.38 -25.40
N LEU D 17 43.40 -43.31 -25.79
CA LEU D 17 42.70 -43.22 -27.06
C LEU D 17 41.27 -42.81 -26.78
N PHE D 18 40.88 -41.60 -27.17
CA PHE D 18 39.57 -41.09 -26.81
C PHE D 18 38.54 -41.41 -27.88
N GLY D 19 38.99 -41.64 -29.11
CA GLY D 19 38.02 -41.85 -30.18
C GLY D 19 38.19 -43.07 -31.05
N VAL D 20 37.10 -43.79 -31.28
CA VAL D 20 37.07 -44.82 -32.30
C VAL D 20 35.75 -44.72 -33.09
N GLN D 21 35.86 -44.88 -34.39
CA GLN D 21 34.72 -44.79 -35.27
C GLN D 21 34.92 -45.72 -36.46
N PHE D 22 33.96 -46.61 -36.66
CA PHE D 22 33.92 -47.41 -37.88
C PHE D 22 33.44 -46.50 -38.99
N ASN D 23 33.74 -46.89 -40.23
CA ASN D 23 33.35 -46.14 -41.39
C ASN D 23 32.06 -46.71 -41.94
N TRP D 24 30.93 -46.19 -41.50
CA TRP D 24 29.63 -46.69 -41.93
C TRP D 24 29.28 -46.31 -43.37
N HIS D 25 30.26 -45.85 -44.13
CA HIS D 25 30.05 -45.57 -45.55
C HIS D 25 30.71 -46.64 -46.43
N SER D 26 31.53 -47.51 -45.83
CA SER D 26 32.12 -48.66 -46.52
C SER D 26 31.08 -49.34 -47.37
N LYS D 27 31.39 -49.50 -48.65
CA LYS D 27 30.50 -50.18 -49.57
C LYS D 27 30.28 -51.65 -49.22
N GLU D 28 29.06 -52.13 -49.41
CA GLU D 28 28.77 -53.54 -49.23
C GLU D 28 29.75 -54.40 -50.02
N GLY D 29 30.45 -55.27 -49.30
CA GLY D 29 31.55 -55.99 -49.92
C GLY D 29 32.91 -55.52 -49.43
N ASP D 30 33.13 -54.20 -49.38
CA ASP D 30 34.44 -53.66 -48.97
C ASP D 30 34.77 -54.10 -47.55
N PRO D 31 36.07 -54.21 -47.24
CA PRO D 31 36.50 -54.53 -45.87
C PRO D 31 36.10 -53.45 -44.86
N LEU D 32 35.75 -53.88 -43.64
CA LEU D 32 35.35 -52.95 -42.58
C LEU D 32 36.53 -52.16 -42.05
N VAL D 33 36.49 -50.83 -42.22
CA VAL D 33 37.56 -49.98 -41.69
C VAL D 33 37.07 -49.14 -40.52
N PHE D 34 37.94 -48.93 -39.53
CA PHE D 34 37.66 -47.99 -38.45
C PHE D 34 38.88 -47.12 -38.16
N ALA D 35 38.65 -46.00 -37.47
CA ALA D 35 39.71 -45.08 -37.16
C ALA D 35 39.80 -44.79 -35.68
N THR D 36 41.01 -44.46 -35.24
CA THR D 36 41.33 -44.25 -33.84
C THR D 36 42.04 -42.92 -33.69
N VAL D 37 41.74 -42.17 -32.64
CA VAL D 37 42.46 -40.93 -32.39
C VAL D 37 42.87 -40.83 -30.94
N GLY D 38 44.07 -40.29 -30.72
CA GLY D 38 44.64 -40.22 -29.40
C GLY D 38 46.04 -39.66 -29.53
N SER D 39 46.59 -39.15 -28.43
CA SER D 39 47.83 -38.40 -28.51
C SER D 39 47.61 -37.38 -29.63
N ASN D 40 48.57 -37.26 -30.54
CA ASN D 40 48.41 -36.37 -31.68
C ASN D 40 48.31 -37.14 -32.98
N ARG D 41 47.58 -38.24 -32.96
CA ARG D 41 47.54 -39.12 -34.11
C ARG D 41 46.16 -39.59 -34.53
N VAL D 42 46.07 -40.00 -35.80
CA VAL D 42 44.86 -40.59 -36.35
C VAL D 42 45.28 -41.87 -37.07
N THR D 43 44.67 -42.99 -36.70
CA THR D 43 45.11 -44.28 -37.24
C THR D 43 43.95 -45.02 -37.88
N LEU D 44 44.19 -45.63 -39.03
CA LEU D 44 43.16 -46.39 -39.72
C LEU D 44 43.49 -47.88 -39.74
N TYR D 45 42.45 -48.71 -39.63
CA TYR D 45 42.60 -50.15 -39.51
C TYR D 45 41.60 -50.89 -40.39
N GLU D 46 42.03 -52.00 -40.97
CA GLU D 46 41.12 -52.86 -41.73
C GLU D 46 40.81 -54.14 -40.94
N CYS D 47 39.52 -54.48 -40.83
CA CYS D 47 39.11 -55.69 -40.12
C CYS D 47 38.97 -56.90 -41.03
N HIS D 48 39.61 -58.00 -40.64
CA HIS D 48 39.48 -59.27 -41.36
C HIS D 48 39.02 -60.36 -40.41
N SER D 49 38.92 -61.58 -40.91
CA SER D 49 38.42 -62.68 -40.11
C SER D 49 39.48 -63.37 -39.24
N GLN D 50 39.03 -64.31 -38.42
CA GLN D 50 39.87 -64.89 -37.38
C GLN D 50 40.61 -63.81 -36.61
N GLY D 51 40.04 -62.62 -36.63
CA GLY D 51 40.43 -61.59 -35.68
C GLY D 51 41.56 -60.69 -36.12
N GLU D 52 42.00 -60.85 -37.36
CA GLU D 52 43.11 -60.05 -37.83
C GLU D 52 42.62 -58.62 -38.05
N ILE D 53 43.27 -57.70 -37.35
CA ILE D 53 43.04 -56.27 -37.56
C ILE D 53 44.28 -55.76 -38.26
N ARG D 54 44.11 -55.28 -39.48
CA ARG D 54 45.26 -54.85 -40.27
C ARG D 54 45.45 -53.32 -40.24
N LEU D 55 46.66 -52.90 -39.87
CA LEU D 55 47.01 -51.48 -39.81
C LEU D 55 47.13 -50.91 -41.21
N LEU D 56 46.41 -49.82 -41.48
CA LEU D 56 46.29 -49.26 -42.83
C LEU D 56 46.99 -47.93 -43.05
N GLN D 57 46.87 -47.03 -42.09
CA GLN D 57 47.35 -45.65 -42.21
C GLN D 57 47.56 -45.04 -40.82
N SER D 58 48.50 -44.12 -40.71
CA SER D 58 48.61 -43.33 -39.50
C SER D 58 49.20 -41.96 -39.79
N TYR D 59 48.53 -40.93 -39.27
CA TYR D 59 48.97 -39.55 -39.40
C TYR D 59 49.36 -39.00 -38.05
N VAL D 60 50.31 -38.07 -38.04
CA VAL D 60 50.65 -37.41 -36.80
C VAL D 60 50.60 -35.89 -37.02
N ASP D 61 50.10 -35.16 -36.03
CA ASP D 61 50.01 -33.72 -36.19
C ASP D 61 51.41 -33.20 -36.08
N ALA D 62 51.75 -32.28 -36.97
CA ALA D 62 53.04 -31.60 -36.93
C ALA D 62 53.30 -31.00 -35.54
N ASP D 63 52.25 -30.61 -34.85
CA ASP D 63 52.38 -29.96 -33.55
C ASP D 63 52.37 -31.00 -32.43
N ALA D 64 53.40 -31.01 -31.60
CA ALA D 64 53.52 -32.05 -30.57
C ALA D 64 52.42 -31.91 -29.55
N ASP D 65 51.94 -30.69 -29.36
CA ASP D 65 50.96 -30.39 -28.32
C ASP D 65 49.48 -30.50 -28.75
N GLU D 66 49.24 -30.88 -30.00
CA GLU D 66 47.90 -31.28 -30.38
C GLU D 66 47.58 -32.60 -29.71
N ASN D 67 46.34 -32.72 -29.26
CA ASN D 67 45.85 -33.95 -28.69
C ASN D 67 44.42 -34.11 -29.23
N PHE D 68 44.25 -35.07 -30.14
CA PHE D 68 42.95 -35.33 -30.78
C PHE D 68 41.99 -36.07 -29.86
N TYR D 69 40.75 -35.59 -29.76
CA TYR D 69 39.76 -36.22 -28.90
C TYR D 69 38.72 -37.00 -29.68
N THR D 70 38.55 -36.67 -30.94
CA THR D 70 37.40 -37.15 -31.67
C THR D 70 37.70 -37.21 -33.17
N CYS D 71 36.86 -37.93 -33.91
CA CYS D 71 36.97 -37.99 -35.35
C CYS D 71 35.60 -38.39 -35.86
N ALA D 72 35.36 -38.27 -37.16
CA ALA D 72 34.11 -38.72 -37.76
C ALA D 72 34.26 -38.90 -39.25
N TRP D 73 33.54 -39.87 -39.79
CA TRP D 73 33.61 -40.15 -41.22
C TRP D 73 32.52 -39.42 -42.01
N THR D 74 32.88 -38.91 -43.18
CA THR D 74 31.91 -38.47 -44.17
C THR D 74 32.41 -38.91 -45.55
N TYR D 75 31.78 -38.41 -46.61
CA TYR D 75 32.30 -38.64 -47.96
C TYR D 75 32.18 -37.41 -48.84
N ASP D 76 32.88 -37.43 -49.98
CA ASP D 76 32.79 -36.36 -50.97
C ASP D 76 31.82 -36.78 -52.08
N SER D 77 30.69 -36.08 -52.21
CA SER D 77 29.64 -36.45 -53.15
C SER D 77 30.20 -36.76 -54.53
N ASN D 78 31.14 -35.93 -54.97
CA ASN D 78 31.63 -35.97 -56.35
C ASN D 78 32.70 -37.03 -56.54
N THR D 79 33.63 -37.10 -55.60
CA THR D 79 34.79 -37.96 -55.75
C THR D 79 34.50 -39.37 -55.23
N SER D 80 33.48 -39.47 -54.39
CA SER D 80 33.18 -40.73 -53.71
C SER D 80 34.30 -41.19 -52.78
N HIS D 81 35.14 -40.26 -52.35
CA HIS D 81 36.15 -40.61 -51.35
C HIS D 81 35.58 -40.59 -49.94
N PRO D 82 36.05 -41.51 -49.10
CA PRO D 82 35.86 -41.36 -47.67
C PRO D 82 36.60 -40.10 -47.25
N LEU D 83 36.15 -39.51 -46.14
CA LEU D 83 36.82 -38.37 -45.54
C LEU D 83 36.74 -38.50 -44.02
N LEU D 84 37.83 -38.19 -43.34
CA LEU D 84 37.89 -38.31 -41.91
C LEU D 84 38.17 -36.94 -41.32
N ALA D 85 37.26 -36.47 -40.46
CA ALA D 85 37.52 -35.26 -39.68
C ALA D 85 37.99 -35.64 -38.30
N VAL D 86 39.01 -34.96 -37.82
CA VAL D 86 39.45 -35.16 -36.45
C VAL D 86 39.59 -33.79 -35.81
N ALA D 87 39.65 -33.74 -34.48
CA ALA D 87 39.87 -32.48 -33.78
C ALA D 87 40.08 -32.77 -32.30
N GLY D 88 40.73 -31.86 -31.59
CA GLY D 88 40.91 -32.03 -30.17
C GLY D 88 41.27 -30.71 -29.52
N SER D 89 42.28 -30.73 -28.67
CA SER D 89 42.48 -29.69 -27.67
C SER D 89 42.95 -28.34 -28.22
N ARG D 90 43.42 -28.34 -29.46
CA ARG D 90 43.86 -27.09 -30.07
C ARG D 90 42.72 -26.38 -30.82
N GLY D 91 41.52 -26.91 -30.67
CA GLY D 91 40.34 -26.30 -31.26
C GLY D 91 40.43 -26.22 -32.76
N ILE D 92 40.98 -27.26 -33.38
CA ILE D 92 41.17 -27.19 -34.82
C ILE D 92 40.63 -28.42 -35.48
N ILE D 93 39.92 -28.23 -36.57
CA ILE D 93 39.32 -29.35 -37.27
C ILE D 93 40.17 -29.61 -38.48
N ARG D 94 40.53 -30.86 -38.70
CA ARG D 94 41.23 -31.25 -39.91
C ARG D 94 40.36 -32.24 -40.62
N ILE D 95 40.18 -32.06 -41.92
CA ILE D 95 39.56 -33.08 -42.75
C ILE D 95 40.67 -33.85 -43.45
N ILE D 96 40.74 -35.17 -43.22
CA ILE D 96 41.76 -35.98 -43.88
C ILE D 96 41.16 -36.82 -45.02
N ASN D 97 41.89 -36.91 -46.12
CA ASN D 97 41.46 -37.68 -47.28
C ASN D 97 42.33 -38.92 -47.32
N PRO D 98 41.82 -40.04 -46.78
CA PRO D 98 42.63 -41.25 -46.63
C PRO D 98 43.00 -41.85 -47.99
N ILE D 99 42.27 -41.45 -49.03
CA ILE D 99 42.55 -41.92 -50.39
C ILE D 99 43.75 -41.21 -51.00
N THR D 100 44.19 -40.13 -50.36
CA THR D 100 45.14 -39.21 -50.95
C THR D 100 46.25 -38.88 -49.96
N MET D 101 46.08 -39.30 -48.71
CA MET D 101 47.08 -39.05 -47.68
C MET D 101 47.24 -37.54 -47.47
N GLN D 102 46.24 -36.78 -47.94
CA GLN D 102 46.20 -35.33 -47.77
C GLN D 102 45.36 -34.87 -46.59
N CYS D 103 45.85 -33.89 -45.83
CA CYS D 103 44.96 -33.04 -45.05
C CYS D 103 44.45 -31.94 -45.97
N ILE D 104 43.24 -32.10 -46.48
CA ILE D 104 42.73 -31.25 -47.55
C ILE D 104 42.07 -29.94 -47.07
N LYS D 105 41.43 -29.97 -45.90
CA LYS D 105 40.81 -28.78 -45.33
C LYS D 105 41.17 -28.67 -43.85
N HIS D 106 40.98 -27.48 -43.29
CA HIS D 106 41.08 -27.29 -41.85
C HIS D 106 40.44 -25.99 -41.45
N TYR D 107 39.79 -25.99 -40.28
CA TYR D 107 39.05 -24.84 -39.82
C TYR D 107 39.53 -24.39 -38.45
N VAL D 108 40.05 -23.17 -38.37
CA VAL D 108 40.36 -22.56 -37.09
C VAL D 108 39.20 -21.63 -36.82
N GLY D 109 38.84 -21.46 -35.55
CA GLY D 109 37.66 -20.67 -35.22
C GLY D 109 37.13 -20.87 -33.81
N HIS D 110 36.83 -22.12 -33.45
CA HIS D 110 36.45 -22.39 -32.07
C HIS D 110 37.51 -21.80 -31.14
N GLY D 111 37.06 -21.25 -30.02
CA GLY D 111 37.97 -20.51 -29.18
C GLY D 111 38.52 -21.34 -28.03
N ASN D 112 38.42 -22.65 -28.17
CA ASN D 112 39.03 -23.60 -27.24
C ASN D 112 38.88 -25.02 -27.80
N ALA D 113 39.14 -26.03 -26.99
CA ALA D 113 39.14 -27.42 -27.44
C ALA D 113 37.82 -27.92 -27.97
N ILE D 114 37.91 -28.85 -28.93
CA ILE D 114 36.76 -29.50 -29.53
C ILE D 114 36.52 -30.92 -29.00
N ASN D 115 35.44 -31.10 -28.23
CA ASN D 115 35.14 -32.38 -27.61
C ASN D 115 34.42 -33.41 -28.48
N GLU D 116 33.58 -32.97 -29.42
CA GLU D 116 32.97 -33.94 -30.32
C GLU D 116 32.83 -33.39 -31.73
N LEU D 117 32.55 -34.29 -32.67
CA LEU D 117 32.45 -33.97 -34.07
C LEU D 117 31.38 -34.91 -34.62
N LYS D 118 30.43 -34.35 -35.36
CA LYS D 118 29.38 -35.16 -35.95
C LYS D 118 29.02 -34.64 -37.32
N PHE D 119 28.82 -35.55 -38.28
CA PHE D 119 28.36 -35.20 -39.61
C PHE D 119 26.86 -35.40 -39.75
N HIS D 120 26.24 -34.61 -40.61
CA HIS D 120 24.80 -34.66 -40.78
C HIS D 120 24.46 -35.95 -41.54
N PRO D 121 23.40 -36.65 -41.11
CA PRO D 121 22.97 -37.95 -41.62
C PRO D 121 22.66 -37.99 -43.10
N ARG D 122 22.27 -36.86 -43.66
CA ARG D 122 21.80 -36.85 -45.04
C ARG D 122 22.62 -35.93 -45.93
N ASP D 123 23.29 -34.95 -45.33
CA ASP D 123 24.16 -34.02 -46.07
C ASP D 123 25.62 -34.19 -45.62
N PRO D 124 26.45 -34.81 -46.46
CA PRO D 124 27.83 -35.15 -46.14
C PRO D 124 28.68 -33.94 -45.76
N ASN D 125 28.21 -32.75 -46.10
CA ASN D 125 29.07 -31.58 -46.06
C ASN D 125 28.88 -30.76 -44.81
N LEU D 126 27.89 -31.13 -44.01
CA LEU D 126 27.56 -30.41 -42.78
C LEU D 126 28.21 -31.06 -41.57
N LEU D 127 29.14 -30.34 -40.95
CA LEU D 127 29.88 -30.84 -39.80
C LEU D 127 29.47 -30.08 -38.54
N LEU D 128 28.99 -30.81 -37.52
CA LEU D 128 28.74 -30.21 -36.21
C LEU D 128 29.97 -30.43 -35.35
N SER D 129 30.50 -29.34 -34.79
CA SER D 129 31.59 -29.44 -33.82
C SER D 129 31.14 -28.86 -32.50
N VAL D 130 31.53 -29.51 -31.40
CA VAL D 130 31.13 -29.14 -30.05
C VAL D 130 32.38 -28.77 -29.26
N SER D 131 32.35 -27.68 -28.51
CA SER D 131 33.58 -27.13 -27.97
C SER D 131 33.61 -26.80 -26.47
N LYS D 132 34.83 -26.75 -25.94
CA LYS D 132 35.07 -26.30 -24.56
C LYS D 132 34.83 -24.79 -24.42
N ASP D 133 34.65 -24.10 -25.54
CA ASP D 133 34.39 -22.65 -25.49
C ASP D 133 32.93 -22.33 -25.15
N HIS D 134 32.12 -23.37 -24.98
CA HIS D 134 30.72 -23.27 -24.57
C HIS D 134 29.70 -23.28 -25.70
N ALA D 135 30.14 -23.43 -26.94
CA ALA D 135 29.24 -23.34 -28.08
C ALA D 135 29.40 -24.54 -29.03
N LEU D 136 28.38 -24.84 -29.84
CA LEU D 136 28.63 -25.75 -30.96
C LEU D 136 28.65 -24.95 -32.26
N ARG D 137 29.28 -25.50 -33.30
CA ARG D 137 29.31 -24.85 -34.61
C ARG D 137 28.98 -25.81 -35.74
N LEU D 138 28.20 -25.32 -36.69
CA LEU D 138 27.86 -26.12 -37.86
C LEU D 138 28.65 -25.57 -39.01
N TRP D 139 29.50 -26.40 -39.61
CA TRP D 139 30.28 -25.98 -40.77
C TRP D 139 29.72 -26.58 -42.04
N ASN D 140 29.85 -25.85 -43.14
CA ASN D 140 29.59 -26.43 -44.44
C ASN D 140 30.94 -26.63 -45.11
N ILE D 141 31.41 -27.87 -45.19
CA ILE D 141 32.80 -28.09 -45.56
C ILE D 141 33.00 -28.09 -47.06
N GLN D 142 31.91 -28.05 -47.82
CA GLN D 142 32.00 -27.95 -49.28
C GLN D 142 32.37 -26.53 -49.68
N THR D 143 31.80 -25.55 -48.99
CA THR D 143 31.94 -24.16 -49.33
C THR D 143 32.74 -23.39 -48.27
N ASP D 144 33.37 -24.12 -47.36
CA ASP D 144 34.28 -23.55 -46.36
C ASP D 144 33.71 -22.44 -45.48
N THR D 145 32.44 -22.58 -45.10
CA THR D 145 31.69 -21.53 -44.44
C THR D 145 31.09 -21.98 -43.11
N LEU D 146 31.01 -21.04 -42.18
CA LEU D 146 30.45 -21.32 -40.87
C LEU D 146 28.94 -21.02 -40.90
N VAL D 147 28.12 -22.05 -41.01
CA VAL D 147 26.68 -21.87 -41.13
C VAL D 147 26.01 -21.28 -39.88
N ALA D 148 26.46 -21.66 -38.69
CA ALA D 148 25.78 -21.26 -37.45
C ALA D 148 26.58 -21.51 -36.18
N ILE D 149 26.47 -20.59 -35.22
CA ILE D 149 27.03 -20.83 -33.90
C ILE D 149 25.90 -20.98 -32.89
N PHE D 150 25.73 -22.20 -32.37
CA PHE D 150 24.78 -22.44 -31.30
C PHE D 150 25.36 -22.17 -29.90
N GLY D 151 25.20 -20.95 -29.44
CA GLY D 151 25.56 -20.59 -28.08
C GLY D 151 25.14 -19.15 -27.85
N GLY D 152 25.28 -18.65 -26.63
CA GLY D 152 24.91 -17.28 -26.37
C GLY D 152 24.12 -17.18 -25.08
N VAL D 153 23.19 -16.22 -25.00
CA VAL D 153 22.51 -15.93 -23.75
C VAL D 153 21.74 -17.07 -23.13
N GLU D 154 21.26 -18.01 -23.96
CA GLU D 154 20.62 -19.22 -23.46
C GLU D 154 21.25 -20.49 -24.01
N GLY D 155 22.48 -20.39 -24.50
CA GLY D 155 23.27 -21.58 -24.77
C GLY D 155 23.97 -22.09 -23.52
N HIS D 156 24.83 -23.09 -23.69
CA HIS D 156 25.53 -23.69 -22.57
C HIS D 156 26.39 -22.70 -21.81
N ARG D 157 26.34 -22.75 -20.48
CA ARG D 157 27.12 -21.85 -19.64
C ARG D 157 28.54 -22.41 -19.36
N ASP D 158 28.84 -23.58 -19.90
CA ASP D 158 30.08 -24.25 -19.61
C ASP D 158 30.40 -25.16 -20.78
N GLU D 159 31.52 -25.86 -20.69
CA GLU D 159 32.05 -26.68 -21.77
C GLU D 159 30.99 -27.62 -22.33
N VAL D 160 30.95 -27.76 -23.64
CA VAL D 160 30.00 -28.72 -24.23
C VAL D 160 30.74 -30.02 -24.53
N LEU D 161 30.20 -31.13 -24.06
CA LEU D 161 30.91 -32.39 -24.09
C LEU D 161 30.49 -33.31 -25.21
N SER D 162 29.28 -33.12 -25.74
CA SER D 162 28.72 -34.09 -26.68
C SER D 162 27.55 -33.49 -27.43
N ALA D 163 27.21 -34.09 -28.56
CA ALA D 163 26.02 -33.70 -29.30
C ALA D 163 25.70 -34.81 -30.28
N ASP D 164 24.49 -34.82 -30.82
CA ASP D 164 24.11 -35.84 -31.78
C ASP D 164 22.97 -35.34 -32.68
N TYR D 165 23.06 -35.64 -33.98
CA TYR D 165 21.92 -35.46 -34.85
C TYR D 165 20.95 -36.60 -34.59
N ASP D 166 19.67 -36.38 -34.84
CA ASP D 166 18.70 -37.47 -34.87
C ASP D 166 18.76 -38.11 -36.24
N LEU D 167 17.97 -39.15 -36.46
CA LEU D 167 18.16 -39.97 -37.65
C LEU D 167 18.07 -39.20 -38.96
N LEU D 168 17.02 -38.39 -39.11
CA LEU D 168 16.76 -37.71 -40.38
C LEU D 168 17.49 -36.39 -40.58
N GLY D 169 18.04 -35.84 -39.50
CA GLY D 169 18.91 -34.70 -39.63
C GLY D 169 18.19 -33.38 -39.43
N GLU D 170 17.12 -33.42 -38.62
CA GLU D 170 16.24 -32.27 -38.47
C GLU D 170 16.56 -31.48 -37.20
N LYS D 171 17.10 -32.17 -36.20
CA LYS D 171 17.43 -31.55 -34.92
C LYS D 171 18.69 -32.13 -34.26
N ILE D 172 19.36 -31.29 -33.48
CA ILE D 172 20.59 -31.60 -32.78
C ILE D 172 20.28 -31.54 -31.28
N MET D 173 20.92 -32.40 -30.50
CA MET D 173 20.74 -32.35 -29.05
C MET D 173 22.13 -32.33 -28.45
N SER D 174 22.35 -31.47 -27.48
CA SER D 174 23.70 -31.27 -26.95
C SER D 174 23.70 -31.30 -25.43
N CYS D 175 24.86 -31.56 -24.85
CA CYS D 175 24.95 -31.73 -23.41
C CYS D 175 26.34 -31.34 -23.01
N GLY D 176 26.54 -31.04 -21.73
CA GLY D 176 27.84 -30.59 -21.29
C GLY D 176 27.97 -30.46 -19.78
N MET D 177 28.88 -29.59 -19.36
CA MET D 177 29.35 -29.60 -17.99
C MET D 177 28.49 -28.78 -17.07
N ASP D 178 27.60 -27.98 -17.65
CA ASP D 178 26.64 -27.21 -16.87
C ASP D 178 25.39 -28.02 -16.59
N HIS D 179 25.45 -29.33 -16.82
CA HIS D 179 24.42 -30.30 -16.39
C HIS D 179 23.24 -30.31 -17.36
N SER D 180 23.40 -29.56 -18.44
CA SER D 180 22.27 -29.19 -19.26
C SER D 180 22.22 -30.06 -20.52
N LEU D 181 21.01 -30.36 -20.96
CA LEU D 181 20.83 -30.90 -22.30
C LEU D 181 19.93 -29.96 -23.08
N LYS D 182 20.26 -29.75 -24.35
CA LYS D 182 19.61 -28.73 -25.15
C LYS D 182 19.34 -29.19 -26.57
N LEU D 183 18.18 -28.82 -27.07
CA LEU D 183 17.67 -29.21 -28.38
C LEU D 183 17.80 -28.00 -29.31
N TRP D 184 18.37 -28.24 -30.49
CA TRP D 184 18.56 -27.18 -31.48
C TRP D 184 17.96 -27.71 -32.77
N ARG D 185 16.85 -27.14 -33.21
CA ARG D 185 16.20 -27.59 -34.43
C ARG D 185 16.96 -27.00 -35.61
N ILE D 186 17.21 -27.79 -36.64
CA ILE D 186 17.86 -27.23 -37.81
C ILE D 186 16.96 -27.34 -39.01
N ASN D 187 15.70 -27.68 -38.80
CA ASN D 187 14.73 -27.68 -39.90
C ASN D 187 13.76 -26.51 -39.81
N SER D 188 14.17 -25.47 -39.09
CA SER D 188 13.43 -24.22 -39.10
C SER D 188 13.70 -23.52 -40.42
N LYS D 189 12.85 -22.57 -40.77
CA LYS D 189 13.03 -21.81 -42.00
C LYS D 189 14.35 -21.05 -41.91
N ARG D 190 14.61 -20.45 -40.75
CA ARG D 190 15.87 -19.75 -40.54
C ARG D 190 17.03 -20.67 -40.87
N MET D 191 17.05 -21.86 -40.27
CA MET D 191 18.22 -22.71 -40.40
C MET D 191 18.35 -23.27 -41.79
N MET D 192 17.24 -23.74 -42.36
CA MET D 192 17.29 -24.28 -43.71
C MET D 192 17.66 -23.19 -44.71
N ASN D 193 17.26 -21.96 -44.43
CA ASN D 193 17.64 -20.83 -45.26
C ASN D 193 19.13 -20.55 -45.13
N ALA D 194 19.64 -20.62 -43.91
CA ALA D 194 21.06 -20.45 -43.66
C ALA D 194 21.89 -21.54 -44.35
N ILE D 195 21.33 -22.74 -44.42
CA ILE D 195 22.05 -23.84 -45.07
C ILE D 195 22.06 -23.63 -46.58
N LYS D 196 20.91 -23.31 -47.15
CA LYS D 196 20.81 -23.01 -48.58
C LYS D 196 21.78 -21.89 -48.90
N GLU D 197 21.69 -20.83 -48.11
CA GLU D 197 22.51 -19.63 -48.26
C GLU D 197 24.00 -19.99 -48.23
N SER D 198 24.35 -21.03 -47.49
CA SER D 198 25.76 -21.36 -47.31
C SER D 198 26.34 -22.01 -48.56
N TYR D 199 25.51 -22.80 -49.23
CA TYR D 199 25.91 -23.41 -50.48
C TYR D 199 26.04 -22.36 -51.60
N ASP D 200 25.30 -21.25 -51.48
CA ASP D 200 25.38 -20.17 -52.45
C ASP D 200 26.62 -19.28 -52.25
N TYR D 201 27.08 -19.16 -51.02
CA TYR D 201 28.18 -18.24 -50.77
C TYR D 201 29.39 -18.47 -51.66
N ASN D 202 29.65 -17.52 -52.54
CA ASN D 202 30.86 -17.55 -53.36
C ASN D 202 31.77 -16.39 -52.95
N PRO D 203 32.91 -16.70 -52.32
CA PRO D 203 33.82 -15.65 -51.84
C PRO D 203 34.37 -14.79 -52.98
N ASN D 204 34.48 -15.41 -54.16
CA ASN D 204 35.08 -14.77 -55.33
C ASN D 204 34.15 -13.74 -55.96
N LYS D 205 32.86 -13.86 -55.67
CA LYS D 205 31.85 -12.94 -56.20
C LYS D 205 31.28 -12.00 -55.14
N THR D 206 32.10 -11.62 -54.15
CA THR D 206 31.64 -10.67 -53.15
C THR D 206 32.72 -10.12 -52.25
N ASN D 207 32.43 -8.96 -51.67
CA ASN D 207 33.36 -8.23 -50.83
C ASN D 207 32.97 -8.40 -49.37
N ARG D 208 31.86 -9.08 -49.13
CA ARG D 208 31.43 -9.32 -47.77
C ARG D 208 31.55 -10.78 -47.39
N PRO D 209 31.77 -11.05 -46.10
CA PRO D 209 31.89 -12.41 -45.57
C PRO D 209 30.53 -13.06 -45.54
N PHE D 210 30.48 -14.38 -45.41
CA PHE D 210 29.21 -15.07 -45.24
C PHE D 210 28.67 -14.73 -43.86
N ILE D 211 27.36 -14.59 -43.75
CA ILE D 211 26.76 -14.17 -42.49
C ILE D 211 26.31 -15.39 -41.72
N SER D 212 27.04 -15.72 -40.66
CA SER D 212 26.77 -16.92 -39.87
C SER D 212 25.59 -16.64 -38.95
N GLN D 213 24.70 -17.62 -38.83
CA GLN D 213 23.63 -17.51 -37.86
C GLN D 213 24.20 -17.50 -36.45
N LYS D 214 23.65 -16.65 -35.60
CA LYS D 214 23.92 -16.73 -34.18
C LYS D 214 22.65 -17.16 -33.47
N ILE D 215 22.49 -18.46 -33.26
CA ILE D 215 21.38 -19.00 -32.50
C ILE D 215 21.69 -18.93 -31.01
N HIS D 216 21.11 -17.95 -30.31
CA HIS D 216 21.32 -17.85 -28.88
C HIS D 216 20.34 -18.66 -28.07
N PHE D 217 19.38 -19.30 -28.71
CA PHE D 217 18.24 -19.85 -27.98
C PHE D 217 17.91 -21.25 -28.43
N PRO D 218 18.02 -22.24 -27.53
CA PRO D 218 17.65 -23.61 -27.87
C PRO D 218 16.13 -23.81 -27.92
N ASP D 219 15.68 -24.78 -28.70
CA ASP D 219 14.26 -25.08 -28.77
C ASP D 219 13.78 -25.86 -27.57
N PHE D 220 14.68 -26.09 -26.62
CA PHE D 220 14.37 -26.82 -25.39
C PHE D 220 15.66 -27.08 -24.64
N SER D 221 15.59 -26.96 -23.31
CA SER D 221 16.76 -27.09 -22.45
C SER D 221 16.29 -27.65 -21.11
N THR D 222 17.03 -28.60 -20.54
CA THR D 222 16.69 -29.11 -19.21
C THR D 222 17.93 -29.37 -18.39
N ARG D 223 17.84 -29.07 -17.11
CA ARG D 223 18.93 -29.32 -16.17
C ARG D 223 18.49 -30.40 -15.20
N ASP D 224 17.53 -31.22 -15.60
CA ASP D 224 16.72 -31.96 -14.64
C ASP D 224 16.83 -33.48 -14.78
N ILE D 225 17.59 -33.93 -15.77
CA ILE D 225 17.80 -35.35 -15.95
C ILE D 225 18.90 -35.86 -15.05
N HIS D 226 20.06 -35.20 -15.11
CA HIS D 226 21.23 -35.61 -14.34
C HIS D 226 21.65 -34.55 -13.32
N ARG D 227 22.39 -34.98 -12.30
CA ARG D 227 22.87 -34.05 -11.28
C ARG D 227 24.36 -33.74 -11.39
N ASN D 228 24.90 -33.82 -12.59
CA ASN D 228 26.30 -33.49 -12.79
C ASN D 228 26.58 -33.28 -14.27
N TYR D 229 27.86 -33.16 -14.64
CA TYR D 229 28.19 -32.90 -16.03
C TYR D 229 27.64 -34.05 -16.86
N VAL D 230 27.23 -33.76 -18.08
CA VAL D 230 26.62 -34.74 -18.96
C VAL D 230 27.58 -34.87 -20.12
N ASP D 231 28.04 -36.08 -20.39
CA ASP D 231 29.18 -36.24 -21.27
C ASP D 231 28.93 -37.10 -22.48
N CYS D 232 27.72 -37.61 -22.62
CA CYS D 232 27.32 -38.31 -23.83
C CYS D 232 25.81 -38.23 -23.98
N VAL D 233 25.36 -37.95 -25.19
CA VAL D 233 23.93 -37.94 -25.51
C VAL D 233 23.76 -38.49 -26.90
N ARG D 234 22.73 -39.31 -27.09
CA ARG D 234 22.35 -39.79 -28.42
C ARG D 234 20.84 -39.87 -28.53
N TRP D 235 20.35 -39.82 -29.75
CA TRP D 235 18.93 -40.03 -29.99
C TRP D 235 18.67 -41.53 -30.08
N LEU D 236 17.60 -41.98 -29.43
CA LEU D 236 16.99 -43.25 -29.77
C LEU D 236 15.56 -42.96 -30.23
N GLY D 237 15.40 -42.68 -31.52
CA GLY D 237 14.11 -42.30 -32.02
C GLY D 237 13.84 -40.82 -31.81
N ASP D 238 12.73 -40.50 -31.19
CA ASP D 238 12.49 -39.14 -30.74
C ASP D 238 12.67 -39.08 -29.22
N LEU D 239 13.20 -40.17 -28.67
CA LEU D 239 13.59 -40.23 -27.28
C LEU D 239 15.09 -39.91 -27.19
N ILE D 240 15.53 -39.41 -26.04
CA ILE D 240 16.95 -39.13 -25.81
C ILE D 240 17.58 -40.13 -24.83
N LEU D 241 18.78 -40.59 -25.15
CA LEU D 241 19.58 -41.40 -24.24
C LEU D 241 20.78 -40.57 -23.79
N SER D 242 20.97 -40.43 -22.48
CA SER D 242 22.06 -39.60 -21.97
C SER D 242 22.62 -40.09 -20.61
N LYS D 243 23.91 -39.85 -20.40
CA LYS D 243 24.57 -40.28 -19.16
C LYS D 243 25.38 -39.18 -18.54
N SER D 244 25.43 -39.19 -17.21
CA SER D 244 26.38 -38.42 -16.44
C SER D 244 27.44 -39.36 -15.93
N CYS D 245 27.80 -39.19 -14.66
CA CYS D 245 28.74 -40.07 -13.97
C CYS D 245 28.08 -40.74 -12.77
N GLU D 246 26.76 -40.83 -12.79
CA GLU D 246 25.98 -41.45 -11.72
C GLU D 246 25.70 -42.92 -12.08
N ASN D 247 26.54 -43.47 -12.97
CA ASN D 247 26.44 -44.87 -13.35
C ASN D 247 25.08 -45.32 -13.91
N ALA D 248 24.42 -44.45 -14.66
CA ALA D 248 23.27 -44.86 -15.47
C ALA D 248 23.25 -44.15 -16.82
N ILE D 249 22.71 -44.84 -17.82
CA ILE D 249 22.26 -44.17 -19.03
C ILE D 249 20.76 -43.94 -18.87
N VAL D 250 20.33 -42.69 -19.04
CA VAL D 250 18.94 -42.33 -18.76
C VAL D 250 18.15 -42.10 -20.05
N CYS D 251 17.02 -42.78 -20.17
CA CYS D 251 16.14 -42.59 -21.31
C CYS D 251 15.03 -41.66 -20.90
N TRP D 252 14.85 -40.59 -21.66
CA TRP D 252 13.86 -39.57 -21.32
C TRP D 252 13.39 -38.85 -22.57
N LYS D 253 12.33 -38.06 -22.44
CA LYS D 253 11.87 -37.22 -23.54
C LYS D 253 11.45 -35.88 -22.99
N PRO D 254 11.63 -34.83 -23.79
CA PRO D 254 11.14 -33.53 -23.34
C PRO D 254 9.61 -33.50 -23.31
N GLY D 255 9.06 -32.71 -22.40
CA GLY D 255 7.62 -32.69 -22.23
C GLY D 255 7.05 -33.83 -21.41
N LYS D 256 5.73 -33.90 -21.35
CA LYS D 256 5.03 -34.95 -20.63
C LYS D 256 4.91 -36.17 -21.51
N MET D 257 4.45 -37.28 -20.95
CA MET D 257 4.58 -38.59 -21.60
C MET D 257 4.02 -38.61 -23.02
N GLU D 258 2.95 -37.86 -23.23
CA GLU D 258 2.26 -37.88 -24.51
C GLU D 258 2.65 -36.73 -25.45
N ASP D 259 3.42 -35.78 -24.95
CA ASP D 259 3.89 -34.67 -25.77
C ASP D 259 4.79 -35.12 -26.93
N ASP D 260 4.63 -34.47 -28.07
CA ASP D 260 5.28 -34.86 -29.31
C ASP D 260 6.54 -34.03 -29.46
N ILE D 261 7.70 -34.69 -29.62
CA ILE D 261 8.98 -33.99 -29.65
C ILE D 261 8.88 -32.72 -30.53
N ASP D 262 8.15 -32.84 -31.64
CA ASP D 262 8.05 -31.75 -32.60
C ASP D 262 7.01 -30.64 -32.28
N LYS D 263 6.14 -30.88 -31.31
CA LYS D 263 5.22 -29.83 -30.88
C LYS D 263 5.65 -29.23 -29.54
N ILE D 264 6.73 -29.78 -28.98
CA ILE D 264 7.31 -29.25 -27.75
C ILE D 264 7.75 -27.81 -27.92
N LYS D 265 7.57 -27.02 -26.88
CA LYS D 265 7.67 -25.58 -26.95
C LYS D 265 8.87 -25.10 -26.14
N PRO D 266 9.66 -24.16 -26.69
CA PRO D 266 10.92 -23.79 -26.04
C PRO D 266 10.81 -23.34 -24.59
N SER D 267 9.60 -23.20 -24.07
CA SER D 267 9.45 -22.85 -22.66
C SER D 267 9.02 -24.05 -21.84
N GLU D 268 8.85 -25.18 -22.51
CA GLU D 268 8.47 -26.41 -21.83
C GLU D 268 9.41 -26.70 -20.66
N SER D 269 8.85 -26.89 -19.47
CA SER D 269 9.65 -27.19 -18.29
C SER D 269 9.59 -28.64 -17.86
N ASN D 270 8.80 -29.46 -18.55
CA ASN D 270 8.63 -30.86 -18.17
C ASN D 270 9.59 -31.79 -18.88
N VAL D 271 10.06 -32.81 -18.16
CA VAL D 271 10.69 -33.94 -18.80
C VAL D 271 10.04 -35.22 -18.28
N THR D 272 10.14 -36.29 -19.05
CA THR D 272 9.58 -37.57 -18.63
C THR D 272 10.67 -38.64 -18.71
N ILE D 273 10.89 -39.35 -17.61
CA ILE D 273 11.98 -40.30 -17.58
C ILE D 273 11.47 -41.70 -17.80
N LEU D 274 11.84 -42.28 -18.93
CA LEU D 274 11.27 -43.54 -19.38
C LEU D 274 11.92 -44.75 -18.70
N GLY D 275 13.12 -44.55 -18.19
CA GLY D 275 13.81 -45.64 -17.54
C GLY D 275 15.29 -45.49 -17.75
N ARG D 276 16.07 -46.48 -17.33
CA ARG D 276 17.50 -46.36 -17.44
C ARG D 276 18.26 -47.67 -17.40
N PHE D 277 19.50 -47.62 -17.88
CA PHE D 277 20.39 -48.77 -17.90
C PHE D 277 21.43 -48.59 -16.82
N ASP D 278 21.56 -49.60 -15.96
CA ASP D 278 22.50 -49.54 -14.85
C ASP D 278 23.76 -50.34 -15.12
N TYR D 279 24.87 -49.85 -14.54
CA TYR D 279 26.20 -50.43 -14.71
C TYR D 279 26.99 -49.88 -13.52
N SER D 280 28.27 -50.21 -13.42
CA SER D 280 29.05 -49.68 -12.29
C SER D 280 30.45 -49.23 -12.68
N GLN D 281 31.07 -48.47 -11.78
CA GLN D 281 32.45 -48.03 -11.95
C GLN D 281 32.68 -47.26 -13.24
N CYS D 282 31.83 -46.28 -13.52
CA CYS D 282 32.02 -45.38 -14.65
C CYS D 282 31.64 -43.97 -14.20
N ASP D 283 32.35 -43.49 -13.18
CA ASP D 283 32.10 -42.18 -12.60
C ASP D 283 33.21 -41.16 -12.85
N ILE D 284 34.22 -41.54 -13.62
CA ILE D 284 35.12 -40.57 -14.21
C ILE D 284 34.46 -40.09 -15.50
N TRP D 285 34.73 -38.84 -15.89
CA TRP D 285 34.02 -38.26 -17.02
C TRP D 285 34.72 -38.46 -18.35
N TYR D 286 34.01 -38.13 -19.42
CA TYR D 286 34.51 -38.31 -20.77
C TYR D 286 34.60 -39.79 -21.12
N MET D 287 33.49 -40.49 -20.90
CA MET D 287 33.35 -41.91 -21.17
C MET D 287 32.06 -42.06 -21.97
N ARG D 288 32.16 -42.58 -23.19
CA ARG D 288 31.06 -42.44 -24.13
C ARG D 288 30.42 -43.74 -24.61
N PHE D 289 29.11 -43.83 -24.51
CA PHE D 289 28.43 -44.98 -25.05
C PHE D 289 28.16 -44.81 -26.53
N SER D 290 28.06 -45.95 -27.22
CA SER D 290 27.88 -45.98 -28.66
C SER D 290 26.67 -46.82 -29.03
N MET D 291 26.17 -46.63 -30.25
CA MET D 291 25.05 -47.44 -30.71
C MET D 291 25.31 -48.10 -32.07
N ASP D 292 24.51 -49.15 -32.29
CA ASP D 292 24.34 -49.79 -33.59
C ASP D 292 23.92 -48.79 -34.68
N PHE D 293 24.11 -49.15 -35.94
CA PHE D 293 23.48 -48.35 -36.98
C PHE D 293 21.97 -48.50 -36.90
N TRP D 294 21.50 -49.74 -36.78
CA TRP D 294 20.08 -50.00 -36.75
C TRP D 294 19.53 -49.73 -35.36
N GLN D 295 20.36 -49.16 -34.51
CA GLN D 295 19.93 -48.79 -33.17
C GLN D 295 19.22 -49.95 -32.51
N LYS D 296 19.82 -51.13 -32.59
CA LYS D 296 19.26 -52.32 -31.95
C LYS D 296 19.91 -52.55 -30.60
N MET D 297 21.20 -52.25 -30.49
CA MET D 297 21.92 -52.48 -29.24
C MET D 297 22.89 -51.36 -28.85
N LEU D 298 23.12 -51.23 -27.55
CA LEU D 298 23.92 -50.12 -27.03
C LEU D 298 25.09 -50.64 -26.20
N ALA D 299 26.27 -50.04 -26.36
CA ALA D 299 27.49 -50.54 -25.72
C ALA D 299 28.24 -49.46 -24.95
N LEU D 300 28.57 -49.72 -23.69
CA LEU D 300 29.34 -48.77 -22.88
C LEU D 300 30.54 -49.45 -22.23
N GLY D 301 31.62 -48.69 -22.07
CA GLY D 301 32.83 -49.21 -21.48
C GLY D 301 33.08 -48.65 -20.11
N ASN D 302 33.93 -49.31 -19.35
CA ASN D 302 34.08 -49.08 -17.92
C ASN D 302 35.42 -48.41 -17.63
N GLN D 303 35.59 -47.90 -16.41
CA GLN D 303 36.86 -47.31 -16.05
C GLN D 303 37.85 -48.39 -15.67
N VAL D 304 37.34 -49.59 -15.37
CA VAL D 304 38.21 -50.72 -15.09
C VAL D 304 38.21 -51.76 -16.19
N GLY D 305 37.59 -51.48 -17.34
CA GLY D 305 37.82 -52.31 -18.50
C GLY D 305 36.67 -53.23 -18.88
N LYS D 306 35.61 -53.23 -18.10
CA LYS D 306 34.42 -53.98 -18.46
C LYS D 306 33.64 -53.26 -19.56
N LEU D 307 33.08 -54.02 -20.49
CA LEU D 307 32.37 -53.44 -21.62
C LEU D 307 30.93 -53.93 -21.64
N TYR D 308 29.97 -53.04 -21.43
CA TYR D 308 28.57 -53.45 -21.38
C TYR D 308 27.84 -53.32 -22.72
N VAL D 309 27.10 -54.36 -23.08
CA VAL D 309 26.29 -54.31 -24.28
C VAL D 309 24.82 -54.65 -23.97
N TRP D 310 23.92 -53.74 -24.32
CA TRP D 310 22.49 -53.94 -24.10
C TRP D 310 21.76 -54.24 -25.40
N ASP D 311 20.64 -54.93 -25.30
CA ASP D 311 19.75 -55.12 -26.44
C ASP D 311 18.54 -54.20 -26.28
N LEU D 312 18.33 -53.33 -27.27
CA LEU D 312 17.37 -52.24 -27.16
C LEU D 312 16.00 -52.58 -27.76
N GLU D 313 15.94 -53.74 -28.41
CA GLU D 313 14.68 -54.28 -28.93
C GLU D 313 13.94 -55.02 -27.82
N VAL D 314 13.72 -54.33 -26.71
CA VAL D 314 12.98 -54.90 -25.60
C VAL D 314 11.84 -53.98 -25.26
N GLU D 315 11.23 -54.25 -24.11
CA GLU D 315 10.08 -53.49 -23.67
C GLU D 315 10.55 -52.31 -22.83
N ASP D 316 11.29 -52.63 -21.77
CA ASP D 316 11.63 -51.64 -20.76
C ASP D 316 13.13 -51.62 -20.51
N PRO D 317 13.61 -50.58 -19.82
CA PRO D 317 14.98 -50.59 -19.29
C PRO D 317 15.11 -51.64 -18.20
N HIS D 318 14.01 -51.86 -17.47
CA HIS D 318 13.96 -52.87 -16.41
C HIS D 318 14.43 -54.23 -16.93
N LYS D 319 13.80 -54.70 -18.00
CA LYS D 319 14.09 -56.01 -18.59
C LYS D 319 15.22 -55.94 -19.63
N ALA D 320 15.73 -54.73 -19.87
CA ALA D 320 16.79 -54.55 -20.86
C ALA D 320 17.86 -55.62 -20.69
N LYS D 321 17.95 -56.52 -21.67
CA LYS D 321 18.88 -57.64 -21.61
C LYS D 321 20.32 -57.15 -21.66
N CYS D 322 21.10 -57.39 -20.60
CA CYS D 322 22.47 -56.91 -20.59
C CYS D 322 23.51 -58.01 -20.47
N THR D 323 24.41 -58.04 -21.44
CA THR D 323 25.57 -58.92 -21.36
C THR D 323 26.82 -58.11 -21.05
N THR D 324 27.75 -58.67 -20.30
CA THR D 324 28.98 -57.96 -19.93
C THR D 324 30.20 -58.65 -20.53
N LEU D 325 30.84 -58.00 -21.49
CA LEU D 325 32.06 -58.49 -22.08
C LEU D 325 33.21 -58.16 -21.15
N THR D 326 34.16 -59.06 -21.03
CA THR D 326 35.25 -58.89 -20.08
C THR D 326 36.43 -59.79 -20.40
N HIS D 327 37.64 -59.36 -20.01
CA HIS D 327 38.83 -60.10 -20.39
C HIS D 327 40.02 -59.77 -19.51
N HIS D 328 40.67 -60.82 -19.03
CA HIS D 328 41.74 -60.72 -18.04
C HIS D 328 42.76 -59.63 -18.42
N LYS D 329 42.99 -59.46 -19.72
CA LYS D 329 44.04 -58.59 -20.21
C LYS D 329 43.57 -57.13 -20.35
N CYS D 330 42.26 -56.94 -20.45
CA CYS D 330 41.69 -55.60 -20.62
C CYS D 330 41.30 -55.02 -19.25
N GLY D 331 42.04 -54.02 -18.79
CA GLY D 331 41.79 -53.48 -17.46
C GLY D 331 41.83 -51.97 -17.39
N ALA D 332 42.00 -51.33 -18.54
CA ALA D 332 42.06 -49.87 -18.61
C ALA D 332 40.67 -49.29 -18.75
N ALA D 333 40.55 -47.98 -18.58
CA ALA D 333 39.32 -47.26 -18.87
C ALA D 333 39.01 -47.29 -20.37
N ILE D 334 37.80 -47.72 -20.70
CA ILE D 334 37.32 -47.73 -22.08
C ILE D 334 36.66 -46.37 -22.38
N ARG D 335 37.31 -45.61 -23.26
CA ARG D 335 36.88 -44.24 -23.53
C ARG D 335 35.68 -44.13 -24.46
N GLN D 336 35.59 -45.04 -25.43
CA GLN D 336 34.50 -45.02 -26.40
C GLN D 336 34.43 -46.36 -27.13
N THR D 337 33.27 -46.65 -27.71
CA THR D 337 33.08 -47.89 -28.43
C THR D 337 32.50 -47.59 -29.79
N SER D 338 32.56 -48.58 -30.68
CA SER D 338 32.04 -48.43 -32.04
C SER D 338 31.69 -49.80 -32.60
N PHE D 339 30.43 -49.92 -33.04
CA PHE D 339 29.95 -51.04 -33.83
C PHE D 339 30.27 -50.85 -35.31
N SER D 340 30.57 -51.94 -36.00
CA SER D 340 30.59 -51.90 -37.46
C SER D 340 29.17 -51.57 -37.92
N ARG D 341 29.05 -51.15 -39.17
CA ARG D 341 27.75 -50.79 -39.70
C ARG D 341 26.73 -51.90 -39.50
N ASP D 342 27.22 -53.13 -39.45
CA ASP D 342 26.32 -54.29 -39.44
C ASP D 342 26.18 -54.94 -38.07
N SER D 343 27.06 -54.58 -37.13
CA SER D 343 27.02 -55.09 -35.76
C SER D 343 27.84 -56.37 -35.54
N SER D 344 28.48 -56.86 -36.60
CA SER D 344 29.26 -58.08 -36.49
C SER D 344 30.47 -57.82 -35.61
N ILE D 345 30.91 -56.57 -35.59
CA ILE D 345 32.11 -56.23 -34.83
C ILE D 345 31.88 -55.05 -33.90
N LEU D 346 32.56 -55.09 -32.76
CA LEU D 346 32.49 -54.05 -31.74
C LEU D 346 33.92 -53.73 -31.32
N ILE D 347 34.33 -52.48 -31.52
CA ILE D 347 35.68 -52.06 -31.12
C ILE D 347 35.62 -51.11 -29.92
N ALA D 348 36.51 -51.34 -28.95
CA ALA D 348 36.62 -50.49 -27.78
C ALA D 348 38.08 -50.05 -27.64
N VAL D 349 38.29 -48.81 -27.21
CA VAL D 349 39.64 -48.28 -27.06
C VAL D 349 39.88 -47.68 -25.67
N CYS D 350 41.13 -47.66 -25.22
CA CYS D 350 41.40 -47.46 -23.79
C CYS D 350 42.47 -46.42 -23.44
N ASP D 351 42.52 -46.08 -22.15
CA ASP D 351 43.54 -45.19 -21.59
C ASP D 351 44.98 -45.64 -21.88
N ASP D 352 45.14 -46.94 -22.11
CA ASP D 352 46.46 -47.57 -22.16
C ASP D 352 46.96 -47.76 -23.59
N ALA D 353 46.29 -47.10 -24.53
CA ALA D 353 46.62 -47.14 -25.96
C ALA D 353 46.16 -48.41 -26.64
N SER D 354 45.27 -49.15 -26.00
CA SER D 354 44.85 -50.45 -26.52
C SER D 354 43.50 -50.45 -27.27
N ILE D 355 43.38 -51.37 -28.23
CA ILE D 355 42.16 -51.53 -29.01
C ILE D 355 41.69 -52.99 -28.84
N TRP D 356 40.43 -53.18 -28.47
CA TRP D 356 39.88 -54.52 -28.24
C TRP D 356 38.76 -54.82 -29.25
N ARG D 357 38.95 -55.89 -30.01
CA ARG D 357 37.99 -56.24 -31.04
C ARG D 357 37.14 -57.39 -30.58
N TRP D 358 35.82 -57.20 -30.61
CA TRP D 358 34.87 -58.23 -30.21
C TRP D 358 34.00 -58.61 -31.39
N ASP D 359 33.88 -59.90 -31.65
CA ASP D 359 33.01 -60.35 -32.73
C ASP D 359 31.74 -61.05 -32.26
N ARG D 360 30.76 -61.08 -33.17
CA ARG D 360 29.38 -61.41 -32.84
C ARG D 360 29.06 -62.79 -33.38
N LEU D 361 27.77 -63.16 -33.29
CA LEU D 361 27.27 -64.48 -33.63
C LEU D 361 27.71 -65.50 -32.58
N HIS E 27 2.15 39.72 10.67
CA HIS E 27 3.21 40.29 9.78
C HIS E 27 4.21 39.23 9.33
N ASN E 28 4.99 38.70 10.27
CA ASN E 28 5.98 37.67 9.93
C ASN E 28 6.00 36.55 10.97
N ARG E 29 5.11 35.58 10.78
CA ARG E 29 4.80 34.60 11.81
C ARG E 29 3.68 33.73 11.30
N LEU E 30 3.70 32.44 11.63
CA LEU E 30 2.61 31.58 11.23
C LEU E 30 1.47 31.69 12.24
N TYR E 31 0.29 32.03 11.75
CA TYR E 31 -0.87 32.16 12.62
C TYR E 31 -1.76 30.93 12.45
N PHE E 32 -2.66 30.75 13.41
CA PHE E 32 -3.53 29.58 13.48
C PHE E 32 -4.99 29.94 13.72
N HIS E 33 -5.91 29.23 13.07
CA HIS E 33 -7.31 29.39 13.37
C HIS E 33 -7.60 28.97 14.81
N SER E 34 -8.28 29.83 15.57
CA SER E 34 -8.42 29.60 17.01
C SER E 34 -9.48 28.54 17.31
N ASP E 35 -10.36 28.28 16.34
CA ASP E 35 -11.44 27.32 16.54
C ASP E 35 -11.07 25.90 16.13
N THR E 36 -9.99 25.73 15.36
CA THR E 36 -9.54 24.41 14.91
C THR E 36 -8.03 24.15 15.08
N CYS E 37 -7.29 25.19 15.45
CA CYS E 37 -5.83 25.12 15.57
C CYS E 37 -5.09 24.68 14.32
N LEU E 38 -5.78 24.59 13.18
CA LEU E 38 -5.09 24.42 11.90
C LEU E 38 -4.41 25.72 11.49
N PRO E 39 -3.34 25.63 10.71
CA PRO E 39 -2.55 26.81 10.33
C PRO E 39 -3.22 27.72 9.31
N LEU E 40 -3.09 29.02 9.52
CA LEU E 40 -3.66 30.01 8.63
C LEU E 40 -2.87 30.04 7.34
N ARG E 41 -3.50 29.60 6.26
CA ARG E 41 -2.89 29.67 4.93
C ARG E 41 -2.73 31.13 4.49
N PRO E 42 -1.71 31.41 3.67
CA PRO E 42 -1.34 32.76 3.25
C PRO E 42 -2.46 33.57 2.59
N GLN E 43 -3.45 32.87 2.03
CA GLN E 43 -4.62 33.51 1.41
C GLN E 43 -5.35 34.40 2.39
N GLU E 44 -4.79 34.52 3.60
CA GLU E 44 -4.97 35.72 4.40
C GLU E 44 -5.99 35.60 5.51
N MET E 45 -5.86 36.51 6.48
CA MET E 45 -6.57 36.47 7.75
C MET E 45 -7.59 37.61 7.86
N GLU E 46 -8.09 38.07 6.71
CA GLU E 46 -8.98 39.23 6.68
C GLU E 46 -10.29 38.90 7.39
N VAL E 47 -10.68 37.63 7.34
CA VAL E 47 -11.87 37.16 8.01
C VAL E 47 -11.57 36.82 9.47
N ASP E 48 -12.38 37.35 10.38
CA ASP E 48 -12.26 37.04 11.80
C ASP E 48 -12.87 35.66 12.02
N ASP E 49 -12.44 34.96 13.08
CA ASP E 49 -13.05 33.68 13.42
C ASP E 49 -13.97 33.81 14.63
N GLU E 50 -14.29 35.04 15.00
CA GLU E 50 -15.10 35.30 16.19
C GLU E 50 -16.17 36.36 15.92
N ASP E 51 -16.54 36.53 14.65
CA ASP E 51 -17.56 37.49 14.26
C ASP E 51 -18.95 37.15 14.77
N GLU E 52 -19.11 35.94 15.29
CA GLU E 52 -20.42 35.48 15.77
C GLU E 52 -20.87 36.37 16.92
N LYS E 53 -21.84 37.24 16.66
CA LYS E 53 -22.42 38.06 17.71
C LYS E 53 -23.02 37.12 18.76
N ASP E 54 -23.69 36.09 18.27
CA ASP E 54 -24.18 34.99 19.09
C ASP E 54 -23.77 33.68 18.42
N PRO E 55 -22.70 33.03 18.91
CA PRO E 55 -22.25 31.78 18.28
C PRO E 55 -23.30 30.68 18.27
N GLU E 56 -23.39 29.98 17.15
CA GLU E 56 -24.34 28.89 16.94
C GLU E 56 -24.81 28.19 18.22
N TRP E 57 -23.87 27.71 19.02
CA TRP E 57 -24.18 26.89 20.17
C TRP E 57 -24.94 27.63 21.27
N LEU E 58 -24.81 28.95 21.32
CA LEU E 58 -25.57 29.72 22.30
C LEU E 58 -27.05 29.73 21.89
N ARG E 59 -27.29 29.70 20.59
CA ARG E 59 -28.64 29.69 20.08
C ARG E 59 -29.29 28.37 20.45
N GLU E 60 -28.70 27.26 20.02
CA GLU E 60 -29.21 25.96 20.43
C GLU E 60 -29.37 25.86 21.95
N LYS E 61 -28.35 26.30 22.69
CA LYS E 61 -28.36 26.16 24.13
C LYS E 61 -29.53 26.95 24.73
N THR E 62 -29.89 28.07 24.12
CA THR E 62 -30.95 28.90 24.71
C THR E 62 -32.32 28.26 24.50
N ILE E 63 -32.56 27.70 23.32
CA ILE E 63 -33.87 27.16 23.02
C ILE E 63 -34.00 25.77 23.64
N THR E 64 -32.87 25.09 23.83
CA THR E 64 -32.85 23.85 24.58
C THR E 64 -33.30 24.10 26.00
N GLN E 65 -32.79 25.15 26.63
CA GLN E 65 -33.15 25.46 28.01
C GLN E 65 -34.62 25.86 28.17
N ILE E 66 -35.22 26.42 27.13
CA ILE E 66 -36.61 26.87 27.23
C ILE E 66 -37.51 25.64 27.18
N GLU E 67 -37.08 24.64 26.42
CA GLU E 67 -37.84 23.42 26.27
C GLU E 67 -37.82 22.61 27.55
N GLU E 68 -36.70 22.67 28.27
CA GLU E 68 -36.55 21.95 29.54
C GLU E 68 -37.52 22.44 30.61
N PHE E 69 -38.32 23.46 30.30
CA PHE E 69 -39.30 23.96 31.26
C PHE E 69 -40.59 23.13 31.25
N SER E 70 -40.88 22.51 32.39
CA SER E 70 -42.15 21.83 32.60
C SER E 70 -42.95 22.70 33.57
N ASP E 71 -43.61 23.72 33.02
CA ASP E 71 -44.04 24.84 33.83
C ASP E 71 -44.58 25.90 32.86
N VAL E 72 -44.22 25.74 31.59
CA VAL E 72 -44.42 26.79 30.59
C VAL E 72 -45.07 26.11 29.38
N ASN E 73 -45.99 26.82 28.72
CA ASN E 73 -46.75 26.26 27.59
C ASN E 73 -45.85 25.64 26.54
N GLU E 74 -46.46 25.15 25.48
CA GLU E 74 -45.72 24.89 24.26
C GLU E 74 -45.89 26.16 23.44
N GLY E 75 -46.87 26.97 23.84
CA GLY E 75 -47.21 28.16 23.08
C GLY E 75 -46.37 29.34 23.49
N GLU E 76 -46.25 29.57 24.80
CA GLU E 76 -45.48 30.70 25.30
C GLU E 76 -43.97 30.45 25.24
N LYS E 77 -43.60 29.21 24.94
CA LYS E 77 -42.19 28.86 24.75
C LYS E 77 -41.74 29.19 23.33
N GLU E 78 -42.56 28.82 22.36
CA GLU E 78 -42.20 29.05 20.97
C GLU E 78 -42.14 30.54 20.65
N VAL E 79 -42.71 31.36 21.53
CA VAL E 79 -42.61 32.80 21.35
C VAL E 79 -41.36 33.28 22.06
N MET E 80 -41.13 32.74 23.25
CA MET E 80 -39.93 33.06 24.01
C MET E 80 -38.65 32.73 23.23
N LYS E 81 -38.67 31.62 22.49
CA LYS E 81 -37.48 31.17 21.75
C LYS E 81 -37.23 32.12 20.60
N LEU E 82 -38.24 32.31 19.77
CA LEU E 82 -38.13 33.28 18.71
C LEU E 82 -37.62 34.65 19.19
N TRP E 83 -38.07 35.10 20.36
CA TRP E 83 -37.68 36.43 20.80
C TRP E 83 -36.20 36.43 21.16
N ASN E 84 -35.80 35.46 21.97
CA ASN E 84 -34.40 35.31 22.34
C ASN E 84 -33.50 35.24 21.12
N LEU E 85 -33.84 34.36 20.18
CA LEU E 85 -33.06 34.27 18.96
C LEU E 85 -33.00 35.63 18.27
N HIS E 86 -34.10 36.37 18.34
CA HIS E 86 -34.20 37.63 17.64
C HIS E 86 -33.29 38.67 18.29
N VAL E 87 -33.34 38.75 19.61
CA VAL E 87 -32.54 39.70 20.38
C VAL E 87 -31.06 39.36 20.35
N MET E 88 -30.75 38.08 20.20
CA MET E 88 -29.35 37.69 20.14
C MET E 88 -28.78 38.11 18.81
N LYS E 89 -29.58 38.00 17.76
CA LYS E 89 -29.08 38.23 16.41
C LYS E 89 -28.73 39.69 16.14
N HIS E 90 -29.37 40.60 16.87
CA HIS E 90 -29.16 42.02 16.66
C HIS E 90 -28.38 42.66 17.80
N GLY E 91 -28.46 42.06 18.98
CA GLY E 91 -27.65 42.51 20.08
C GLY E 91 -28.10 43.85 20.62
N PHE E 92 -29.40 44.02 20.80
CA PHE E 92 -29.94 45.25 21.39
C PHE E 92 -29.38 45.40 22.79
N ILE E 93 -29.07 46.61 23.20
CA ILE E 93 -28.49 46.76 24.53
C ILE E 93 -29.03 47.95 25.29
N ALA E 94 -29.86 48.75 24.64
CA ALA E 94 -30.47 49.92 25.30
C ALA E 94 -31.98 49.75 25.39
N ASP E 95 -32.59 50.34 26.41
CA ASP E 95 -34.05 50.35 26.55
C ASP E 95 -34.64 51.02 25.31
N ASN E 96 -34.04 52.14 24.91
CA ASN E 96 -34.54 52.91 23.78
C ASN E 96 -34.51 52.15 22.47
N GLN E 97 -34.29 50.84 22.52
CA GLN E 97 -34.23 50.07 21.28
C GLN E 97 -35.37 49.07 21.17
N MET E 98 -36.14 48.91 22.24
CA MET E 98 -37.12 47.83 22.29
C MET E 98 -38.30 48.08 21.36
N ASN E 99 -38.70 49.34 21.21
CA ASN E 99 -39.80 49.65 20.29
C ASN E 99 -39.42 49.19 18.88
N HIS E 100 -38.25 49.61 18.41
CA HIS E 100 -37.77 49.16 17.11
C HIS E 100 -37.59 47.66 17.07
N ALA E 101 -37.23 47.07 18.21
CA ALA E 101 -36.96 45.64 18.29
C ALA E 101 -38.22 44.84 17.96
N CYS E 102 -39.33 45.25 18.56
CA CYS E 102 -40.61 44.57 18.37
C CYS E 102 -41.16 44.81 16.95
N MET E 103 -41.02 46.02 16.43
CA MET E 103 -41.41 46.26 15.04
C MET E 103 -40.56 45.38 14.12
N LEU E 104 -39.27 45.28 14.45
CA LEU E 104 -38.34 44.43 13.73
C LEU E 104 -38.76 42.97 13.89
N PHE E 105 -39.11 42.60 15.13
CA PHE E 105 -39.51 41.24 15.41
C PHE E 105 -40.64 40.81 14.48
N VAL E 106 -41.68 41.61 14.37
CA VAL E 106 -42.81 41.18 13.55
C VAL E 106 -42.48 41.18 12.07
N GLU E 107 -41.82 42.24 11.57
CA GLU E 107 -41.35 42.23 10.20
C GLU E 107 -40.65 40.91 9.87
N ASN E 108 -39.67 40.54 10.69
CA ASN E 108 -38.79 39.39 10.43
C ASN E 108 -39.38 38.03 10.83
N TYR E 109 -40.14 38.02 11.92
CA TYR E 109 -40.63 36.76 12.48
C TYR E 109 -42.15 36.55 12.33
N GLY E 110 -42.86 37.59 11.90
CA GLY E 110 -44.32 37.55 11.85
C GLY E 110 -44.90 36.33 11.16
N GLN E 111 -44.39 36.02 9.97
CA GLN E 111 -44.85 34.85 9.23
C GLN E 111 -44.78 33.59 10.08
N LYS E 112 -43.69 33.43 10.83
CA LYS E 112 -43.55 32.27 11.71
C LYS E 112 -44.58 32.32 12.83
N ILE E 113 -44.78 33.49 13.40
CA ILE E 113 -45.72 33.67 14.50
C ILE E 113 -47.13 33.26 14.07
N ILE E 114 -47.50 33.65 12.85
CA ILE E 114 -48.81 33.30 12.31
C ILE E 114 -48.89 31.82 11.99
N LYS E 115 -48.05 31.36 11.06
CA LYS E 115 -48.09 29.97 10.60
C LYS E 115 -48.00 28.94 11.72
N LYS E 116 -47.30 29.26 12.80
CA LYS E 116 -47.18 28.32 13.92
C LYS E 116 -48.27 28.57 14.95
N ASN E 117 -49.13 29.55 14.63
CA ASN E 117 -50.30 29.84 15.46
C ASN E 117 -49.90 30.29 16.86
N LEU E 118 -49.23 31.44 16.92
CA LEU E 118 -48.70 31.98 18.18
C LEU E 118 -49.12 33.44 18.35
N CYS E 119 -50.16 33.84 17.62
CA CYS E 119 -50.56 35.25 17.57
C CYS E 119 -50.99 35.81 18.92
N ARG E 120 -51.70 35.00 19.70
CA ARG E 120 -52.17 35.46 21.00
C ARG E 120 -51.02 35.47 22.00
N ASN E 121 -50.24 34.40 22.03
CA ASN E 121 -49.06 34.33 22.90
C ASN E 121 -48.13 35.50 22.58
N PHE E 122 -47.95 35.81 21.30
CA PHE E 122 -47.16 36.97 20.92
C PHE E 122 -47.69 38.20 21.63
N MET E 123 -49.01 38.38 21.58
CA MET E 123 -49.68 39.53 22.20
C MET E 123 -49.42 39.61 23.70
N LEU E 124 -49.41 38.46 24.37
CA LEU E 124 -49.08 38.44 25.80
C LEU E 124 -47.65 38.91 25.99
N HIS E 125 -46.82 38.70 24.98
CA HIS E 125 -45.43 39.16 25.04
C HIS E 125 -45.35 40.69 24.94
N LEU E 126 -46.12 41.30 24.04
CA LEU E 126 -46.13 42.76 23.93
C LEU E 126 -46.65 43.46 25.18
N VAL E 127 -47.63 42.84 25.84
CA VAL E 127 -48.19 43.44 27.05
C VAL E 127 -47.19 43.32 28.19
N SER E 128 -46.49 42.17 28.24
CA SER E 128 -45.47 41.96 29.26
C SER E 128 -44.37 42.98 29.07
N MET E 129 -43.89 43.10 27.83
CA MET E 129 -42.88 44.08 27.51
C MET E 129 -43.27 45.47 27.99
N HIS E 130 -44.58 45.71 27.97
CA HIS E 130 -45.14 46.97 28.35
C HIS E 130 -45.17 47.10 29.87
N ASP E 131 -45.36 45.98 30.57
CA ASP E 131 -45.35 45.98 32.02
C ASP E 131 -43.94 46.28 32.53
N PHE E 132 -42.92 45.80 31.82
CA PHE E 132 -41.52 46.04 32.21
C PHE E 132 -41.06 47.46 31.87
N ASN E 133 -41.93 48.22 31.19
CA ASN E 133 -41.67 49.63 30.90
C ASN E 133 -40.73 49.87 29.74
N LEU E 134 -40.65 48.88 28.84
CA LEU E 134 -39.68 48.93 27.76
C LEU E 134 -40.28 49.49 26.47
N ILE E 135 -41.57 49.21 26.24
CA ILE E 135 -42.26 49.75 25.08
C ILE E 135 -43.48 50.59 25.47
N SER E 136 -43.99 51.38 24.52
CA SER E 136 -45.19 52.19 24.70
C SER E 136 -46.44 51.49 24.18
N ILE E 137 -47.62 51.99 24.55
CA ILE E 137 -48.86 51.39 24.08
C ILE E 137 -48.99 51.52 22.57
N MET E 138 -48.45 52.61 22.03
CA MET E 138 -48.57 52.88 20.60
C MET E 138 -47.95 51.76 19.76
N SER E 139 -46.95 51.09 20.34
CA SER E 139 -46.25 50.01 19.65
C SER E 139 -46.99 48.71 19.87
N ILE E 140 -47.59 48.61 21.05
CA ILE E 140 -48.16 47.35 21.51
C ILE E 140 -49.40 46.96 20.70
N ASP E 141 -49.68 47.71 19.65
CA ASP E 141 -50.77 47.38 18.74
C ASP E 141 -50.45 47.79 17.31
N LYS E 142 -49.63 48.83 17.16
CA LYS E 142 -49.02 49.11 15.88
C LYS E 142 -48.33 47.83 15.41
N ALA E 143 -47.84 47.05 16.36
CA ALA E 143 -47.25 45.76 16.06
C ALA E 143 -48.34 44.79 15.66
N VAL E 144 -49.39 44.72 16.47
CA VAL E 144 -50.48 43.78 16.23
C VAL E 144 -51.18 44.13 14.92
N THR E 145 -51.16 45.40 14.56
CA THR E 145 -51.70 45.84 13.28
C THR E 145 -50.94 45.25 12.11
N LYS E 146 -49.60 45.37 12.16
CA LYS E 146 -48.75 44.95 11.05
C LYS E 146 -48.72 43.44 10.88
N LEU E 147 -48.99 42.71 11.97
CA LEU E 147 -49.05 41.26 11.90
C LEU E 147 -50.28 40.77 11.14
N ARG E 148 -51.46 41.27 11.50
CA ARG E 148 -52.71 40.92 10.82
C ARG E 148 -52.59 41.31 9.35
N GLU E 149 -52.18 42.56 9.14
CA GLU E 149 -51.87 43.07 7.81
C GLU E 149 -51.09 42.03 7.00
N MET E 150 -50.23 41.28 7.69
CA MET E 150 -49.36 40.30 7.04
C MET E 150 -50.14 39.01 6.81
N GLN E 151 -50.94 38.64 7.80
CA GLN E 151 -51.70 37.40 7.73
C GLN E 151 -52.56 37.38 6.49
N GLN E 152 -53.32 38.44 6.30
CA GLN E 152 -54.17 38.58 5.13
C GLN E 152 -53.33 38.44 3.86
N LYS E 153 -52.06 38.82 3.93
CA LYS E 153 -51.17 38.71 2.78
C LYS E 153 -50.96 37.26 2.39
N LEU E 154 -51.56 36.36 3.16
CA LEU E 154 -51.53 34.94 2.85
C LEU E 154 -52.91 34.42 2.47
N HIS F 27 45.67 -2.20 -40.74
CA HIS F 27 46.58 -1.35 -41.57
C HIS F 27 47.91 -2.06 -41.91
N ASN F 28 48.19 -3.17 -41.23
CA ASN F 28 49.33 -4.05 -41.57
C ASN F 28 49.31 -5.27 -40.65
N ARG F 29 48.19 -5.99 -40.65
CA ARG F 29 47.93 -6.99 -39.61
C ARG F 29 46.71 -7.81 -39.99
N LEU F 30 46.69 -9.08 -39.62
CA LEU F 30 45.54 -9.90 -39.93
C LEU F 30 44.48 -9.67 -38.85
N TYR F 31 43.29 -9.24 -39.25
CA TYR F 31 42.22 -9.01 -38.30
C TYR F 31 41.17 -10.11 -38.38
N PHE F 32 40.32 -10.16 -37.35
CA PHE F 32 39.38 -11.25 -37.18
C PHE F 32 37.98 -10.74 -36.84
N HIS F 33 36.97 -11.38 -37.42
CA HIS F 33 35.58 -11.07 -37.06
C HIS F 33 35.37 -11.42 -35.60
N SER F 34 34.79 -10.50 -34.84
CA SER F 34 34.74 -10.68 -33.40
C SER F 34 33.61 -11.64 -33.01
N ASP F 35 32.67 -11.84 -33.91
CA ASP F 35 31.58 -12.76 -33.61
C ASP F 35 31.82 -14.21 -34.07
N THR F 36 32.81 -14.43 -34.93
CA THR F 36 33.10 -15.78 -35.39
C THR F 36 34.59 -16.17 -35.33
N CYS F 37 35.44 -15.21 -35.00
CA CYS F 37 36.88 -15.41 -34.91
C CYS F 37 37.47 -15.87 -36.22
N LEU F 38 36.66 -15.96 -37.26
CA LEU F 38 37.22 -16.22 -38.57
C LEU F 38 38.03 -15.01 -39.02
N PRO F 39 39.08 -15.23 -39.83
CA PRO F 39 39.97 -14.15 -40.27
C PRO F 39 39.29 -13.18 -41.25
N LEU F 40 39.48 -11.89 -40.99
CA LEU F 40 38.85 -10.85 -41.79
C LEU F 40 39.70 -10.61 -43.05
N ARG F 41 39.10 -10.81 -44.21
CA ARG F 41 39.86 -10.72 -45.45
C ARG F 41 39.84 -9.30 -46.02
N PRO F 42 40.64 -9.05 -47.08
CA PRO F 42 40.89 -7.71 -47.65
C PRO F 42 39.67 -6.88 -48.03
N GLN F 43 38.64 -7.51 -48.56
CA GLN F 43 37.40 -6.82 -48.89
C GLN F 43 36.82 -6.09 -47.69
N GLU F 44 37.38 -6.38 -46.52
CA GLU F 44 37.67 -5.33 -45.54
C GLU F 44 36.76 -5.29 -44.33
N MET F 45 37.21 -4.50 -43.36
CA MET F 45 36.56 -4.30 -42.07
C MET F 45 35.46 -3.27 -42.22
N GLU F 46 35.06 -3.03 -43.46
CA GLU F 46 34.18 -1.90 -43.82
C GLU F 46 32.98 -1.78 -42.88
N VAL F 47 31.97 -2.63 -43.06
CA VAL F 47 30.81 -2.59 -42.19
C VAL F 47 31.18 -3.18 -40.83
N ASP F 48 30.80 -2.50 -39.76
CA ASP F 48 31.14 -2.95 -38.41
C ASP F 48 30.25 -4.13 -38.03
N ASP F 49 30.82 -5.14 -37.37
CA ASP F 49 30.08 -6.33 -36.97
C ASP F 49 29.21 -6.06 -35.74
N GLU F 50 29.20 -4.81 -35.29
CA GLU F 50 28.48 -4.45 -34.09
C GLU F 50 27.80 -3.10 -34.20
N ASP F 51 27.27 -2.79 -35.38
CA ASP F 51 26.32 -1.69 -35.54
C ASP F 51 24.94 -2.16 -35.09
N GLU F 52 24.92 -3.22 -34.30
CA GLU F 52 23.68 -3.75 -33.78
C GLU F 52 23.19 -2.88 -32.64
N LYS F 53 22.48 -1.80 -32.96
CA LYS F 53 21.84 -0.97 -31.95
C LYS F 53 20.99 -1.88 -31.08
N ASP F 54 20.16 -2.68 -31.75
CA ASP F 54 19.41 -3.75 -31.09
C ASP F 54 19.89 -5.11 -31.57
N PRO F 55 20.90 -5.69 -30.89
CA PRO F 55 21.32 -7.05 -31.26
C PRO F 55 20.18 -8.06 -31.21
N GLU F 56 20.14 -8.94 -32.20
CA GLU F 56 19.05 -9.90 -32.34
C GLU F 56 18.62 -10.52 -31.03
N TRP F 57 19.54 -11.13 -30.29
CA TRP F 57 19.18 -11.91 -29.12
C TRP F 57 18.52 -11.08 -28.04
N LEU F 58 18.80 -9.79 -28.01
CA LEU F 58 18.17 -8.94 -27.00
C LEU F 58 16.69 -8.81 -27.28
N ARG F 59 16.37 -8.73 -28.56
CA ARG F 59 15.00 -8.70 -29.00
C ARG F 59 14.28 -9.93 -28.54
N GLU F 60 14.71 -11.11 -28.98
CA GLU F 60 14.05 -12.32 -28.51
C GLU F 60 14.08 -12.44 -26.99
N LYS F 61 15.17 -12.02 -26.37
CA LYS F 61 15.26 -12.19 -24.92
C LYS F 61 14.17 -11.36 -24.28
N THR F 62 13.89 -10.19 -24.84
CA THR F 62 12.94 -9.30 -24.20
C THR F 62 11.53 -9.85 -24.29
N ILE F 63 11.14 -10.33 -25.47
CA ILE F 63 9.79 -10.80 -25.65
C ILE F 63 9.58 -12.16 -24.97
N THR F 64 10.65 -12.95 -24.86
CA THR F 64 10.58 -14.17 -24.08
C THR F 64 10.28 -13.88 -22.61
N GLN F 65 10.91 -12.84 -22.05
CA GLN F 65 10.69 -12.46 -20.66
C GLN F 65 9.28 -11.96 -20.39
N ILE F 66 8.68 -11.30 -21.37
CA ILE F 66 7.33 -10.79 -21.21
C ILE F 66 6.36 -11.96 -21.10
N GLU F 67 6.60 -12.98 -21.92
CA GLU F 67 5.69 -14.12 -22.01
C GLU F 67 5.73 -14.95 -20.73
N GLU F 68 6.84 -14.88 -20.02
CA GLU F 68 7.07 -15.65 -18.81
C GLU F 68 6.23 -15.11 -17.65
N PHE F 69 5.51 -14.02 -17.91
CA PHE F 69 4.67 -13.39 -16.88
C PHE F 69 3.31 -14.06 -16.79
N SER F 70 3.01 -14.60 -15.62
CA SER F 70 1.70 -15.19 -15.35
C SER F 70 0.99 -14.27 -14.37
N ASP F 71 0.38 -13.22 -14.90
CA ASP F 71 0.14 -12.01 -14.12
C ASP F 71 -0.29 -10.91 -15.08
N VAL F 72 -0.03 -11.14 -16.37
CA VAL F 72 -0.26 -10.11 -17.38
C VAL F 72 -1.05 -10.74 -18.53
N ASN F 73 -1.95 -9.96 -19.14
CA ASN F 73 -2.84 -10.50 -20.18
C ASN F 73 -2.05 -11.18 -21.25
N GLU F 74 -2.74 -11.70 -22.26
CA GLU F 74 -2.10 -12.01 -23.52
C GLU F 74 -2.21 -10.76 -24.36
N GLY F 75 -3.07 -9.85 -23.92
CA GLY F 75 -3.35 -8.68 -24.72
C GLY F 75 -2.38 -7.56 -24.42
N GLU F 76 -2.14 -7.33 -23.12
CA GLU F 76 -1.26 -6.25 -22.74
C GLU F 76 0.20 -6.64 -22.92
N LYS F 77 0.45 -7.93 -23.09
CA LYS F 77 1.78 -8.40 -23.38
C LYS F 77 2.16 -8.11 -24.82
N GLU F 78 1.28 -8.44 -25.74
CA GLU F 78 1.59 -8.28 -27.16
C GLU F 78 1.77 -6.80 -27.53
N VAL F 79 1.31 -5.91 -26.65
CA VAL F 79 1.54 -4.49 -26.86
C VAL F 79 2.87 -4.07 -26.24
N MET F 80 3.13 -4.55 -25.03
CA MET F 80 4.46 -4.42 -24.40
C MET F 80 5.65 -4.95 -25.24
N LYS F 81 5.47 -6.10 -25.89
CA LYS F 81 6.51 -6.63 -26.74
C LYS F 81 6.78 -5.70 -27.90
N LEU F 82 5.72 -5.36 -28.64
CA LEU F 82 5.82 -4.48 -29.78
C LEU F 82 6.44 -3.15 -29.41
N TRP F 83 6.04 -2.57 -28.30
CA TRP F 83 6.62 -1.29 -27.88
C TRP F 83 8.12 -1.43 -27.67
N ASN F 84 8.49 -2.39 -26.83
CA ASN F 84 9.88 -2.68 -26.53
C ASN F 84 10.71 -2.87 -27.81
N LEU F 85 10.21 -3.69 -28.72
CA LEU F 85 10.94 -3.91 -29.97
C LEU F 85 11.10 -2.60 -30.72
N HIS F 86 10.09 -1.74 -30.56
CA HIS F 86 10.05 -0.48 -31.28
C HIS F 86 11.05 0.49 -30.66
N VAL F 87 11.03 0.57 -29.34
CA VAL F 87 11.97 1.42 -28.63
C VAL F 87 13.42 0.98 -28.87
N MET F 88 13.64 -0.33 -28.98
CA MET F 88 15.00 -0.85 -29.07
C MET F 88 15.58 -0.61 -30.46
N LYS F 89 14.69 -0.46 -31.44
CA LYS F 89 15.10 -0.34 -32.84
C LYS F 89 15.55 1.06 -33.19
N HIS F 90 15.12 2.04 -32.40
CA HIS F 90 15.44 3.41 -32.69
C HIS F 90 16.32 3.97 -31.57
N GLY F 91 16.20 3.34 -30.40
CA GLY F 91 17.05 3.73 -29.30
C GLY F 91 16.77 5.14 -28.87
N PHE F 92 15.51 5.42 -28.54
CA PHE F 92 15.14 6.72 -28.00
C PHE F 92 15.80 6.86 -26.63
N ILE F 93 16.25 8.07 -26.29
CA ILE F 93 16.88 8.23 -24.99
C ILE F 93 16.45 9.49 -24.24
N ALA F 94 15.69 10.36 -24.89
CA ALA F 94 15.19 11.56 -24.22
C ALA F 94 13.67 11.45 -23.98
N ASP F 95 13.18 12.12 -22.94
CA ASP F 95 11.73 12.29 -22.75
C ASP F 95 11.13 13.08 -23.93
N ASN F 96 11.88 14.04 -24.45
CA ASN F 96 11.35 14.88 -25.50
C ASN F 96 11.19 14.11 -26.81
N GLN F 97 11.50 12.82 -26.80
CA GLN F 97 11.32 12.02 -28.00
C GLN F 97 10.08 11.14 -27.97
N MET F 98 9.38 11.08 -26.85
CA MET F 98 8.33 10.07 -26.72
C MET F 98 7.08 10.35 -27.56
N ASN F 99 6.74 11.63 -27.74
CA ASN F 99 5.64 11.99 -28.64
C ASN F 99 5.92 11.44 -30.04
N HIS F 100 7.06 11.79 -30.62
CA HIS F 100 7.44 11.24 -31.93
C HIS F 100 7.53 9.70 -31.95
N ALA F 101 7.81 9.11 -30.78
CA ALA F 101 7.97 7.67 -30.69
C ALA F 101 6.63 6.98 -30.87
N CYS F 102 5.59 7.56 -30.25
CA CYS F 102 4.21 7.04 -30.35
C CYS F 102 3.61 7.27 -31.73
N MET F 103 3.95 8.39 -32.36
CA MET F 103 3.52 8.63 -33.73
C MET F 103 4.23 7.65 -34.67
N LEU F 104 5.52 7.46 -34.43
CA LEU F 104 6.29 6.45 -35.16
C LEU F 104 5.73 5.06 -34.92
N PHE F 105 5.33 4.79 -33.67
CA PHE F 105 4.85 3.46 -33.35
C PHE F 105 3.68 3.08 -34.22
N VAL F 106 2.65 3.92 -34.26
CA VAL F 106 1.44 3.62 -35.01
C VAL F 106 1.73 3.55 -36.52
N GLU F 107 2.38 4.58 -37.09
CA GLU F 107 2.84 4.47 -38.46
C GLU F 107 3.39 3.06 -38.72
N ASN F 108 4.49 2.71 -38.05
CA ASN F 108 5.19 1.46 -38.29
C ASN F 108 4.49 0.20 -37.76
N TYR F 109 3.80 0.28 -36.63
CA TYR F 109 3.24 -0.93 -36.01
C TYR F 109 1.72 -1.00 -36.02
N GLY F 110 1.04 0.05 -36.48
CA GLY F 110 -0.41 0.12 -36.38
C GLY F 110 -1.13 -1.03 -37.05
N GLN F 111 -0.64 -1.44 -38.20
CA GLN F 111 -1.23 -2.56 -38.91
C GLN F 111 -1.26 -3.79 -38.02
N LYS F 112 -0.17 -4.06 -37.33
CA LYS F 112 -0.12 -5.18 -36.40
C LYS F 112 -1.12 -5.01 -35.25
N ILE F 113 -1.13 -3.83 -34.64
CA ILE F 113 -2.01 -3.54 -33.52
C ILE F 113 -3.47 -3.81 -33.89
N ILE F 114 -3.82 -3.50 -35.13
CA ILE F 114 -5.18 -3.72 -35.61
C ILE F 114 -5.42 -5.21 -35.89
N LYS F 115 -4.65 -5.78 -36.81
CA LYS F 115 -4.82 -7.17 -37.20
C LYS F 115 -4.79 -8.18 -36.05
N LYS F 116 -4.08 -7.86 -34.97
CA LYS F 116 -4.00 -8.76 -33.84
C LYS F 116 -5.02 -8.35 -32.77
N ASN F 117 -5.80 -7.32 -33.08
CA ASN F 117 -6.88 -6.88 -32.21
C ASN F 117 -6.35 -6.41 -30.87
N LEU F 118 -5.52 -5.37 -30.91
CA LEU F 118 -4.86 -4.89 -29.70
C LEU F 118 -5.14 -3.41 -29.50
N CYS F 119 -6.20 -2.93 -30.16
CA CYS F 119 -6.50 -1.50 -30.23
C CYS F 119 -6.80 -0.85 -28.89
N ARG F 120 -7.51 -1.53 -28.00
CA ARG F 120 -7.80 -0.95 -26.69
C ARG F 120 -6.58 -1.00 -25.79
N ASN F 121 -5.93 -2.17 -25.70
CA ASN F 121 -4.72 -2.29 -24.90
C ASN F 121 -3.72 -1.20 -25.31
N PHE F 122 -3.51 -1.01 -26.61
CA PHE F 122 -2.68 0.09 -27.10
C PHE F 122 -3.10 1.37 -26.40
N MET F 123 -4.41 1.61 -26.36
CA MET F 123 -4.96 2.81 -25.75
C MET F 123 -4.60 2.93 -24.26
N LEU F 124 -4.64 1.82 -23.54
CA LEU F 124 -4.17 1.83 -22.15
C LEU F 124 -2.68 2.16 -22.10
N HIS F 125 -1.96 1.87 -23.18
CA HIS F 125 -0.54 2.18 -23.23
C HIS F 125 -0.33 3.68 -23.33
N LEU F 126 -1.14 4.36 -24.12
CA LEU F 126 -1.00 5.80 -24.30
C LEU F 126 -1.40 6.56 -23.04
N VAL F 127 -2.40 6.05 -22.33
CA VAL F 127 -2.86 6.73 -21.13
C VAL F 127 -1.84 6.52 -20.03
N SER F 128 -1.19 5.36 -20.05
CA SER F 128 -0.10 5.06 -19.12
C SER F 128 1.08 5.98 -19.41
N MET F 129 1.47 6.00 -20.67
CA MET F 129 2.56 6.84 -21.10
C MET F 129 2.32 8.29 -20.72
N HIS F 130 1.06 8.61 -20.47
CA HIS F 130 0.64 9.95 -20.12
C HIS F 130 0.74 10.12 -18.61
N ASP F 131 0.45 9.06 -17.86
CA ASP F 131 0.59 9.11 -16.40
C ASP F 131 2.04 9.26 -16.01
N PHE F 132 2.94 8.78 -16.88
CA PHE F 132 4.37 8.86 -16.64
C PHE F 132 4.94 10.19 -17.12
N ASN F 133 4.06 11.09 -17.55
CA ASN F 133 4.43 12.44 -17.88
C ASN F 133 5.39 12.52 -19.04
N LEU F 134 5.31 11.53 -19.93
CA LEU F 134 6.20 11.49 -21.09
C LEU F 134 5.56 12.06 -22.36
N ILE F 135 4.24 11.92 -22.48
CA ILE F 135 3.51 12.45 -23.64
C ILE F 135 2.37 13.38 -23.23
N SER F 136 1.94 14.21 -24.18
CA SER F 136 0.81 15.13 -24.00
C SER F 136 -0.52 14.51 -24.41
N ILE F 137 -1.62 15.11 -23.94
CA ILE F 137 -2.96 14.66 -24.31
C ILE F 137 -3.22 14.82 -25.81
N MET F 138 -2.52 15.74 -26.44
CA MET F 138 -2.75 16.01 -27.86
C MET F 138 -2.28 14.83 -28.71
N SER F 139 -1.36 14.05 -28.17
CA SER F 139 -0.84 12.89 -28.89
C SER F 139 -1.68 11.67 -28.55
N ILE F 140 -2.19 11.64 -27.33
CA ILE F 140 -2.82 10.45 -26.77
C ILE F 140 -4.13 10.16 -27.49
N ASP F 141 -4.37 10.92 -28.57
CA ASP F 141 -5.54 10.70 -29.40
C ASP F 141 -5.23 11.03 -30.85
N LYS F 142 -4.35 11.99 -31.07
CA LYS F 142 -3.78 12.18 -32.40
C LYS F 142 -3.21 10.85 -32.87
N ALA F 143 -2.82 10.00 -31.92
CA ALA F 143 -2.33 8.67 -32.24
C ALA F 143 -3.50 7.72 -32.47
N VAL F 144 -4.52 7.82 -31.64
CA VAL F 144 -5.71 6.99 -31.80
C VAL F 144 -6.45 7.34 -33.09
N THR F 145 -6.35 8.60 -33.49
CA THR F 145 -6.94 9.04 -34.74
C THR F 145 -6.29 8.40 -35.97
N LYS F 146 -4.96 8.43 -36.04
CA LYS F 146 -4.23 7.89 -37.19
C LYS F 146 -4.31 6.37 -37.26
N LEU F 147 -4.58 5.73 -36.13
CA LEU F 147 -4.78 4.28 -36.12
C LEU F 147 -6.08 3.91 -36.83
N ARG F 148 -7.20 4.48 -36.37
CA ARG F 148 -8.50 4.26 -36.98
C ARG F 148 -8.45 4.59 -38.47
N GLU F 149 -7.89 5.76 -38.76
CA GLU F 149 -7.63 6.24 -40.11
C GLU F 149 -6.95 5.17 -40.96
N MET F 150 -6.26 4.25 -40.29
CA MET F 150 -5.51 3.19 -40.95
C MET F 150 -6.35 1.94 -41.08
N GLN F 151 -7.14 1.65 -40.05
CA GLN F 151 -8.01 0.47 -40.05
C GLN F 151 -9.02 0.51 -41.18
N GLN F 152 -9.63 1.67 -41.38
CA GLN F 152 -10.58 1.85 -42.46
C GLN F 152 -9.87 1.61 -43.79
N LYS F 153 -8.57 1.89 -43.81
CA LYS F 153 -7.77 1.69 -45.02
C LYS F 153 -7.70 0.21 -45.40
N LEU F 154 -8.31 -0.65 -44.58
CA LEU F 154 -8.42 -2.08 -44.88
C LEU F 154 -9.87 -2.51 -45.09
#